data_3UKB
# 
_entry.id   3UKB 
# 
_audit_conform.dict_name       mmcif_pdbx.dic 
_audit_conform.dict_version    5.379 
_audit_conform.dict_location   http://mmcif.pdb.org/dictionaries/ascii/mmcif_pdbx.dic 
# 
loop_
_database_2.database_id 
_database_2.database_code 
_database_2.pdbx_database_accession 
_database_2.pdbx_DOI 
PDB   3UKB         pdb_00003ukb 10.2210/pdb3ukb/pdb 
NDB   NA1517       ?            ?                   
RCSB  RCSB068862   ?            ?                   
WWPDB D_1000068862 ?            ?                   
# 
loop_
_pdbx_database_related.db_name 
_pdbx_database_related.db_id 
_pdbx_database_related.details 
_pdbx_database_related.content_type 
PDB 3UKC . unspecified 
PDB 3UKE . unspecified 
# 
_pdbx_database_status.status_code                     REL 
_pdbx_database_status.entry_id                        3UKB 
_pdbx_database_status.recvd_initial_deposition_date   2011-11-09 
_pdbx_database_status.deposit_site                    RCSB 
_pdbx_database_status.process_site                    RCSB 
_pdbx_database_status.status_code_sf                  REL 
_pdbx_database_status.status_code_mr                  ? 
_pdbx_database_status.SG_entry                        ? 
_pdbx_database_status.status_code_cs                  ? 
_pdbx_database_status.methods_development_category    ? 
_pdbx_database_status.pdb_format_compatible           Y 
_pdbx_database_status.status_code_nmr_data            ? 
# 
loop_
_audit_author.name 
_audit_author.pdbx_ordinal 
'Pallan, P.S.' 1 
'Egli, M.'     2 
# 
_citation.id                        primary 
_citation.title                     
;Structure and nuclease resistance of 2',4'-constrained 2'-O-methoxyethyl (cMOE) and 2'-O-ethyl (cEt) modified DNAs.
;
_citation.journal_abbrev            'Chem.Commun.(Camb.)' 
_citation.journal_volume            48 
_citation.page_first                8195 
_citation.page_last                 8197 
_citation.year                      2012 
_citation.journal_id_ASTM           ? 
_citation.country                   UK 
_citation.journal_id_ISSN           1359-7345 
_citation.journal_id_CSD            ? 
_citation.book_publisher            ? 
_citation.pdbx_database_id_PubMed   22614180 
_citation.pdbx_database_id_DOI      10.1039/c2cc32286b 
# 
loop_
_citation_author.citation_id 
_citation_author.name 
_citation_author.ordinal 
_citation_author.identifier_ORCID 
primary 'Pallan, P.S.'   1 ? 
primary 'Allerson, C.R.' 2 ? 
primary 'Berdeja, A.'    3 ? 
primary 'Seth, P.P.'     4 ? 
primary 'Swayze, E.E.'   5 ? 
primary 'Prakash, T.P.'  6 ? 
primary 'Egli, M.'       7 ? 
# 
_cell.entry_id           3UKB 
_cell.length_a           26.022 
_cell.length_b           44.897 
_cell.length_c           44.911 
_cell.angle_alpha        90.00 
_cell.angle_beta         90.00 
_cell.angle_gamma        90.00 
_cell.Z_PDB              8 
_cell.pdbx_unique_axis   ? 
_cell.length_a_esd       ? 
_cell.length_b_esd       ? 
_cell.length_c_esd       ? 
_cell.angle_alpha_esd    ? 
_cell.angle_beta_esd     ? 
_cell.angle_gamma_esd    ? 
# 
_symmetry.entry_id                         3UKB 
_symmetry.space_group_name_H-M             'P 21 21 21' 
_symmetry.pdbx_full_space_group_name_H-M   ? 
_symmetry.cell_setting                     ? 
_symmetry.Int_Tables_number                19 
_symmetry.space_group_name_Hall            ? 
# 
loop_
_entity.id 
_entity.type 
_entity.src_method 
_entity.pdbx_description 
_entity.formula_weight 
_entity.pdbx_number_of_molecules 
_entity.pdbx_ec 
_entity.pdbx_mutation 
_entity.pdbx_fragment 
_entity.details 
1 polymer syn 
;DNA (5'-D(*GP*CP*GP*TP*AP*(RCE)P*AP*CP*GP*C)-3')
;
3073.016 2  ? ? ? ? 
2 water   nat water                                              18.015   84 ? ? ? ? 
# 
_entity_poly.entity_id                      1 
_entity_poly.type                           polydeoxyribonucleotide 
_entity_poly.nstd_linkage                   no 
_entity_poly.nstd_monomer                   yes 
_entity_poly.pdbx_seq_one_letter_code       '(DG)(DC)(DG)(DT)(DA)(RCE)(DA)(DC)(DG)(DC)' 
_entity_poly.pdbx_seq_one_letter_code_can   GCGTAXACGC 
_entity_poly.pdbx_strand_id                 A,B 
_entity_poly.pdbx_target_identifier         ? 
# 
loop_
_entity_poly_seq.entity_id 
_entity_poly_seq.num 
_entity_poly_seq.mon_id 
_entity_poly_seq.hetero 
1 1  DG  n 
1 2  DC  n 
1 3  DG  n 
1 4  DT  n 
1 5  DA  n 
1 6  RCE n 
1 7  DA  n 
1 8  DC  n 
1 9  DG  n 
1 10 DC  n 
# 
_struct_ref.id                         1 
_struct_ref.db_name                    PDB 
_struct_ref.db_code                    3UKB 
_struct_ref.pdbx_db_accession          3UKB 
_struct_ref.entity_id                  1 
_struct_ref.pdbx_align_begin           ? 
_struct_ref.pdbx_seq_one_letter_code   ? 
_struct_ref.pdbx_db_isoform            ? 
# 
loop_
_struct_ref_seq.align_id 
_struct_ref_seq.ref_id 
_struct_ref_seq.pdbx_PDB_id_code 
_struct_ref_seq.pdbx_strand_id 
_struct_ref_seq.seq_align_beg 
_struct_ref_seq.pdbx_seq_align_beg_ins_code 
_struct_ref_seq.seq_align_end 
_struct_ref_seq.pdbx_seq_align_end_ins_code 
_struct_ref_seq.pdbx_db_accession 
_struct_ref_seq.db_align_beg 
_struct_ref_seq.pdbx_db_align_beg_ins_code 
_struct_ref_seq.db_align_end 
_struct_ref_seq.pdbx_db_align_end_ins_code 
_struct_ref_seq.pdbx_auth_seq_align_beg 
_struct_ref_seq.pdbx_auth_seq_align_end 
1 1 3UKB A 1 ? 10 ? 3UKB 1 ? 10 ? 1 10 
2 1 3UKB B 1 ? 10 ? 3UKB 1 ? 10 ? 1 10 
# 
loop_
_chem_comp.id 
_chem_comp.type 
_chem_comp.mon_nstd_flag 
_chem_comp.name 
_chem_comp.pdbx_synonyms 
_chem_comp.formula 
_chem_comp.formula_weight 
DA  'DNA linking' y "2'-DEOXYADENOSINE-5'-MONOPHOSPHATE"                                                               ? 
'C10 H14 N5 O6 P' 331.222 
DC  'DNA linking' y "2'-DEOXYCYTIDINE-5'-MONOPHOSPHATE"                                                                ? 
'C9 H14 N3 O7 P'  307.197 
DG  'DNA linking' y "2'-DEOXYGUANOSINE-5'-MONOPHOSPHATE"                                                               ? 
'C10 H14 N5 O7 P' 347.221 
DT  'DNA linking' y "THYMIDINE-5'-MONOPHOSPHATE"                                                                       ? 
'C10 H15 N2 O8 P' 322.208 
HOH non-polymer   . WATER                                                                                              ? 'H2 O' 
18.015  
RCE 'DNA linking' . '1-{2,5-anhydro-6-deoxy-4-[(phosphonooxy)methyl]-beta-D-gulofuranosyl}pyrimidine-2,4(1H,3H)-dione' ? 
'C11 H15 N2 O9 P' 350.219 
# 
_exptl.entry_id          3UKB 
_exptl.method            'X-RAY DIFFRACTION' 
_exptl.crystals_number   1 
# 
_exptl_crystal.id                    1 
_exptl_crystal.density_meas          ? 
_exptl_crystal.density_Matthews      2.13 
_exptl_crystal.density_percent_sol   42.37 
_exptl_crystal.description           ? 
_exptl_crystal.F_000                 ? 
_exptl_crystal.preparation           ? 
# 
_exptl_crystal_grow.crystal_id      1 
_exptl_crystal_grow.method          'VAPOR DIFFUSION, HANGING DROP' 
_exptl_crystal_grow.temp            291 
_exptl_crystal_grow.temp_details    ? 
_exptl_crystal_grow.pH              6.0 
_exptl_crystal_grow.pdbx_details    
;20 mM sodium cacodylate, 40 mM sodium chloride, 6 mM spermine tetrahydrochloride, 5% v/v MPD, pH 6.0, VAPOR DIFFUSION, HANGING DROP, temperature 291K
;
_exptl_crystal_grow.pdbx_pH_range   ? 
# 
_diffrn.id                     1 
_diffrn.ambient_temp           100 
_diffrn.ambient_temp_details   ? 
_diffrn.crystal_id             1 
# 
_diffrn_detector.diffrn_id              1 
_diffrn_detector.detector               CCD 
_diffrn_detector.type                   'MARMOSAIC 300 mm CCD' 
_diffrn_detector.pdbx_collection_date   2010-02-14 
_diffrn_detector.details                ? 
# 
_diffrn_radiation.diffrn_id                        1 
_diffrn_radiation.wavelength_id                    1 
_diffrn_radiation.pdbx_monochromatic_or_laue_m_l   M 
_diffrn_radiation.monochromator                    'Si 111' 
_diffrn_radiation.pdbx_diffrn_protocol             'SINGLE WAVELENGTH' 
_diffrn_radiation.pdbx_scattering_type             x-ray 
# 
_diffrn_radiation_wavelength.id           1 
_diffrn_radiation_wavelength.wavelength   1.007 
_diffrn_radiation_wavelength.wt           1.0 
# 
_diffrn_source.diffrn_id                   1 
_diffrn_source.source                      SYNCHROTRON 
_diffrn_source.type                        'APS BEAMLINE 21-ID-D' 
_diffrn_source.pdbx_synchrotron_site       APS 
_diffrn_source.pdbx_synchrotron_beamline   21-ID-D 
_diffrn_source.pdbx_wavelength             ? 
_diffrn_source.pdbx_wavelength_list        1.007 
# 
_reflns.entry_id                     3UKB 
_reflns.observed_criterion_sigma_I   0 
_reflns.observed_criterion_sigma_F   0 
_reflns.d_resolution_low             31.75 
_reflns.d_resolution_high            1.42 
_reflns.number_obs                   9792 
_reflns.number_all                   9792 
_reflns.percent_possible_obs         98.93 
_reflns.pdbx_Rmerge_I_obs            0.062 
_reflns.pdbx_Rsym_value              ? 
_reflns.pdbx_netI_over_sigmaI        36.6 
_reflns.B_iso_Wilson_estimate        ? 
_reflns.pdbx_redundancy              7.2 
_reflns.R_free_details               ? 
_reflns.limit_h_max                  ? 
_reflns.limit_h_min                  ? 
_reflns.limit_k_max                  ? 
_reflns.limit_k_min                  ? 
_reflns.limit_l_max                  ? 
_reflns.limit_l_min                  ? 
_reflns.observed_criterion_F_max     ? 
_reflns.observed_criterion_F_min     ? 
_reflns.pdbx_chi_squared             ? 
_reflns.pdbx_scaling_rejects         ? 
_reflns.pdbx_ordinal                 1 
_reflns.pdbx_diffrn_id               1 
# 
_reflns_shell.d_res_high             1.42 
_reflns_shell.d_res_low              1.47 
_reflns_shell.percent_possible_all   94.5 
_reflns_shell.Rmerge_I_obs           0.574 
_reflns_shell.pdbx_Rsym_value        ? 
_reflns_shell.meanI_over_sigI_obs    1.7 
_reflns_shell.pdbx_redundancy        4.3 
_reflns_shell.percent_possible_obs   ? 
_reflns_shell.number_unique_all      493 
_reflns_shell.number_measured_all    ? 
_reflns_shell.number_measured_obs    ? 
_reflns_shell.number_unique_obs      ? 
_reflns_shell.pdbx_chi_squared       ? 
_reflns_shell.pdbx_ordinal           1 
_reflns_shell.pdbx_diffrn_id         1 
# 
_refine.entry_id                                 3UKB 
_refine.ls_number_reflns_obs                     9792 
_refine.ls_number_reflns_all                     ? 
_refine.pdbx_ls_sigma_I                          ? 
_refine.pdbx_ls_sigma_F                          ? 
_refine.pdbx_data_cutoff_high_absF               ? 
_refine.pdbx_data_cutoff_low_absF                ? 
_refine.pdbx_data_cutoff_high_rms_absF           ? 
_refine.ls_d_res_low                             31.75 
_refine.ls_d_res_high                            1.42 
_refine.ls_percent_reflns_obs                    98.93 
_refine.ls_R_factor_obs                          0.14883 
_refine.ls_R_factor_all                          ? 
_refine.ls_R_factor_R_work                       0.14610 
_refine.ls_R_factor_R_free                       0.20819 
_refine.ls_R_factor_R_free_error                 ? 
_refine.ls_R_factor_R_free_error_details         ? 
_refine.ls_percent_reflns_R_free                 4.8 
_refine.ls_number_reflns_R_free                  493 
_refine.ls_number_parameters                     ? 
_refine.ls_number_restraints                     ? 
_refine.occupancy_min                            ? 
_refine.occupancy_max                            ? 
_refine.correlation_coeff_Fo_to_Fc               0.974 
_refine.correlation_coeff_Fo_to_Fc_free          0.954 
_refine.B_iso_mean                               16.292 
_refine.aniso_B[1][1]                            -0.04 
_refine.aniso_B[2][2]                            0.33 
_refine.aniso_B[3][3]                            -0.28 
_refine.aniso_B[1][2]                            0.00 
_refine.aniso_B[1][3]                            0.00 
_refine.aniso_B[2][3]                            0.00 
_refine.solvent_model_details                    MASK 
_refine.solvent_model_param_ksol                 ? 
_refine.solvent_model_param_bsol                 ? 
_refine.pdbx_solvent_vdw_probe_radii             1.40 
_refine.pdbx_solvent_ion_probe_radii             0.80 
_refine.pdbx_solvent_shrinkage_radii             0.80 
_refine.pdbx_ls_cross_valid_method               THROUGHOUT 
_refine.details                                  ? 
_refine.pdbx_starting_model                      'PDB entry 3EY2' 
_refine.pdbx_method_to_determine_struct          'MOLREP (CCP4)' 
_refine.pdbx_isotropic_thermal_model             ? 
_refine.pdbx_stereochemistry_target_values       'MAXIMUM LIKELIHOOD' 
_refine.pdbx_stereochem_target_val_spec_case     ? 
_refine.pdbx_R_Free_selection_details            RANDOM 
_refine.pdbx_overall_ESU_R_Free                  0.068 
_refine.overall_SU_ML                            0.035 
_refine.pdbx_overall_phase_error                 ? 
_refine.overall_SU_B                             1.984 
_refine.overall_SU_R_Cruickshank_DPI             ? 
_refine.ls_redundancy_reflns_obs                 ? 
_refine.B_iso_min                                ? 
_refine.B_iso_max                                ? 
_refine.overall_SU_R_free                        ? 
_refine.ls_wR_factor_R_free                      ? 
_refine.ls_wR_factor_R_work                      ? 
_refine.overall_FOM_free_R_set                   ? 
_refine.overall_FOM_work_R_set                   ? 
_refine.pdbx_overall_ESU_R                       ? 
_refine.pdbx_diffrn_id                           1 
_refine.pdbx_refine_id                           'X-RAY DIFFRACTION' 
_refine.pdbx_TLS_residual_ADP_flag               ? 
_refine.pdbx_overall_SU_R_free_Cruickshank_DPI   ? 
_refine.pdbx_overall_SU_R_Blow_DPI               ? 
_refine.pdbx_overall_SU_R_free_Blow_DPI          ? 
# 
_refine_hist.pdbx_refine_id                   'X-RAY DIFFRACTION' 
_refine_hist.cycle_id                         LAST 
_refine_hist.pdbx_number_atoms_protein        0 
_refine_hist.pdbx_number_atoms_nucleic_acid   408 
_refine_hist.pdbx_number_atoms_ligand         0 
_refine_hist.number_atoms_solvent             84 
_refine_hist.number_atoms_total               492 
_refine_hist.d_res_high                       1.42 
_refine_hist.d_res_low                        31.75 
# 
loop_
_refine_ls_restr.type 
_refine_ls_restr.dev_ideal 
_refine_ls_restr.dev_ideal_target 
_refine_ls_restr.weight 
_refine_ls_restr.number 
_refine_ls_restr.pdbx_restraint_function 
_refine_ls_restr.pdbx_refine_id 
r_bond_refined_d     0.024 0.021 ? 454 ? 'X-RAY DIFFRACTION' 
r_angle_refined_deg  2.429 3.000 ? 692 ? 'X-RAY DIFFRACTION' 
r_chiral_restr       0.154 0.200 ? 80  ? 'X-RAY DIFFRACTION' 
r_gen_planes_refined 0.033 0.020 ? 208 ? 'X-RAY DIFFRACTION' 
r_scbond_it          3.335 3.000 ? 454 ? 'X-RAY DIFFRACTION' 
r_scangle_it         4.190 4.500 ? 692 ? 'X-RAY DIFFRACTION' 
r_rigid_bond_restr   2.651 3.000 ? 454 ? 'X-RAY DIFFRACTION' 
# 
_refine_ls_shell.pdbx_total_number_of_bins_used   20 
_refine_ls_shell.d_res_high                       1.42 
_refine_ls_shell.d_res_low                        1.459 
_refine_ls_shell.number_reflns_R_work             640 
_refine_ls_shell.R_factor_R_work                  0.256 
_refine_ls_shell.percent_reflns_obs               86.85 
_refine_ls_shell.R_factor_R_free                  0.260 
_refine_ls_shell.R_factor_R_free_error            ? 
_refine_ls_shell.percent_reflns_R_free            ? 
_refine_ls_shell.number_reflns_R_free             40 
_refine_ls_shell.number_reflns_all                ? 
_refine_ls_shell.R_factor_all                     ? 
_refine_ls_shell.number_reflns_obs                640 
_refine_ls_shell.redundancy_reflns_obs            ? 
_refine_ls_shell.pdbx_refine_id                   'X-RAY DIFFRACTION' 
# 
_struct.entry_id                  3UKB 
_struct.title                     '(R)-cEt-BNA decamer structure' 
_struct.pdbx_model_details        ? 
_struct.pdbx_CASP_flag            ? 
_struct.pdbx_model_type_details   ? 
# 
_struct_keywords.entry_id        3UKB 
_struct_keywords.pdbx_keywords   DNA 
_struct_keywords.text            'A-FORM DNA, BICYCLIC NUCLEIC ACID, BNA, DNA, cEt-BNA, ANTISENSE OLIGONUCLEOTIDES' 
# 
loop_
_struct_asym.id 
_struct_asym.pdbx_blank_PDB_chainid_flag 
_struct_asym.pdbx_modified 
_struct_asym.entity_id 
_struct_asym.details 
A N N 1 ? 
B N N 1 ? 
C N N 2 ? 
D N N 2 ? 
# 
_struct_biol.id        1 
_struct_biol.details   ? 
# 
loop_
_struct_conn.id 
_struct_conn.conn_type_id 
_struct_conn.pdbx_leaving_atom_flag 
_struct_conn.pdbx_PDB_id 
_struct_conn.ptnr1_label_asym_id 
_struct_conn.ptnr1_label_comp_id 
_struct_conn.ptnr1_label_seq_id 
_struct_conn.ptnr1_label_atom_id 
_struct_conn.pdbx_ptnr1_label_alt_id 
_struct_conn.pdbx_ptnr1_PDB_ins_code 
_struct_conn.pdbx_ptnr1_standard_comp_id 
_struct_conn.ptnr1_symmetry 
_struct_conn.ptnr2_label_asym_id 
_struct_conn.ptnr2_label_comp_id 
_struct_conn.ptnr2_label_seq_id 
_struct_conn.ptnr2_label_atom_id 
_struct_conn.pdbx_ptnr2_label_alt_id 
_struct_conn.pdbx_ptnr2_PDB_ins_code 
_struct_conn.ptnr1_auth_asym_id 
_struct_conn.ptnr1_auth_comp_id 
_struct_conn.ptnr1_auth_seq_id 
_struct_conn.ptnr2_auth_asym_id 
_struct_conn.ptnr2_auth_comp_id 
_struct_conn.ptnr2_auth_seq_id 
_struct_conn.ptnr2_symmetry 
_struct_conn.pdbx_ptnr3_label_atom_id 
_struct_conn.pdbx_ptnr3_label_seq_id 
_struct_conn.pdbx_ptnr3_label_comp_id 
_struct_conn.pdbx_ptnr3_label_asym_id 
_struct_conn.pdbx_ptnr3_label_alt_id 
_struct_conn.pdbx_ptnr3_PDB_ins_code 
_struct_conn.details 
_struct_conn.pdbx_dist_value 
_struct_conn.pdbx_value_order 
_struct_conn.pdbx_role 
covale1  covale both ? A DA  5  "O3'" ? ? ? 1_555 A RCE 6  P  ? ? A DA  5  A RCE 6  1_555 ? ? ? ? ? ? ?            1.633 ? ? 
covale2  covale both ? A RCE 6  "O3'" ? ? ? 1_555 A DA  7  P  ? ? A RCE 6  A DA  7  1_555 ? ? ? ? ? ? ?            1.579 ? ? 
covale3  covale both ? B DA  5  "O3'" ? ? ? 1_555 B RCE 6  P  ? ? B DA  5  B RCE 6  1_555 ? ? ? ? ? ? ?            1.611 ? ? 
covale4  covale both ? B RCE 6  "O3'" ? ? ? 1_555 B DA  7  P  ? ? B RCE 6  B DA  7  1_555 ? ? ? ? ? ? ?            1.595 ? ? 
hydrog1  hydrog ?    ? A DG  1  N1    ? ? ? 1_555 B DC  10 N3 ? ? A DG  1  B DC  10 1_555 ? ? ? ? ? ? WATSON-CRICK ?     ? ? 
hydrog2  hydrog ?    ? A DG  1  N2    ? ? ? 1_555 B DC  10 O2 ? ? A DG  1  B DC  10 1_555 ? ? ? ? ? ? WATSON-CRICK ?     ? ? 
hydrog3  hydrog ?    ? A DG  1  O6    ? ? ? 1_555 B DC  10 N4 ? ? A DG  1  B DC  10 1_555 ? ? ? ? ? ? WATSON-CRICK ?     ? ? 
hydrog4  hydrog ?    ? A DC  2  N3    ? ? ? 1_555 B DG  9  N1 ? ? A DC  2  B DG  9  1_555 ? ? ? ? ? ? WATSON-CRICK ?     ? ? 
hydrog5  hydrog ?    ? A DC  2  N4    ? ? ? 1_555 B DG  9  O6 ? ? A DC  2  B DG  9  1_555 ? ? ? ? ? ? WATSON-CRICK ?     ? ? 
hydrog6  hydrog ?    ? A DC  2  O2    ? ? ? 1_555 B DG  9  N2 ? ? A DC  2  B DG  9  1_555 ? ? ? ? ? ? WATSON-CRICK ?     ? ? 
hydrog7  hydrog ?    ? A DG  3  N1    ? ? ? 1_555 B DC  8  N3 ? ? A DG  3  B DC  8  1_555 ? ? ? ? ? ? WATSON-CRICK ?     ? ? 
hydrog8  hydrog ?    ? A DG  3  N2    ? ? ? 1_555 B DC  8  O2 ? ? A DG  3  B DC  8  1_555 ? ? ? ? ? ? WATSON-CRICK ?     ? ? 
hydrog9  hydrog ?    ? A DG  3  O6    ? ? ? 1_555 B DC  8  N4 ? ? A DG  3  B DC  8  1_555 ? ? ? ? ? ? WATSON-CRICK ?     ? ? 
hydrog10 hydrog ?    ? A DT  4  N3    ? ? ? 1_555 B DA  7  N1 ? ? A DT  4  B DA  7  1_555 ? ? ? ? ? ? WATSON-CRICK ?     ? ? 
hydrog11 hydrog ?    ? A DT  4  O4    ? ? ? 1_555 B DA  7  N6 ? ? A DT  4  B DA  7  1_555 ? ? ? ? ? ? WATSON-CRICK ?     ? ? 
hydrog12 hydrog ?    ? A DA  7  N1    ? ? ? 1_555 B DT  4  N3 ? ? A DA  7  B DT  4  1_555 ? ? ? ? ? ? WATSON-CRICK ?     ? ? 
hydrog13 hydrog ?    ? A DA  7  N6    ? ? ? 1_555 B DT  4  O4 ? ? A DA  7  B DT  4  1_555 ? ? ? ? ? ? WATSON-CRICK ?     ? ? 
hydrog14 hydrog ?    ? A DC  8  N3    ? ? ? 1_555 B DG  3  N1 ? ? A DC  8  B DG  3  1_555 ? ? ? ? ? ? WATSON-CRICK ?     ? ? 
hydrog15 hydrog ?    ? A DC  8  N4    ? ? ? 1_555 B DG  3  O6 ? ? A DC  8  B DG  3  1_555 ? ? ? ? ? ? WATSON-CRICK ?     ? ? 
hydrog16 hydrog ?    ? A DC  8  O2    ? ? ? 1_555 B DG  3  N2 ? ? A DC  8  B DG  3  1_555 ? ? ? ? ? ? WATSON-CRICK ?     ? ? 
hydrog17 hydrog ?    ? A DG  9  N1    ? ? ? 1_555 B DC  2  N3 ? ? A DG  9  B DC  2  1_555 ? ? ? ? ? ? WATSON-CRICK ?     ? ? 
hydrog18 hydrog ?    ? A DG  9  N2    ? ? ? 1_555 B DC  2  O2 ? ? A DG  9  B DC  2  1_555 ? ? ? ? ? ? WATSON-CRICK ?     ? ? 
hydrog19 hydrog ?    ? A DG  9  O6    ? ? ? 1_555 B DC  2  N4 ? ? A DG  9  B DC  2  1_555 ? ? ? ? ? ? WATSON-CRICK ?     ? ? 
hydrog20 hydrog ?    ? A DC  10 N3    ? ? ? 1_555 B DG  1  N1 ? ? A DC  10 B DG  1  1_555 ? ? ? ? ? ? WATSON-CRICK ?     ? ? 
hydrog21 hydrog ?    ? A DC  10 N4    ? ? ? 1_555 B DG  1  O6 ? ? A DC  10 B DG  1  1_555 ? ? ? ? ? ? WATSON-CRICK ?     ? ? 
hydrog22 hydrog ?    ? A DC  10 O2    ? ? ? 1_555 B DG  1  N2 ? ? A DC  10 B DG  1  1_555 ? ? ? ? ? ? WATSON-CRICK ?     ? ? 
# 
loop_
_struct_conn_type.id 
_struct_conn_type.criteria 
_struct_conn_type.reference 
covale ? ? 
hydrog ? ? 
# 
_atom_sites.entry_id                    3UKB 
_atom_sites.fract_transf_matrix[1][1]   -0.00167488 
_atom_sites.fract_transf_matrix[1][2]   -0.03045487 
_atom_sites.fract_transf_matrix[1][3]   -0.02337699 
_atom_sites.fract_transf_matrix[2][1]   -0.01171309 
_atom_sites.fract_transf_matrix[2][2]   -0.01112561 
_atom_sites.fract_transf_matrix[2][3]   0.01533333 
_atom_sites.fract_transf_matrix[3][1]   -0.01891356 
_atom_sites.fract_transf_matrix[3][2]   0.00779110 
_atom_sites.fract_transf_matrix[3][3]   -0.00879493 
_atom_sites.fract_transf_vector[1]      -0.111009 
_atom_sites.fract_transf_vector[2]      -0.031723 
_atom_sites.fract_transf_vector[3]      0.220868 
# 
loop_
_atom_type.symbol 
C 
N 
O 
P 
# 
loop_
_atom_site.group_PDB 
_atom_site.id 
_atom_site.type_symbol 
_atom_site.label_atom_id 
_atom_site.label_alt_id 
_atom_site.label_comp_id 
_atom_site.label_asym_id 
_atom_site.label_entity_id 
_atom_site.label_seq_id 
_atom_site.pdbx_PDB_ins_code 
_atom_site.Cartn_x 
_atom_site.Cartn_y 
_atom_site.Cartn_z 
_atom_site.occupancy 
_atom_site.B_iso_or_equiv 
_atom_site.pdbx_formal_charge 
_atom_site.auth_seq_id 
_atom_site.auth_comp_id 
_atom_site.auth_asym_id 
_atom_site.auth_atom_id 
_atom_site.pdbx_PDB_model_num 
ATOM   1   O "O5'" . DG  A 1 1  ? -10.579 4.938   3.754   1.00 19.69 ? 1   DG  A "O5'" 1 
ATOM   2   C "C5'" . DG  A 1 1  ? -11.904 4.409   3.493   1.00 17.53 ? 1   DG  A "C5'" 1 
ATOM   3   C "C4'" . DG  A 1 1  ? -12.385 4.849   2.105   1.00 17.79 ? 1   DG  A "C4'" 1 
ATOM   4   O "O4'" . DG  A 1 1  ? -12.418 6.308   2.025   1.00 15.74 ? 1   DG  A "O4'" 1 
ATOM   5   C "C3'" . DG  A 1 1  ? -11.549 4.420   0.961   1.00 14.90 ? 1   DG  A "C3'" 1 
ATOM   6   O "O3'" . DG  A 1 1  ? -11.907 3.074   0.625   1.00 15.78 ? 1   DG  A "O3'" 1 
ATOM   7   C "C2'" . DG  A 1 1  ? -12.038 5.413   -0.110  1.00 13.59 ? 1   DG  A "C2'" 1 
ATOM   8   C "C1'" . DG  A 1 1  ? -12.061 6.694   0.707   1.00 13.53 ? 1   DG  A "C1'" 1 
ATOM   9   N N9    . DG  A 1 1  ? -10.790 7.415   0.780   1.00 12.94 ? 1   DG  A N9    1 
ATOM   10  C C8    . DG  A 1 1  ? -10.055 7.625   1.871   1.00 12.17 ? 1   DG  A C8    1 
ATOM   11  N N7    . DG  A 1 1  ? -9.000  8.368   1.687   1.00 13.91 ? 1   DG  A N7    1 
ATOM   12  C C5    . DG  A 1 1  ? -9.015  8.605   0.300   1.00 11.67 ? 1   DG  A C5    1 
ATOM   13  C C6    . DG  A 1 1  ? -8.152  9.350   -0.509  1.00 12.61 ? 1   DG  A C6    1 
ATOM   14  O O6    . DG  A 1 1  ? -7.129  9.977   -0.181  1.00 14.08 ? 1   DG  A O6    1 
ATOM   15  N N1    . DG  A 1 1  ? -8.596  9.365   -1.835  1.00 11.48 ? 1   DG  A N1    1 
ATOM   16  C C2    . DG  A 1 1  ? -9.714  8.726   -2.315  1.00 11.73 ? 1   DG  A C2    1 
ATOM   17  N N2    . DG  A 1 1  ? -9.891  8.734   -3.638  1.00 12.68 ? 1   DG  A N2    1 
ATOM   18  N N3    . DG  A 1 1  ? -10.528 8.062   -1.543  1.00 12.15 ? 1   DG  A N3    1 
ATOM   19  C C4    . DG  A 1 1  ? -10.123 8.033   -0.265  1.00 12.25 ? 1   DG  A C4    1 
ATOM   20  P P     . DC  A 1 2  ? -10.853 1.999   0.128   1.00 16.29 ? 2   DC  A P     1 
ATOM   21  O OP1   . DC  A 1 2  ? -11.594 0.702   0.054   1.00 18.47 ? 2   DC  A OP1   1 
ATOM   22  O OP2   . DC  A 1 2  ? -9.672  2.072   0.971   1.00 17.12 ? 2   DC  A OP2   1 
ATOM   23  O "O5'" . DC  A 1 2  ? -10.419 2.433   -1.370  1.00 15.33 ? 2   DC  A "O5'" 1 
ATOM   24  C "C5'" . DC  A 1 2  ? -11.281 2.330   -2.417  1.00 16.02 ? 2   DC  A "C5'" 1 
ATOM   25  C "C4'" . DC  A 1 2  ? -10.738 3.040   -3.594  1.00 14.27 ? 2   DC  A "C4'" 1 
ATOM   26  O "O4'" . DC  A 1 2  ? -10.597 4.419   -3.256  1.00 14.01 ? 2   DC  A "O4'" 1 
ATOM   27  C "C3'" . DC  A 1 2  ? -9.318  2.701   -4.011  1.00 17.13 ? 2   DC  A "C3'" 1 
ATOM   28  O "O3'" . DC  A 1 2  ? -9.320  1.529   -4.833  1.00 18.26 ? 2   DC  A "O3'" 1 
ATOM   29  C "C2'" . DC  A 1 2  ? -8.918  3.945   -4.798  1.00 14.44 ? 2   DC  A "C2'" 1 
ATOM   30  C "C1'" . DC  A 1 2  ? -9.457  4.997   -3.930  1.00 12.43 ? 2   DC  A "C1'" 1 
ATOM   31  N N1    . DC  A 1 2  ? -8.465  5.455   -2.919  1.00 11.19 ? 2   DC  A N1    1 
ATOM   32  C C2    . DC  A 1 2  ? -7.432  6.286   -3.392  1.00 12.14 ? 2   DC  A C2    1 
ATOM   33  O O2    . DC  A 1 2  ? -7.401  6.556   -4.615  1.00 14.28 ? 2   DC  A O2    1 
ATOM   34  N N3    . DC  A 1 2  ? -6.502  6.748   -2.527  1.00 12.49 ? 2   DC  A N3    1 
ATOM   35  C C4    . DC  A 1 2  ? -6.552  6.457   -1.241  1.00 12.01 ? 2   DC  A C4    1 
ATOM   36  N N4    . DC  A 1 2  ? -5.601  6.949   -0.426  1.00 13.96 ? 2   DC  A N4    1 
ATOM   37  C C5    . DC  A 1 2  ? -7.595  5.581   -0.731  1.00 12.81 ? 2   DC  A C5    1 
ATOM   38  C C6    . DC  A 1 2  ? -8.504  5.097   -1.585  1.00 11.56 ? 2   DC  A C6    1 
ATOM   39  P P     . DG  A 1 3  ? -7.944  0.667   -4.980  1.00 21.37 ? 3   DG  A P     1 
ATOM   40  O OP1   . DG  A 1 3  ? -8.384  -0.470  -5.759  1.00 25.25 ? 3   DG  A OP1   1 
ATOM   41  O OP2   . DG  A 1 3  ? -7.249  0.547   -3.692  1.00 22.78 ? 3   DG  A OP2   1 
ATOM   42  O "O5'" . DG  A 1 3  ? -6.982  1.554   -5.957  1.00 19.66 ? 3   DG  A "O5'" 1 
ATOM   43  C "C5'" . DG  A 1 3  ? -7.308  1.800   -7.263  1.00 17.37 ? 3   DG  A "C5'" 1 
ATOM   44  C "C4'" . DG  A 1 3  ? -6.329  2.848   -7.838  1.00 14.35 ? 3   DG  A "C4'" 1 
ATOM   45  O "O4'" . DG  A 1 3  ? -6.315  3.998   -6.969  1.00 15.85 ? 3   DG  A "O4'" 1 
ATOM   46  C "C3'" . DG  A 1 3  ? -4.894  2.479   -7.909  1.00 13.92 ? 3   DG  A "C3'" 1 
ATOM   47  O "O3'" . DG  A 1 3  ? -4.679  1.759   -9.144  1.00 16.77 ? 3   DG  A "O3'" 1 
ATOM   48  C "C2'" . DG  A 1 3  ? -4.235  3.862   -8.034  1.00 14.67 ? 3   DG  A "C2'" 1 
ATOM   49  C "C1'" . DG  A 1 3  ? -5.045  4.617   -7.007  1.00 12.99 ? 3   DG  A "C1'" 1 
ATOM   50  N N9    . DG  A 1 3  ? -4.452  4.599   -5.657  1.00 13.29 ? 3   DG  A N9    1 
ATOM   51  C C8    . DG  A 1 3  ? -4.985  4.046   -4.500  1.00 12.36 ? 3   DG  A C8    1 
ATOM   52  N N7    . DG  A 1 3  ? -4.261  4.308   -3.447  1.00 11.76 ? 3   DG  A N7    1 
ATOM   53  C C5    . DG  A 1 3  ? -3.233  5.101   -3.910  1.00 10.92 ? 3   DG  A C5    1 
ATOM   54  C C6    . DG  A 1 3  ? -2.127  5.693   -3.198  1.00 10.90 ? 3   DG  A C6    1 
ATOM   55  O O6    . DG  A 1 3  ? -1.896  5.724   -2.004  1.00 13.28 ? 3   DG  A O6    1 
ATOM   56  N N1    . DG  A 1 3  ? -1.293  6.410   -4.084  1.00 10.83 ? 3   DG  A N1    1 
ATOM   57  C C2    . DG  A 1 3  ? -1.481  6.493   -5.456  1.00 10.23 ? 3   DG  A C2    1 
ATOM   58  N N2    . DG  A 1 3  ? -0.545  7.148   -6.162  1.00 12.25 ? 3   DG  A N2    1 
ATOM   59  N N3    . DG  A 1 3  ? -2.495  5.956   -6.089  1.00 12.51 ? 3   DG  A N3    1 
ATOM   60  C C4    . DG  A 1 3  ? -3.323  5.282   -5.264  1.00 12.00 ? 3   DG  A C4    1 
ATOM   61  P P     . DT  A 1 4  ? -3.319  0.926   -9.393  1.00 16.28 ? 4   DT  A P     1 
ATOM   62  O OP1   . DT  A 1 4  ? -3.530  0.303   -10.705 1.00 19.56 ? 4   DT  A OP1   1 
ATOM   63  O OP2   . DT  A 1 4  ? -3.043  0.125   -8.154  1.00 17.85 ? 4   DT  A OP2   1 
ATOM   64  O "O5'" . DT  A 1 4  ? -2.167  1.998   -9.509  1.00 14.23 ? 4   DT  A "O5'" 1 
ATOM   65  C "C5'" . DT  A 1 4  ? -1.917  2.779   -10.637 1.00 15.45 ? 4   DT  A "C5'" 1 
ATOM   66  C "C4'" . DT  A 1 4  ? -0.555  3.421   -10.528 1.00 14.01 ? 4   DT  A "C4'" 1 
ATOM   67  O "O4'" . DT  A 1 4  ? -0.549  4.388   -9.501  1.00 13.56 ? 4   DT  A "O4'" 1 
ATOM   68  C "C3'" . DT  A 1 4  ? 0.568   2.482   -10.090 1.00 13.74 ? 4   DT  A "C3'" 1 
ATOM   69  O "O3'" . DT  A 1 4  ? 1.017   1.713   -11.243 1.00 14.52 ? 4   DT  A "O3'" 1 
ATOM   70  C "C2'" . DT  A 1 4  ? 1.614   3.468   -9.626  1.00 12.48 ? 4   DT  A "C2'" 1 
ATOM   71  C "C1'" . DT  A 1 4  ? 0.755   4.432   -8.852  1.00 12.16 ? 4   DT  A "C1'" 1 
ATOM   72  N N1    . DT  A 1 4  ? 0.555   4.079   -7.423  1.00 11.74 ? 4   DT  A N1    1 
ATOM   73  C C2    . DT  A 1 4  ? 1.474   4.576   -6.513  1.00 11.82 ? 4   DT  A C2    1 
ATOM   74  O O2    . DT  A 1 4  ? 2.436   5.233   -6.862  1.00 13.06 ? 4   DT  A O2    1 
ATOM   75  N N3    . DT  A 1 4  ? 1.220   4.224   -5.201  1.00 11.69 ? 4   DT  A N3    1 
ATOM   76  C C4    . DT  A 1 4  ? 0.202   3.460   -4.725  1.00 12.24 ? 4   DT  A C4    1 
ATOM   77  O O4    . DT  A 1 4  ? 0.028   3.269   -3.531  1.00 13.31 ? 4   DT  A O4    1 
ATOM   78  C C5    . DT  A 1 4  ? -0.667  2.881   -5.731  1.00 12.79 ? 4   DT  A C5    1 
ATOM   79  C C7    . DT  A 1 4  ? -1.794  1.986   -5.289  1.00 14.29 ? 4   DT  A C7    1 
ATOM   80  C C6    . DT  A 1 4  ? -0.478  3.219   -7.022  1.00 12.50 ? 4   DT  A C6    1 
ATOM   81  P P     . DA  A 1 5  ? 1.649   0.258   -11.040 1.00 15.17 ? 5   DA  A P     1 
ATOM   82  O OP1   . DA  A 1 5  ? 1.976   -0.256  -12.388 1.00 18.20 ? 5   DA  A OP1   1 
ATOM   83  O OP2   . DA  A 1 5  ? 0.738   -0.570  -10.187 1.00 17.81 ? 5   DA  A OP2   1 
ATOM   84  O "O5'" . DA  A 1 5  ? 2.985   0.638   -10.244 1.00 14.64 ? 5   DA  A "O5'" 1 
ATOM   85  C "C5'" . DA  A 1 5  ? 3.596   -0.201  -9.329  1.00 13.93 ? 5   DA  A "C5'" 1 
ATOM   86  C "C4'" . DA  A 1 5  ? 4.656   0.569   -8.571  1.00 12.90 ? 5   DA  A "C4'" 1 
ATOM   87  O "O4'" . DA  A 1 5  ? 4.048   1.606   -7.791  1.00 12.48 ? 5   DA  A "O4'" 1 
ATOM   88  C "C3'" . DA  A 1 5  ? 5.426   -0.255  -7.581  1.00 14.60 ? 5   DA  A "C3'" 1 
ATOM   89  O "O3'" . DA  A 1 5  ? 6.488   -0.869  -8.243  1.00 16.52 ? 5   DA  A "O3'" 1 
ATOM   90  C "C2'" . DA  A 1 5  ? 5.919   0.787   -6.606  1.00 14.15 ? 5   DA  A "C2'" 1 
ATOM   91  C "C1'" . DA  A 1 5  ? 4.735   1.720   -6.543  1.00 12.08 ? 5   DA  A "C1'" 1 
ATOM   92  N N9    . DA  A 1 5  ? 3.810   1.438   -5.479  1.00 13.30 ? 5   DA  A N9    1 
ATOM   93  C C8    . DA  A 1 5  ? 2.534   0.907   -5.550  1.00 13.98 ? 5   DA  A C8    1 
ATOM   94  N N7    . DA  A 1 5  ? 1.935   0.851   -4.383  1.00 12.96 ? 5   DA  A N7    1 
ATOM   95  C C5    . DA  A 1 5  ? 2.869   1.388   -3.481  1.00 12.33 ? 5   DA  A C5    1 
ATOM   96  C C6    . DA  A 1 5  ? 2.803   1.662   -2.079  1.00 12.93 ? 5   DA  A C6    1 
ATOM   97  N N6    . DA  A 1 5  ? 1.719   1.400   -1.308  1.00 13.94 ? 5   DA  A N6    1 
ATOM   98  N N1    . DA  A 1 5  ? 3.902   2.225   -1.541  1.00 12.92 ? 5   DA  A N1    1 
ATOM   99  C C2    . DA  A 1 5  ? 4.988   2.506   -2.330  1.00 12.24 ? 5   DA  A C2    1 
ATOM   100 N N3    . DA  A 1 5  ? 5.106   2.334   -3.621  1.00 12.97 ? 5   DA  A N3    1 
ATOM   101 C C4    . DA  A 1 5  ? 4.022   1.773   -4.146  1.00 13.23 ? 5   DA  A C4    1 
HETATM 102 P P     . RCE A 1 6  ? 6.739   -2.478  -8.120  1.00 17.54 ? 6   RCE A P     1 
HETATM 103 N N1    . RCE A 1 6  ? 6.894   -1.220  -2.728  1.00 15.99 ? 6   RCE A N1    1 
HETATM 104 C C2    . RCE A 1 6  ? 6.621   -0.987  -1.416  1.00 17.22 ? 6   RCE A C2    1 
HETATM 105 O O2    . RCE A 1 6  ? 7.610   -0.706  -0.589  1.00 17.32 ? 6   RCE A O2    1 
HETATM 106 N N3    . RCE A 1 6  ? 5.395   -0.993  -0.966  1.00 13.94 ? 6   RCE A N3    1 
HETATM 107 C C4    . RCE A 1 6  ? 4.332   -1.348  -1.730  1.00 13.91 ? 6   RCE A C4    1 
HETATM 108 O O4    . RCE A 1 6  ? 3.202   -1.408  -1.236  1.00 15.20 ? 6   RCE A O4    1 
HETATM 109 C C5    . RCE A 1 6  ? 4.568   -1.659  -3.119  1.00 13.31 ? 6   RCE A C5    1 
HETATM 110 C C6    . RCE A 1 6  ? 5.871   -1.521  -3.588  1.00 14.10 ? 6   RCE A C6    1 
HETATM 111 C "C1'" . RCE A 1 6  ? 8.289   -1.061  -3.188  1.00 15.43 ? 6   RCE A "C1'" 1 
HETATM 112 O O1P   . RCE A 1 6  ? 7.642   -2.884  -9.280  1.00 21.36 ? 6   RCE A O1P   1 
HETATM 113 C "C2'" . RCE A 1 6  ? 9.111   -2.333  -2.989  1.00 17.38 ? 6   RCE A "C2'" 1 
HETATM 114 O O2A   . RCE A 1 6  ? 10.445  -1.901  -3.334  1.00 18.68 ? 6   RCE A O2A   1 
HETATM 115 O O2P   . RCE A 1 6  ? 5.443   -3.272  -8.009  1.00 19.89 ? 6   RCE A O2P   1 
HETATM 116 C "C3'" . RCE A 1 6  ? 8.720   -3.128  -4.219  1.00 15.66 ? 6   RCE A "C3'" 1 
HETATM 117 O "O3'" . RCE A 1 6  ? 9.552   -4.280  -4.451  1.00 17.78 ? 6   RCE A "O3'" 1 
HETATM 118 C "C4'" . RCE A 1 6  ? 9.064   -1.997  -5.146  1.00 18.93 ? 6   RCE A "C4'" 1 
HETATM 119 O "O4'" . RCE A 1 6  ? 8.286   -0.901  -4.616  1.00 18.73 ? 6   RCE A "O4'" 1 
HETATM 120 C "C5'" . RCE A 1 6  ? 8.809   -2.229  -6.616  1.00 17.47 ? 6   RCE A "C5'" 1 
HETATM 121 O "O5'" . RCE A 1 6  ? 7.491   -2.653  -6.772  1.00 16.17 ? 6   RCE A "O5'" 1 
HETATM 122 C "C6'" . RCE A 1 6  ? 10.517  -1.760  -4.795  1.00 19.78 ? 6   RCE A "C6'" 1 
HETATM 123 C "C7'" . RCE A 1 6  ? 11.045  -0.390  -5.217  1.00 21.18 ? 6   RCE A "C7'" 1 
ATOM   124 P P     . DA  A 1 7  ? 9.182   -5.705  -3.881  1.00 16.50 ? 7   DA  A P     1 
ATOM   125 O OP1   . DA  A 1 7  ? 10.127  -6.685  -4.451  1.00 18.33 ? 7   DA  A OP1   1 
ATOM   126 O OP2   . DA  A 1 7  ? 7.732   -5.973  -4.024  1.00 19.95 ? 7   DA  A OP2   1 
ATOM   127 O "O5'" . DA  A 1 7  ? 9.498   -5.516  -2.335  1.00 15.73 ? 7   DA  A "O5'" 1 
ATOM   128 C "C5'" . DA  A 1 7  ? 10.818  -5.286  -1.881  1.00 14.27 ? 7   DA  A "C5'" 1 
ATOM   129 C "C4'" . DA  A 1 7  ? 10.823  -5.047  -0.398  1.00 13.98 ? 7   DA  A "C4'" 1 
ATOM   130 O "O4'" . DA  A 1 7  ? 10.072  -3.805  -0.142  1.00 14.27 ? 7   DA  A "O4'" 1 
ATOM   131 C "C3'" . DA  A 1 7  ? 10.078  -6.065  0.434   1.00 14.71 ? 7   DA  A "C3'" 1 
ATOM   132 O "O3'" . DA  A 1 7  ? 10.964  -7.170  0.738   1.00 15.90 ? 7   DA  A "O3'" 1 
ATOM   133 C "C2'" . DA  A 1 7  ? 9.797   -5.234  1.714   1.00 14.72 ? 7   DA  A "C2'" 1 
ATOM   134 C "C1'" . DA  A 1 7  ? 9.319   -3.923  1.096   1.00 14.83 ? 7   DA  A "C1'" 1 
ATOM   135 N N9    . DA  A 1 7  ? 7.875   -3.950  0.760   1.00 12.33 ? 7   DA  A N9    1 
ATOM   136 C C8    . DA  A 1 7  ? 7.285   -4.229  -0.466  1.00 13.10 ? 7   DA  A C8    1 
ATOM   137 N N7    . DA  A 1 7  ? 5.963   -4.204  -0.427  1.00 13.42 ? 7   DA  A N7    1 
ATOM   138 C C5    . DA  A 1 7  ? 5.673   -3.930  0.941   1.00 11.92 ? 7   DA  A C5    1 
ATOM   139 C C6    . DA  A 1 7  ? 4.448   -3.794  1.664   1.00 10.07 ? 7   DA  A C6    1 
ATOM   140 N N6    . DA  A 1 7  ? 3.226   -3.913  1.111   1.00 12.33 ? 7   DA  A N6    1 
ATOM   141 N N1    . DA  A 1 7  ? 4.556   -3.583  3.004   1.00 11.12 ? 7   DA  A N1    1 
ATOM   142 C C2    . DA  A 1 7  ? 5.746   -3.535  3.566   1.00 12.09 ? 7   DA  A C2    1 
ATOM   143 N N3    . DA  A 1 7  ? 6.952   -3.599  3.007   1.00 11.06 ? 7   DA  A N3    1 
ATOM   144 C C4    . DA  A 1 7  ? 6.856   -3.811  1.667   1.00 12.08 ? 7   DA  A C4    1 
ATOM   145 P P     . DC  A 1 8  ? 10.417  -8.630  0.826   1.00 17.25 ? 8   DC  A P     1 
ATOM   146 O OP1   . DC  A 1 8  ? 11.554  -9.505  1.117   1.00 20.82 ? 8   DC  A OP1   1 
ATOM   147 O OP2   . DC  A 1 8  ? 9.554   -8.945  -0.341  1.00 18.76 ? 8   DC  A OP2   1 
ATOM   148 O "O5'" . DC  A 1 8  ? 9.475   -8.618  2.090   1.00 15.27 ? 8   DC  A "O5'" 1 
ATOM   149 C "C5'" . DC  A 1 8  ? 10.009  -8.339  3.395   1.00 15.58 ? 8   DC  A "C5'" 1 
ATOM   150 C "C4'" . DC  A 1 8  ? 8.882   -8.077  4.385   1.00 14.86 ? 8   DC  A "C4'" 1 
ATOM   151 O "O4'" . DC  A 1 8  ? 8.122   -6.939  3.915   1.00 13.23 ? 8   DC  A "O4'" 1 
ATOM   152 C "C3'" . DC  A 1 8  ? 7.790   -9.144  4.524   1.00 14.87 ? 8   DC  A "C3'" 1 
ATOM   153 O "O3'" . DC  A 1 8  ? 8.327   -10.222 5.287   1.00 15.01 ? 8   DC  A "O3'" 1 
ATOM   154 C "C2'" . DC  A 1 8  ? 6.737   -8.344  5.262   1.00 13.45 ? 8   DC  A "C2'" 1 
ATOM   155 C "C1'" . DC  A 1 8  ? 6.805   -7.023  4.477   1.00 13.34 ? 8   DC  A "C1'" 1 
ATOM   156 N N1    . DC  A 1 8  ? 5.790   -7.050  3.364   1.00 11.63 ? 8   DC  A N1    1 
ATOM   157 C C2    . DC  A 1 8  ? 4.470   -6.881  3.756   1.00 13.21 ? 8   DC  A C2    1 
ATOM   158 O O2    . DC  A 1 8  ? 4.240   -6.679  4.927   1.00 11.93 ? 8   DC  A O2    1 
ATOM   159 N N3    . DC  A 1 8  ? 3.511   -6.897  2.815   1.00 12.66 ? 8   DC  A N3    1 
ATOM   160 C C4    . DC  A 1 8  ? 3.812   -7.145  1.507   1.00 13.62 ? 8   DC  A C4    1 
ATOM   161 N N4    . DC  A 1 8  ? 2.831   -7.231  0.612   1.00 14.55 ? 8   DC  A N4    1 
ATOM   162 C C5    . DC  A 1 8  ? 5.158   -7.392  1.093   1.00 14.29 ? 8   DC  A C5    1 
ATOM   163 C C6    . DC  A 1 8  ? 6.119   -7.327  2.074   1.00 13.44 ? 8   DC  A C6    1 
ATOM   164 P P     . DG  A 1 9  ? 7.646   -11.674 5.200   1.00 15.57 ? 9   DG  A P     1 
ATOM   165 O OP1   . DG  A 1 9  ? 8.571   -12.545 6.033   1.00 19.45 ? 9   DG  A OP1   1 
ATOM   166 O OP2   . DG  A 1 9  ? 7.231   -12.012 3.824   1.00 18.86 ? 9   DG  A OP2   1 
ATOM   167 O "O5'" . DG  A 1 9  ? 6.305   -11.495 6.039   1.00 13.61 ? 9   DG  A "O5'" 1 
ATOM   168 C "C5'" . DG  A 1 9  ? 6.340   -11.142 7.412   1.00 13.16 ? 9   DG  A "C5'" 1 
ATOM   169 C "C4'" . DG  A 1 9  ? 4.915   -10.863 7.941   1.00 13.91 ? 9   DG  A "C4'" 1 
ATOM   170 O "O4'" . DG  A 1 9  ? 4.348   -9.827  7.144   1.00 13.56 ? 9   DG  A "O4'" 1 
ATOM   171 C "C3'" . DG  A 1 9  ? 3.903   -11.983 7.732   1.00 13.22 ? 9   DG  A "C3'" 1 
ATOM   172 O "O3'" . DG  A 1 9  ? 4.086   -12.967 8.758   1.00 13.02 ? 9   DG  A "O3'" 1 
ATOM   173 C "C2'" . DG  A 1 9  ? 2.577   -11.227 7.811   1.00 12.62 ? 9   DG  A "C2'" 1 
ATOM   174 C "C1'" . DG  A 1 9  ? 2.961   -9.992  7.050   1.00 13.49 ? 9   DG  A "C1'" 1 
ATOM   175 N N9    . DG  A 1 9  ? 2.577   -10.038 5.676   1.00 11.86 ? 9   DG  A N9    1 
ATOM   176 C C8    . DG  A 1 9  ? 3.355   -10.165 4.514   1.00 11.92 ? 9   DG  A C8    1 
ATOM   177 N N7    . DG  A 1 9  ? 2.626   -10.136 3.434   1.00 12.13 ? 9   DG  A N7    1 
ATOM   178 C C5    . DG  A 1 9  ? 1.332   -9.930  3.898   1.00 11.36 ? 9   DG  A C5    1 
ATOM   179 C C6    . DG  A 1 9  ? 0.109   -9.734  3.152   1.00 11.85 ? 9   DG  A C6    1 
ATOM   180 O O6    . DG  A 1 9  ? -0.029  -9.701  1.922   1.00 13.56 ? 9   DG  A O6    1 
ATOM   181 N N1    . DG  A 1 9  ? -0.995  -9.670  3.988   1.00 12.30 ? 9   DG  A N1    1 
ATOM   182 C C2    . DG  A 1 9  ? -0.931  -9.659  5.389   1.00 12.65 ? 9   DG  A C2    1 
ATOM   183 N N2    . DG  A 1 9  ? -2.086  -9.595  6.042   1.00 11.75 ? 9   DG  A N2    1 
ATOM   184 N N3    . DG  A 1 9  ? 0.207   -9.767  6.093   1.00 13.50 ? 9   DG  A N3    1 
ATOM   185 C C4    . DG  A 1 9  ? 1.276   -9.940  5.266   1.00 11.89 ? 9   DG  A C4    1 
ATOM   186 P P     . DC  A 1 10 ? 3.456   -14.417 8.549   1.00 14.04 ? 10  DC  A P     1 
ATOM   187 O OP1   . DC  A 1 10 ? 3.840   -15.133 9.776   1.00 15.92 ? 10  DC  A OP1   1 
ATOM   188 O OP2   . DC  A 1 10 ? 3.770   -14.982 7.242   1.00 15.24 ? 10  DC  A OP2   1 
ATOM   189 O "O5'" . DC  A 1 10 ? 1.873   -14.098 8.562   1.00 13.84 ? 10  DC  A "O5'" 1 
ATOM   190 C "C5'" . DC  A 1 10 ? 1.125   -13.775 9.856   1.00 14.28 ? 10  DC  A "C5'" 1 
ATOM   191 C "C4'" . DC  A 1 10 ? -0.346  -13.649 9.574   1.00 13.45 ? 10  DC  A "C4'" 1 
ATOM   192 O "O4'" . DC  A 1 10 ? -0.589  -12.683 8.542   1.00 12.09 ? 10  DC  A "O4'" 1 
ATOM   193 C "C3'" . DC  A 1 10 ? -0.989  -14.929 8.981   1.00 12.71 ? 10  DC  A "C3'" 1 
ATOM   194 O "O3'" . DC  A 1 10 ? -1.321  -15.811 10.066  1.00 12.70 ? 10  DC  A "O3'" 1 
ATOM   195 C "C2'" . DC  A 1 10 ? -2.288  -14.382 8.332   1.00 13.39 ? 10  DC  A "C2'" 1 
ATOM   196 C "C1'" . DC  A 1 10 ? -1.747  -13.046 7.787   1.00 10.90 ? 10  DC  A "C1'" 1 
ATOM   197 N N1    . DC  A 1 10 ? -1.321  -13.119 6.334   1.00 12.17 ? 10  DC  A N1    1 
ATOM   198 C C2    . DC  A 1 10 ? -2.321  -12.926 5.394   1.00 10.63 ? 10  DC  A C2    1 
ATOM   199 O O2    . DC  A 1 10 ? -3.506  -12.798 5.817   1.00 12.54 ? 10  DC  A O2    1 
ATOM   200 N N3    . DC  A 1 10 ? -1.971  -12.886 4.082   1.00 11.05 ? 10  DC  A N3    1 
ATOM   201 C C4    . DC  A 1 10 ? -0.706  -13.054 3.715   1.00 11.01 ? 10  DC  A C4    1 
ATOM   202 N N4    . DC  A 1 10 ? -0.431  -13.054 2.394   1.00 13.64 ? 10  DC  A N4    1 
ATOM   203 C C5    . DC  A 1 10 ? 0.336   -13.362 4.644   1.00 11.49 ? 10  DC  A C5    1 
ATOM   204 C C6    . DC  A 1 10 ? -0.009  -13.336 5.954   1.00 12.72 ? 10  DC  A C6    1 
ATOM   205 O "O5'" . DG  B 1 1  ? -7.608  -9.941  -3.870  1.00 25.67 ? 1   DG  B "O5'" 1 
ATOM   206 C "C5'" . DG  B 1 1  ? -9.028  -10.073 -3.696  1.00 23.65 ? 1   DG  B "C5'" 1 
ATOM   207 C "C4'" . DG  B 1 1  ? -9.408  -10.393 -2.268  1.00 21.60 ? 1   DG  B "C4'" 1 
ATOM   208 O "O4'" . DG  B 1 1  ? -8.839  -11.686 -1.945  1.00 19.55 ? 1   DG  B "O4'" 1 
ATOM   209 C "C3'" . DG  B 1 1  ? -8.792  -9.439  -1.239  1.00 17.20 ? 1   DG  B "C3'" 1 
ATOM   210 O "O3'" . DG  B 1 1  ? -9.607  -8.311  -1.096  1.00 18.16 ? 1   DG  B "O3'" 1 
ATOM   211 C "C2'" . DG  B 1 1  ? -8.805  -10.305 -0.004  1.00 16.61 ? 1   DG  B "C2'" 1 
ATOM   212 C "C1'" . DG  B 1 1  ? -8.363  -11.639 -0.609  1.00 16.69 ? 1   DG  B "C1'" 1 
ATOM   213 N N9    . DG  B 1 1  ? -6.910  -11.842 -0.654  1.00 16.13 ? 1   DG  B N9    1 
ATOM   214 C C8    . DG  B 1 1  ? -6.122  -11.932 -1.750  1.00 18.39 ? 1   DG  B C8    1 
ATOM   215 N N7    . DG  B 1 1  ? -4.872  -12.184 -1.496  1.00 17.57 ? 1   DG  B N7    1 
ATOM   216 C C5    . DG  B 1 1  ? -4.800  -12.244 -0.099  1.00 14.37 ? 1   DG  B C5    1 
ATOM   217 C C6    . DG  B 1 1  ? -3.687  -12.454 0.777   1.00 13.01 ? 1   DG  B C6    1 
ATOM   218 O O6    . DG  B 1 1  ? -2.496  -12.671 0.491   1.00 14.57 ? 1   DG  B O6    1 
ATOM   219 N N1    . DG  B 1 1  ? -4.077  -12.436 2.113   1.00 12.75 ? 1   DG  B N1    1 
ATOM   220 C C2    . DG  B 1 1  ? -5.373  -12.179 2.554   1.00 14.03 ? 1   DG  B C2    1 
ATOM   221 N N2    . DG  B 1 1  ? -5.566  -12.183 3.866   1.00 13.91 ? 1   DG  B N2    1 
ATOM   222 N N3    . DG  B 1 1  ? -6.399  -11.985 1.774   1.00 15.32 ? 1   DG  B N3    1 
ATOM   223 C C4    . DG  B 1 1  ? -6.042  -12.027 0.447   1.00 15.63 ? 1   DG  B C4    1 
ATOM   224 P P     . DC  B 1 2  ? -9.117  -6.919  -0.583  1.00 18.79 ? 2   DC  B P     1 
ATOM   225 O OP1   . DC  B 1 2  ? -10.310 -6.044  -0.609  1.00 21.85 ? 2   DC  B OP1   1 
ATOM   226 O OP2   . DC  B 1 2  ? -7.850  -6.558  -1.255  1.00 22.29 ? 2   DC  B OP2   1 
ATOM   227 O "O5'" . DC  B 1 2  ? -8.718  -7.135  0.963   1.00 17.31 ? 2   DC  B "O5'" 1 
ATOM   228 C "C5'" . DC  B 1 2  ? -9.743  -7.449  1.971   1.00 17.35 ? 2   DC  B "C5'" 1 
ATOM   229 C "C4'" . DC  B 1 2  ? -9.074  -7.728  3.261   1.00 16.93 ? 2   DC  B "C4'" 1 
ATOM   230 O "O4'" . DC  B 1 2  ? -8.245  -8.955  3.102   1.00 14.73 ? 2   DC  B "O4'" 1 
ATOM   231 C "C3'" . DC  B 1 2  ? -8.037  -6.668  3.712   1.00 16.92 ? 2   DC  B "C3'" 1 
ATOM   232 O "O3'" . DC  B 1 2  ? -8.638  -5.492  4.316   1.00 18.71 ? 2   DC  B "O3'" 1 
ATOM   233 C "C2'" . DC  B 1 2  ? -7.184  -7.509  4.715   1.00 13.10 ? 2   DC  B "C2'" 1 
ATOM   234 C "C1'" . DC  B 1 2  ? -7.070  -8.802  3.917   1.00 13.92 ? 2   DC  B "C1'" 1 
ATOM   235 N N1    . DC  B 1 2  ? -5.862  -8.796  2.989   1.00 11.87 ? 2   DC  B N1    1 
ATOM   236 C C2    . DC  B 1 2  ? -4.622  -9.050  3.587   1.00 12.67 ? 2   DC  B C2    1 
ATOM   237 O O2    . DC  B 1 2  ? -4.602  -9.205  4.836   1.00 12.69 ? 2   DC  B O2    1 
ATOM   238 N N3    . DC  B 1 2  ? -3.526  -9.142  2.756   1.00 13.17 ? 2   DC  B N3    1 
ATOM   239 C C4    . DC  B 1 2  ? -3.637  -8.912  1.438   1.00 13.44 ? 2   DC  B C4    1 
ATOM   240 N N4    . DC  B 1 2  ? -2.531  -9.023  0.694   1.00 15.08 ? 2   DC  B N4    1 
ATOM   241 C C5    . DC  B 1 2  ? -4.913  -8.631  0.836   1.00 13.18 ? 2   DC  B C5    1 
ATOM   242 C C6    . DC  B 1 2  ? -5.989  -8.634  1.639   1.00 13.55 ? 2   DC  B C6    1 
ATOM   243 P P     . DG  B 1 3  ? -7.797  -4.114  4.263   1.00 20.66 ? 3   DG  B P     1 
ATOM   244 O OP1   . DG  B 1 3  ? -8.683  -3.135  4.827   1.00 25.90 ? 3   DG  B OP1   1 
ATOM   245 O OP2   . DG  B 1 3  ? -7.243  -3.976  2.866   1.00 20.82 ? 3   DG  B OP2   1 
ATOM   246 O "O5'" . DG  B 1 3  ? -6.510  -4.292  5.241   1.00 18.58 ? 3   DG  B "O5'" 1 
ATOM   247 C "C5'" . DG  B 1 3  ? -6.601  -4.418  6.584   1.00 20.33 ? 3   DG  B "C5'" 1 
ATOM   248 C "C4'" . DG  B 1 3  ? -5.313  -4.911  7.142   1.00 14.85 ? 3   DG  B "C4'" 1 
ATOM   249 O "O4'" . DG  B 1 3  ? -4.837  -6.028  6.397   1.00 15.63 ? 3   DG  B "O4'" 1 
ATOM   250 C "C3'" . DG  B 1 3  ? -4.179  -3.936  7.066   1.00 15.30 ? 3   DG  B "C3'" 1 
ATOM   251 O "O3'" . DG  B 1 3  ? -4.312  -3.005  8.128   1.00 15.67 ? 3   DG  B "O3'" 1 
ATOM   252 C "C2'" . DG  B 1 3  ? -3.029  -4.902  7.307   1.00 16.56 ? 3   DG  B "C2'" 1 
ATOM   253 C "C1'" . DG  B 1 3  ? -3.453  -6.084  6.458   1.00 14.41 ? 3   DG  B "C1'" 1 
ATOM   254 N N9    . DG  B 1 3  ? -2.906  -6.034  5.083   1.00 12.68 ? 3   DG  B N9    1 
ATOM   255 C C8    . DG  B 1 3  ? -3.545  -5.816  3.850   1.00 12.92 ? 3   DG  B C8    1 
ATOM   256 N N7    . DG  B 1 3  ? -2.718  -5.844  2.844   1.00 12.51 ? 3   DG  B N7    1 
ATOM   257 C C5    . DG  B 1 3  ? -1.488  -6.115  3.395   1.00 11.10 ? 3   DG  B C5    1 
ATOM   258 C C6    . DG  B 1 3  ? -0.172  -6.265  2.785   1.00 11.83 ? 3   DG  B C6    1 
ATOM   259 O O6    . DG  B 1 3  ? 0.158   -6.237  1.614   1.00 14.12 ? 3   DG  B O6    1 
ATOM   260 N N1    . DG  B 1 3  ? 0.823   -6.459  3.776   1.00 11.63 ? 3   DG  B N1    1 
ATOM   261 C C2    . DG  B 1 3  ? 0.598   -6.600  5.130   1.00 10.59 ? 3   DG  B C2    1 
ATOM   262 N N2    . DG  B 1 3  ? 1.662   -6.775  5.922   1.00 12.17 ? 3   DG  B N2    1 
ATOM   263 N N3    . DG  B 1 3  ? -0.589  -6.473  5.676   1.00 13.16 ? 3   DG  B N3    1 
ATOM   264 C C4    . DG  B 1 3  ? -1.574  -6.212  4.778   1.00 12.13 ? 3   DG  B C4    1 
ATOM   265 P P     . DT  B 1 4  ? -3.503  -1.598  8.131   1.00 15.52 ? 4   DT  B P     1 
ATOM   266 O OP1   . DT  B 1 4  ? -4.071  -0.891  9.327   1.00 18.31 ? 4   DT  B OP1   1 
ATOM   267 O OP2   . DT  B 1 4  ? -3.545  -1.010  6.822   1.00 15.29 ? 4   DT  B OP2   1 
ATOM   268 O "O5'" . DT  B 1 4  ? -1.975  -2.018  8.428   1.00 14.63 ? 4   DT  B "O5'" 1 
ATOM   269 C "C5'" . DT  B 1 4  ? -1.555  -2.400  9.711   1.00 14.85 ? 4   DT  B "C5'" 1 
ATOM   270 C "C4'" . DT  B 1 4  ? -0.083  -2.656  9.691   1.00 13.89 ? 4   DT  B "C4'" 1 
ATOM   271 O "O4'" . DT  B 1 4  ? 0.238   -3.762  8.817   1.00 12.69 ? 4   DT  B "O4'" 1 
ATOM   272 C "C3'" . DT  B 1 4  ? 0.732   -1.509  9.120   1.00 13.40 ? 4   DT  B "C3'" 1 
ATOM   273 O "O3'" . DT  B 1 4  ? 0.894   -0.535  10.141  1.00 14.90 ? 4   DT  B "O3'" 1 
ATOM   274 C "C2'" . DT  B 1 4  ? 2.046   -2.244  8.873   1.00 13.19 ? 4   DT  B "C2'" 1 
ATOM   275 C "C1'" . DT  B 1 4  ? 1.502   -3.514  8.233   1.00 13.32 ? 4   DT  B "C1'" 1 
ATOM   276 N N1    . DT  B 1 4  ? 1.336   -3.362  6.760   1.00 11.57 ? 4   DT  B N1    1 
ATOM   277 C C2    . DT  B 1 4  ? 2.471   -3.553  5.994   1.00 13.32 ? 4   DT  B C2    1 
ATOM   278 O O2    . DT  B 1 4  ? 3.565   -3.767  6.491   1.00 13.23 ? 4   DT  B O2    1 
ATOM   279 N N3    . DT  B 1 4  ? 2.265   -3.397  4.655   1.00 13.29 ? 4   DT  B N3    1 
ATOM   280 C C4    . DT  B 1 4  ? 1.058   -3.117  3.984   1.00 11.84 ? 4   DT  B C4    1 
ATOM   281 O O4    . DT  B 1 4  ? 1.000   -3.081  2.779   1.00 13.21 ? 4   DT  B O4    1 
ATOM   282 C C5    . DT  B 1 4  ? -0.113  -2.934  4.860   1.00 11.62 ? 4   DT  B C5    1 
ATOM   283 C C7    . DT  B 1 4  ? -1.423  -2.595  4.287   1.00 12.85 ? 4   DT  B C7    1 
ATOM   284 C C6    . DT  B 1 4  ? 0.078   -3.059  6.174   1.00 11.91 ? 4   DT  B C6    1 
ATOM   285 P P     . DA  B 1 5  ? 1.106   0.976   9.723   1.00 15.36 ? 5   DA  B P     1 
ATOM   286 O OP1   . DA  B 1 5  ? 1.147   1.783   10.932  1.00 17.68 ? 5   DA  B OP1   1 
ATOM   287 O OP2   . DA  B 1 5  ? 0.204   1.374   8.641   1.00 16.55 ? 5   DA  B OP2   1 
ATOM   288 O "O5'" . DA  B 1 5  ? 2.536   0.978   9.031   1.00 13.63 ? 5   DA  B "O5'" 1 
ATOM   289 C "C5'" . DA  B 1 5  ? 3.722   0.765   9.827   1.00 11.98 ? 5   DA  B "C5'" 1 
ATOM   290 C "C4'" . DA  B 1 5  ? 4.925   0.766   8.932   1.00 11.74 ? 5   DA  B "C4'" 1 
ATOM   291 O "O4'" . DA  B 1 5  ? 4.893   -0.348  7.996   1.00 12.68 ? 5   DA  B "O4'" 1 
ATOM   292 C "C3'" . DA  B 1 5  ? 5.098   1.955   8.021   1.00 12.42 ? 5   DA  B "C3'" 1 
ATOM   293 O "O3'" . DA  B 1 5  ? 5.682   3.011   8.814   1.00 15.27 ? 5   DA  B "O3'" 1 
ATOM   294 C "C2'" . DA  B 1 5  ? 6.081   1.436   7.010   1.00 13.79 ? 5   DA  B "C2'" 1 
ATOM   295 C "C1'" . DA  B 1 5  ? 5.532   0.046   6.793   1.00 12.35 ? 5   DA  B "C1'" 1 
ATOM   296 N N9    . DA  B 1 5  ? 4.579   -0.050  5.689   1.00 11.39 ? 5   DA  B N9    1 
ATOM   297 C C8    . DA  B 1 5  ? 3.177   -0.055  5.753   1.00 12.17 ? 5   DA  B C8    1 
ATOM   298 N N7    . DA  B 1 5  ? 2.577   -0.154  4.584   1.00 11.88 ? 5   DA  B N7    1 
ATOM   299 C C5    . DA  B 1 5  ? 3.641   -0.240  3.692   1.00 12.21 ? 5   DA  B C5    1 
ATOM   300 C C6    . DA  B 1 5  ? 3.687   -0.433  2.317   1.00 13.04 ? 5   DA  B C6    1 
ATOM   301 N N6    . DA  B 1 5  ? 2.623   -0.547  1.543   1.00 15.31 ? 5   DA  B N6    1 
ATOM   302 N N1    . DA  B 1 5  ? 4.921   -0.499  1.757   1.00 12.38 ? 5   DA  B N1    1 
ATOM   303 C C2    . DA  B 1 5  ? 6.043   -0.335  2.507   1.00 12.95 ? 5   DA  B C2    1 
ATOM   304 N N3    . DA  B 1 5  ? 6.124   -0.173  3.851   1.00 13.08 ? 5   DA  B N3    1 
ATOM   305 C C4    . DA  B 1 5  ? 4.884   -0.173  4.371   1.00 11.77 ? 5   DA  B C4    1 
HETATM 306 P P     . RCE B 1 6  ? 5.247   4.537   8.531   1.00 16.00 ? 6   RCE B P     1 
HETATM 307 N N1    . RCE B 1 6  ? 5.492   3.541   2.920   1.00 13.59 ? 6   RCE B N1    1 
HETATM 308 C C2    . RCE B 1 6  ? 5.270   3.317   1.584   1.00 14.50 ? 6   RCE B C2    1 
HETATM 309 O O2    . RCE B 1 6  ? 6.274   3.436   0.733   1.00 15.91 ? 6   RCE B O2    1 
HETATM 310 N N3    . RCE B 1 6  ? 4.128   2.953   1.151   1.00 13.52 ? 6   RCE B N3    1 
HETATM 311 C C4    . RCE B 1 6  ? 3.012   2.863   1.966   1.00 12.28 ? 6   RCE B C4    1 
HETATM 312 O O4    . RCE B 1 6  ? 1.904   2.560   1.492   1.00 14.45 ? 6   RCE B O4    1 
HETATM 313 C C5    . RCE B 1 6  ? 3.181   3.095   3.330   1.00 12.74 ? 6   RCE B C5    1 
HETATM 314 C C6    . RCE B 1 6  ? 4.439   3.460   3.817   1.00 13.35 ? 6   RCE B C6    1 
HETATM 315 C "C1'" . RCE B 1 6  ? 6.879   3.935   3.353   1.00 14.85 ? 6   RCE B "C1'" 1 
HETATM 316 O O1P   . RCE B 1 6  ? 6.015   5.397   9.519   1.00 21.55 ? 6   RCE B O1P   1 
HETATM 317 C "C2'" . RCE B 1 6  ? 7.148   5.418   3.205   1.00 15.53 ? 6   RCE B "C2'" 1 
HETATM 318 O O2A   . RCE B 1 6  ? 8.573   5.517   3.417   1.00 16.45 ? 6   RCE B O2A   1 
HETATM 319 O O2P   . RCE B 1 6  ? 3.671   4.679   8.459   1.00 19.02 ? 6   RCE B O2P   1 
HETATM 320 C "C3'" . RCE B 1 6  ? 6.549   5.936   4.485   1.00 15.10 ? 6   RCE B "C3'" 1 
HETATM 321 O "O3'" . RCE B 1 6  ? 6.853   7.306   4.780   1.00 14.53 ? 6   RCE B "O3'" 1 
HETATM 322 C "C4'" . RCE B 1 6  ? 7.378   4.989   5.323   1.00 14.15 ? 6   RCE B "C4'" 1 
HETATM 323 O "O4'" . RCE B 1 6  ? 6.969   3.736   4.744   1.00 13.89 ? 6   RCE B "O4'" 1 
HETATM 324 C "C5'" . RCE B 1 6  ? 7.159   5.024   6.837   1.00 15.90 ? 6   RCE B "C5'" 1 
HETATM 325 O "O5'" . RCE B 1 6  ? 5.767   4.815   7.058   1.00 15.09 ? 6   RCE B "O5'" 1 
HETATM 326 C "C6'" . RCE B 1 6  ? 8.822   5.349   4.860   1.00 16.72 ? 6   RCE B "C6'" 1 
HETATM 327 C "C7'" . RCE B 1 6  ? 9.826   4.246   5.137   1.00 18.33 ? 6   RCE B "C7'" 1 
ATOM   328 P P     . DA  B 1 7  ? 5.958   8.536   4.299   1.00 16.23 ? 7   DA  B P     1 
ATOM   329 O OP1   . DA  B 1 7  ? 6.523   9.738   4.987   1.00 20.25 ? 7   DA  B OP1   1 
ATOM   330 O OP2   . DA  B 1 7  ? 4.500   8.193   4.357   1.00 17.24 ? 7   DA  B OP2   1 
ATOM   331 O "O5'" . DA  B 1 7  ? 6.297   8.638   2.726   1.00 15.23 ? 7   DA  B "O5'" 1 
ATOM   332 C "C5'" . DA  B 1 7  ? 7.631   8.970   2.338   1.00 15.42 ? 7   DA  B "C5'" 1 
ATOM   333 C "C4'" . DA  B 1 7  ? 7.751   8.832   0.848   1.00 15.09 ? 7   DA  B "C4'" 1 
ATOM   334 O "O4'" . DA  B 1 7  ? 7.478   7.466   0.504   1.00 14.57 ? 7   DA  B "O4'" 1 
ATOM   335 C "C3'" . DA  B 1 7  ? 6.739   9.602   0.046   1.00 15.11 ? 7   DA  B "C3'" 1 
ATOM   336 O "O3'" . DA  B 1 7  ? 7.160   10.984  -0.035  1.00 17.28 ? 7   DA  B "O3'" 1 
ATOM   337 C "C2'" . DA  B 1 7  ? 6.793   8.877   -1.295  1.00 14.59 ? 7   DA  B "C2'" 1 
ATOM   338 C "C1'" . DA  B 1 7  ? 6.865   7.423   -0.794  1.00 13.25 ? 7   DA  B "C1'" 1 
ATOM   339 N N9    . DA  B 1 7  ? 5.570   6.799   -0.655  1.00 12.24 ? 7   DA  B N9    1 
ATOM   340 C C8    . DA  B 1 7  ? 4.806   6.721   0.471   1.00 12.93 ? 7   DA  B C8    1 
ATOM   341 N N7    . DA  B 1 7  ? 3.646   6.171   0.292   1.00 13.13 ? 7   DA  B N7    1 
ATOM   342 C C5    . DA  B 1 7  ? 3.644   5.862   -1.044  1.00 12.75 ? 7   DA  B C5    1 
ATOM   343 C C6    . DA  B 1 7  ? 2.670   5.261   -1.904  1.00 11.17 ? 7   DA  B C6    1 
ATOM   344 N N6    . DA  B 1 7  ? 1.529   4.764   -1.480  1.00 13.44 ? 7   DA  B N6    1 
ATOM   345 N N1    . DA  B 1 7  ? 3.009   5.172   -3.206  1.00 11.27 ? 7   DA  B N1    1 
ATOM   346 C C2    . DA  B 1 7  ? 4.190   5.614   -3.646  1.00 11.87 ? 7   DA  B C2    1 
ATOM   347 N N3    . DA  B 1 7  ? 5.135   6.218   -2.953  1.00 11.24 ? 7   DA  B N3    1 
ATOM   348 C C4    . DA  B 1 7  ? 4.818   6.281   -1.644  1.00 11.78 ? 7   DA  B C4    1 
ATOM   349 P P     . DC  B 1 8  ? 6.084   12.154  -0.058  1.00 20.28 ? 8   DC  B P     1 
ATOM   350 O OP1   . DC  B 1 8  ? 6.866   13.379  -0.113  1.00 25.43 ? 8   DC  B OP1   1 
ATOM   351 O OP2   . DC  B 1 8  ? 5.090   12.029  0.955   1.00 23.16 ? 8   DC  B OP2   1 
ATOM   352 O "O5'" . DC  B 1 8  ? 5.255   11.945  -1.405  1.00 16.31 ? 8   DC  B "O5'" 1 
ATOM   353 C "C5'" . DC  B 1 8  ? 5.950   12.104  -2.672  1.00 15.45 ? 8   DC  B "C5'" 1 
ATOM   354 C "C4'" . DC  B 1 8  ? 5.152   11.558  -3.799  1.00 13.47 ? 8   DC  B "C4'" 1 
ATOM   355 O "O4'" . DC  B 1 8  ? 4.913   10.179  -3.524  1.00 13.28 ? 8   DC  B "O4'" 1 
ATOM   356 C "C3'" . DC  B 1 8  ? 3.765   12.141  -3.988  1.00 15.49 ? 8   DC  B "C3'" 1 
ATOM   357 O "O3'" . DC  B 1 8  ? 3.946   13.359  -4.749  1.00 20.60 ? 8   DC  B "O3'" 1 
ATOM   358 C "C2'" . DC  B 1 8  ? 3.122   11.064  -4.805  1.00 13.37 ? 8   DC  B "C2'" 1 
ATOM   359 C "C1'" . DC  B 1 8  ? 3.711   9.771   -4.171  1.00 13.45 ? 8   DC  B "C1'" 1 
ATOM   360 N N1    . DC  B 1 8  ? 2.768   9.188   -3.197  1.00 11.66 ? 8   DC  B N1    1 
ATOM   361 C C2    . DC  B 1 8  ? 1.751   8.382   -3.690  1.00 12.01 ? 8   DC  B C2    1 
ATOM   362 O O2    . DC  B 1 8  ? 1.744   8.228   -4.916  1.00 13.56 ? 8   DC  B O2    1 
ATOM   363 N N3    . DC  B 1 8  ? 0.805   7.871   -2.839  1.00 10.89 ? 8   DC  B N3    1 
ATOM   364 C C4    . DC  B 1 8  ? 0.899   8.152   -1.539  1.00 12.67 ? 8   DC  B C4    1 
ATOM   365 N N4    . DC  B 1 8  ? -0.006  7.629   -0.714  1.00 12.39 ? 8   DC  B N4    1 
ATOM   366 C C5    . DC  B 1 8  ? 1.932   8.997   -0.991  1.00 12.82 ? 8   DC  B C5    1 
ATOM   367 C C6    . DC  B 1 8  ? 2.847   9.492   -1.843  1.00 11.14 ? 8   DC  B C6    1 
ATOM   368 P P     . DG  B 1 9  ? 2.799   14.400  -5.044  1.00 23.02 ? 9   DG  B P     1 
ATOM   369 O OP1   . DG  B 1 9  ? 3.363   15.611  -5.770  1.00 30.43 ? 9   DG  B OP1   1 
ATOM   370 O OP2   . DG  B 1 9  ? 2.034   14.495  -3.866  1.00 18.99 ? 9   DG  B OP2   1 
ATOM   371 O "O5'" . DG  B 1 9  ? 1.985   13.539  -6.112  1.00 19.80 ? 9   DG  B "O5'" 1 
ATOM   372 C "C5'" . DG  B 1 9  ? 0.731   13.769  -6.348  1.00 19.55 ? 9   DG  B "C5'" 1 
ATOM   373 C "C4'" . DG  B 1 9  ? 0.141   12.674  -7.202  1.00 12.28 ? 9   DG  B "C4'" 1 
ATOM   374 O "O4'" . DG  B 1 9  ? 0.298   11.461  -6.482  1.00 12.56 ? 9   DG  B "O4'" 1 
ATOM   375 C "C3'" . DG  B 1 9  ? -1.322  12.858  -7.355  1.00 12.43 ? 9   DG  B "C3'" 1 
ATOM   376 O "O3'" . DG  B 1 9  ? -1.566  13.509  -8.621  1.00 14.57 ? 9   DG  B "O3'" 1 
ATOM   377 C "C2'" . DG  B 1 9  ? -1.869  11.447  -7.408  1.00 13.05 ? 9   DG  B "C2'" 1 
ATOM   378 C "C1'" . DG  B 1 9  ? -0.903  10.715  -6.507  1.00 12.39 ? 9   DG  B "C1'" 1 
ATOM   379 N N9    . DG  B 1 9  ? -1.375  10.536  -5.141  1.00 10.19 ? 9   DG  B N9    1 
ATOM   380 C C8    . DG  B 1 9  ? -0.755  10.856  -3.967  1.00 12.68 ? 9   DG  B C8    1 
ATOM   381 N N7    . DG  B 1 9  ? -1.378  10.418  -2.921  1.00 11.37 ? 9   DG  B N7    1 
ATOM   382 C C5    . DG  B 1 9  ? -2.462  9.700   -3.417  1.00 10.87 ? 9   DG  B C5    1 
ATOM   383 C C6    . DG  B 1 9  ? -3.455  8.906   -2.760  1.00 10.49 ? 9   DG  B C6    1 
ATOM   384 O O6    . DG  B 1 9  ? -3.618  8.707   -1.537  1.00 13.29 ? 9   DG  B O6    1 
ATOM   385 N N1    . DG  B 1 9  ? -4.379  8.366   -3.670  1.00 11.23 ? 9   DG  B N1    1 
ATOM   386 C C2    . DG  B 1 9  ? -4.330  8.527   -5.060  1.00 11.52 ? 9   DG  B C2    1 
ATOM   387 N N2    . DG  B 1 9  ? -5.315  7.939   -5.771  1.00 11.82 ? 9   DG  B N2    1 
ATOM   388 N N3    . DG  B 1 9  ? -3.322  9.179   -5.653  1.00 10.70 ? 9   DG  B N3    1 
ATOM   389 C C4    . DG  B 1 9  ? -2.457  9.741   -4.794  1.00 10.38 ? 9   DG  B C4    1 
ATOM   390 P P     . DC  B 1 10 ? -2.783  14.546  -8.821  1.00 14.19 ? 10  DC  B P     1 
ATOM   391 O OP1   . DC  B 1 10 ? -2.682  14.996  -10.258 1.00 16.66 ? 10  DC  B OP1   1 
ATOM   392 O OP2   . DC  B 1 10 ? -2.756  15.509  -7.750  1.00 16.30 ? 10  DC  B OP2   1 
ATOM   393 O "O5'" . DC  B 1 10 ? -4.093  13.693  -8.590  1.00 13.73 ? 10  DC  B "O5'" 1 
ATOM   394 C "C5'" . DC  B 1 10 ? -4.625  12.901  -9.677  1.00 14.36 ? 10  DC  B "C5'" 1 
ATOM   395 C "C4'" . DC  B 1 10 ? -5.893  12.182  -9.260  1.00 14.12 ? 10  DC  B "C4'" 1 
ATOM   396 O "O4'" . DC  B 1 10 ? -5.489  11.344  -8.158  1.00 13.02 ? 10  DC  B "O4'" 1 
ATOM   397 C "C3'" . DC  B 1 10 ? -7.011  13.037  -8.658  1.00 14.30 ? 10  DC  B "C3'" 1 
ATOM   398 O "O3'" . DC  B 1 10 ? -7.770  13.606  -9.667  1.00 16.10 ? 10  DC  B "O3'" 1 
ATOM   399 C "C2'" . DC  B 1 10 ? -7.805  12.046  -7.821  1.00 13.53 ? 10  DC  B "C2'" 1 
ATOM   400 C "C1'" . DC  B 1 10 ? -6.662  11.088  -7.363  1.00 12.58 ? 10  DC  B "C1'" 1 
ATOM   401 N N1    . DC  B 1 10 ? -6.304  11.286  -5.902  1.00 13.20 ? 10  DC  B N1    1 
ATOM   402 C C2    . DC  B 1 10 ? -7.102  10.654  -4.970  1.00 12.49 ? 10  DC  B C2    1 
ATOM   403 O O2    . DC  B 1 10 ? -8.103  10.012  -5.383  1.00 14.13 ? 10  DC  B O2    1 
ATOM   404 N N3    . DC  B 1 10 ? -6.775  10.726  -3.690  1.00 11.40 ? 10  DC  B N3    1 
ATOM   405 C C4    . DC  B 1 10 ? -5.690  11.450  -3.296  1.00 11.21 ? 10  DC  B C4    1 
ATOM   406 N N4    . DC  B 1 10 ? -5.440  11.500  -1.977  1.00 12.34 ? 10  DC  B N4    1 
ATOM   407 C C5    . DC  B 1 10 ? -4.932  12.193  -4.218  1.00 11.44 ? 10  DC  B C5    1 
ATOM   408 C C6    . DC  B 1 10 ? -5.232  12.070  -5.511  1.00 12.00 ? 10  DC  B C6    1 
HETATM 409 O O     . HOH C 2 .  ? -0.227  -0.252  -7.712  1.00 19.58 ? 101 HOH A O     1 
HETATM 410 O O     . HOH C 2 .  ? 4.850   -13.765 11.958  1.00 25.87 ? 102 HOH A O     1 
HETATM 411 O O     . HOH C 2 .  ? 3.481   -2.861  -6.042  1.00 28.91 ? 103 HOH A O     1 
HETATM 412 O O     . HOH C 2 .  ? -1.630  -1.507  -11.530 1.00 25.91 ? 104 HOH A O     1 
HETATM 413 O O     . HOH C 2 .  ? -5.630  6.262   2.458   1.00 23.51 ? 105 HOH A O     1 
HETATM 414 O O     . HOH C 2 .  ? 4.406   -1.769  -12.618 1.00 28.14 ? 106 HOH A O     1 
HETATM 415 O O     . HOH C 2 .  ? -13.151 0.118   2.252   1.00 25.07 ? 107 HOH A O     1 
HETATM 416 O O     . HOH C 2 .  ? 7.626   3.060   -4.517  1.00 24.58 ? 108 HOH A O     1 
HETATM 417 O O     . HOH C 2 .  ? -10.506 6.826   5.507   1.00 27.30 ? 109 HOH A O     1 
HETATM 418 O O     . HOH C 2 .  ? -4.702  3.199   -0.872  1.00 34.06 ? 110 HOH A O     1 
HETATM 419 O O     . HOH C 2 .  ? -1.089  -9.778  8.860   1.00 15.85 ? 111 HOH A O     1 
HETATM 420 O O     . HOH C 2 .  ? 0.785   -2.456  -1.579  1.00 23.79 ? 112 HOH A O     1 
HETATM 421 O O     . HOH C 2 .  ? 14.000  -8.336  1.535   1.00 35.23 ? 113 HOH A O     1 
HETATM 422 O O     . HOH C 2 .  ? 6.079   -16.325 6.678   1.00 26.28 ? 114 HOH A O     1 
HETATM 423 O O     . HOH C 2 .  ? 1.247   -10.269 -0.409  0.60 25.03 ? 115 HOH A O     1 
HETATM 424 O O     . HOH C 2 .  ? 0.939   -17.147 11.326  1.00 21.79 ? 116 HOH A O     1 
HETATM 425 O O     . HOH C 2 .  ? 0.721   -15.736 -0.839  1.00 34.98 ? 117 HOH A O     1 
HETATM 426 O O     . HOH C 2 .  ? -5.183  10.119  1.756   1.00 20.27 ? 118 HOH A O     1 
HETATM 427 O O     . HOH C 2 .  ? -1.545  1.815   -1.892  1.00 23.76 ? 119 HOH A O     1 
HETATM 428 O O     . HOH C 2 .  ? 0.210   0.279   -14.417 1.00 23.10 ? 120 HOH A O     1 
HETATM 429 O O     . HOH C 2 .  ? -0.504  -10.334 11.331  1.00 19.00 ? 121 HOH A O     1 
HETATM 430 O O     . HOH C 2 .  ? 9.327   2.215   -6.537  1.00 23.98 ? 122 HOH A O     1 
HETATM 431 O O     . HOH C 2 .  ? 1.734   -4.589  -1.801  1.00 29.84 ? 123 HOH A O     1 
HETATM 432 O O     . HOH C 2 .  ? -6.907  1.797   -0.314  1.00 33.38 ? 124 HOH A O     1 
HETATM 433 O O     . HOH C 2 .  ? -6.484  4.568   -11.696 1.00 26.71 ? 125 HOH A O     1 
HETATM 434 O O     . HOH C 2 .  ? -3.990  -0.955  -6.199  1.00 34.24 ? 126 HOH A O     1 
HETATM 435 O O     . HOH C 2 .  ? -0.119  -1.058  -3.573  1.00 31.50 ? 127 HOH A O     1 
HETATM 436 O O     . HOH C 2 .  ? 4.374   -5.249  -2.393  1.00 30.22 ? 128 HOH A O     1 
HETATM 437 O O     . HOH C 2 .  ? 12.030  -3.531  -7.681  1.00 29.62 ? 129 HOH A O     1 
HETATM 438 O O     . HOH C 2 .  ? 3.763   -7.850  -2.092  1.00 25.74 ? 130 HOH A O     1 
HETATM 439 O O     . HOH C 2 .  ? 9.447   2.307   -2.204  1.00 29.54 ? 131 HOH A O     1 
HETATM 440 O O     . HOH C 2 .  ? 7.078   -7.948  -1.763  1.00 33.13 ? 132 HOH A O     1 
HETATM 441 O O     . HOH C 2 .  ? 13.787  -4.166  -4.605  1.00 33.63 ? 133 HOH A O     1 
HETATM 442 O O     . HOH C 2 .  ? 3.749   -10.862 0.989   1.00 27.68 ? 134 HOH A O     1 
HETATM 443 O O     . HOH C 2 .  ? -4.232  1.839   -13.328 1.00 29.30 ? 135 HOH A O     1 
HETATM 444 O O     . HOH C 2 .  ? -6.974  8.447   3.528   1.00 19.03 ? 136 HOH A O     1 
HETATM 445 O O     . HOH C 2 .  ? -8.149  7.717   5.961   1.00 32.20 ? 137 HOH A O     1 
HETATM 446 O O     . HOH C 2 .  ? 10.594  -8.895  -2.954  1.00 25.07 ? 138 HOH A O     1 
HETATM 447 O O     . HOH C 2 .  ? 10.140  -11.409 7.723   1.00 28.70 ? 139 HOH A O     1 
HETATM 448 O O     . HOH C 2 .  ? 5.416   -13.562 2.982   1.00 31.73 ? 140 HOH A O     1 
HETATM 449 O O     . HOH C 2 .  ? -15.339 5.925   4.236   0.50 26.07 ? 141 HOH A O     1 
HETATM 450 O O     . HOH C 2 .  ? -15.900 4.533   2.508   0.50 22.39 ? 142 HOH A O     1 
HETATM 451 O O     . HOH C 2 .  ? 5.167   -5.092  -4.808  0.50 21.67 ? 143 HOH A O     1 
HETATM 452 O O     . HOH D 2 .  ? -3.091  12.831  -0.840  1.00 17.82 ? 101 HOH B O     1 
HETATM 453 O O     . HOH D 2 .  ? 1.933   3.535   6.509   1.00 34.82 ? 102 HOH B O     1 
HETATM 454 O O     . HOH D 2 .  ? -0.001  0.857   4.019   1.00 17.37 ? 103 HOH B O     1 
HETATM 455 O O     . HOH D 2 .  ? -3.691  17.475  -11.006 1.00 23.47 ? 104 HOH B O     1 
HETATM 456 O O     . HOH D 2 .  ? -3.647  15.138  -5.310  1.00 20.44 ? 105 HOH B O     1 
HETATM 457 O O     . HOH D 2 .  ? -0.229  14.855  -11.728 1.00 27.01 ? 106 HOH B O     1 
HETATM 458 O O     . HOH D 2 .  ? 2.547   6.485   4.809   1.00 27.80 ? 107 HOH B O     1 
HETATM 459 O O     . HOH D 2 .  ? -4.699  -2.429  2.583   1.00 26.77 ? 108 HOH B O     1 
HETATM 460 O O     . HOH D 2 .  ? -3.497  -5.243  0.254   1.00 24.35 ? 109 HOH B O     1 
HETATM 461 O O     . HOH D 2 .  ? -0.838  -11.543 -1.643  0.60 24.98 ? 110 HOH B O     1 
HETATM 462 O O     . HOH D 2 .  ? 0.387   8.368   2.180   1.00 23.40 ? 111 HOH B O     1 
HETATM 463 O O     . HOH D 2 .  ? 6.326   12.188  3.870   1.00 34.53 ? 112 HOH B O     1 
HETATM 464 O O     . HOH D 2 .  ? -0.286  -7.096  8.427   1.00 17.44 ? 113 HOH B O     1 
HETATM 465 O O     . HOH D 2 .  ? -2.730  9.038   0.998   1.00 21.43 ? 114 HOH B O     1 
HETATM 466 O O     . HOH D 2 .  ? 1.525   6.119   2.116   1.00 22.19 ? 115 HOH B O     1 
HETATM 467 O O     . HOH D 2 .  ? 10.742  6.562   1.894   1.00 32.84 ? 116 HOH B O     1 
HETATM 468 O O     . HOH D 2 .  ? -9.580  12.215  -3.135  1.00 15.16 ? 117 HOH B O     1 
HETATM 469 O O     . HOH D 2 .  ? -3.134  13.620  -12.750 1.00 18.73 ? 118 HOH B O     1 
HETATM 470 O O     . HOH D 2 .  ? -9.097  11.361  -11.013 1.00 20.88 ? 119 HOH B O     1 
HETATM 471 O O     . HOH D 2 .  ? -12.741 -11.239 -1.077  1.00 25.93 ? 120 HOH B O     1 
HETATM 472 O O     . HOH D 2 .  ? -9.426  -1.965  1.448   1.00 42.18 ? 121 HOH B O     1 
HETATM 473 O O     . HOH D 2 .  ? -9.172  7.742   -6.932  1.00 30.56 ? 122 HOH B O     1 
HETATM 474 O O     . HOH D 2 .  ? 7.755   5.770   -4.065  1.00 19.84 ? 123 HOH B O     1 
HETATM 475 O O     . HOH D 2 .  ? 2.365   -7.384  9.142   1.00 17.41 ? 124 HOH B O     1 
HETATM 476 O O     . HOH D 2 .  ? 2.990   9.659   2.453   1.00 28.53 ? 125 HOH B O     1 
HETATM 477 O O     . HOH D 2 .  ? -11.420 -0.073  4.502   0.50 18.78 ? 126 HOH B O     1 
HETATM 478 O O     . HOH D 2 .  ? -4.893  -0.605  4.759   1.00 26.14 ? 127 HOH B O     1 
HETATM 479 O O     . HOH D 2 .  ? 1.573   12.526  0.044   1.00 28.67 ? 128 HOH B O     1 
HETATM 480 O O     . HOH D 2 .  ? -1.382  0.733   6.423   1.00 18.13 ? 129 HOH B O     1 
HETATM 481 O O     . HOH D 2 .  ? 2.163   -9.667  10.742  1.00 17.42 ? 130 HOH B O     1 
HETATM 482 O O     . HOH D 2 .  ? -0.925  11.090  -0.283  1.00 18.83 ? 131 HOH B O     1 
HETATM 483 O O     . HOH D 2 .  ? -0.497  -2.070  0.794   1.00 30.07 ? 132 HOH B O     1 
HETATM 484 O O     . HOH D 2 .  ? -6.189  -4.804  0.366   1.00 24.05 ? 133 HOH B O     1 
HETATM 485 O O     . HOH D 2 .  ? -12.233 -4.070  3.258   1.00 28.21 ? 134 HOH B O     1 
HETATM 486 O O     . HOH D 2 .  ? -11.118 -2.758  5.008   1.00 30.07 ? 135 HOH B O     1 
HETATM 487 O O     . HOH D 2 .  ? 5.344   1.973   12.896  1.00 32.38 ? 136 HOH B O     1 
HETATM 488 O O     . HOH D 2 .  ? -1.831  -6.298  10.553  1.00 29.40 ? 137 HOH B O     1 
HETATM 489 O O     . HOH D 2 .  ? -0.214  -6.807  -1.029  1.00 28.88 ? 138 HOH B O     1 
HETATM 490 O O     . HOH D 2 .  ? -3.081  -2.393  0.751   0.50 24.74 ? 139 HOH B O     1 
HETATM 491 O O     . HOH D 2 .  ? 3.733   15.793  -1.839  0.50 24.87 ? 140 HOH B O     1 
HETATM 492 O O     . HOH D 2 .  ? -9.572  -2.728  7.696   0.50 20.56 ? 141 HOH B O     1 
# 
loop_
_atom_site_anisotrop.id 
_atom_site_anisotrop.type_symbol 
_atom_site_anisotrop.pdbx_label_atom_id 
_atom_site_anisotrop.pdbx_label_alt_id 
_atom_site_anisotrop.pdbx_label_comp_id 
_atom_site_anisotrop.pdbx_label_asym_id 
_atom_site_anisotrop.pdbx_label_seq_id 
_atom_site_anisotrop.pdbx_PDB_ins_code 
_atom_site_anisotrop.U[1][1] 
_atom_site_anisotrop.U[2][2] 
_atom_site_anisotrop.U[3][3] 
_atom_site_anisotrop.U[1][2] 
_atom_site_anisotrop.U[1][3] 
_atom_site_anisotrop.U[2][3] 
_atom_site_anisotrop.pdbx_auth_seq_id 
_atom_site_anisotrop.pdbx_auth_comp_id 
_atom_site_anisotrop.pdbx_auth_asym_id 
_atom_site_anisotrop.pdbx_auth_atom_id 
1   O "O5'" . DG  A 1  ? 0.2791 0.2621 0.2070 -0.0095 -0.0223 0.0529  1   DG  A "O5'" 
2   C "C5'" . DG  A 1  ? 0.2380 0.2033 0.2244 -0.0166 -0.0240 0.0691  1   DG  A "C5'" 
3   C "C4'" . DG  A 1  ? 0.2365 0.2266 0.2128 0.0031  0.0053  0.0365  1   DG  A "C4'" 
4   O "O4'" . DG  A 1  ? 0.1836 0.2250 0.1892 -0.0166 0.0021  0.0177  1   DG  A "O4'" 
5   C "C3'" . DG  A 1  ? 0.2026 0.1941 0.1690 0.0171  -0.0190 0.0258  1   DG  A "C3'" 
6   O "O3'" . DG  A 1  ? 0.2100 0.1600 0.2293 -0.0005 0.0264  0.0193  1   DG  A "O3'" 
7   C "C2'" . DG  A 1  ? 0.1755 0.1850 0.1560 0.0007  -0.0080 0.0224  1   DG  A "C2'" 
8   C "C1'" . DG  A 1  ? 0.1900 0.1914 0.1326 -0.0005 0.0105  0.0244  1   DG  A "C1'" 
9   N N9    . DG  A 1  ? 0.1493 0.1873 0.1550 0.0224  0.0078  0.0006  1   DG  A N9    
10  C C8    . DG  A 1  ? 0.1409 0.1578 0.1639 0.0186  0.0066  -0.0020 1   DG  A C8    
11  N N7    . DG  A 1  ? 0.1851 0.1707 0.1724 0.0057  0.0074  0.0156  1   DG  A N7    
12  C C5    . DG  A 1  ? 0.1508 0.1381 0.1545 0.0172  0.0113  -0.0094 1   DG  A C5    
13  C C6    . DG  A 1  ? 0.1709 0.1483 0.1598 0.0145  -0.0035 0.0185  1   DG  A C6    
14  O O6    . DG  A 1  ? 0.1718 0.1925 0.1704 0.0091  0.0011  0.0086  1   DG  A O6    
15  N N1    . DG  A 1  ? 0.1429 0.1317 0.1617 0.0133  0.0009  -0.0108 1   DG  A N1    
16  C C2    . DG  A 1  ? 0.1488 0.1303 0.1665 0.0116  0.0037  -0.0044 1   DG  A C2    
17  N N2    . DG  A 1  ? 0.1711 0.1699 0.1408 0.0186  0.0028  -0.0216 1   DG  A N2    
18  N N3    . DG  A 1  ? 0.1380 0.1603 0.1633 0.0308  0.0176  0.0076  1   DG  A N3    
19  C C4    . DG  A 1  ? 0.1200 0.1821 0.1632 0.0187  0.0087  -0.0181 1   DG  A C4    
20  P P     . DC  A 2  ? 0.2029 0.1766 0.2392 -0.0020 0.0024  0.0370  2   DC  A P     
21  O OP1   . DC  A 2  ? 0.2248 0.1965 0.2805 0.0092  -0.0028 0.0384  2   DC  A OP1   
22  O OP2   . DC  A 2  ? 0.2267 0.1784 0.2452 -0.0311 0.0128  0.0428  2   DC  A OP2   
23  O "O5'" . DC  A 2  ? 0.1966 0.1783 0.2074 0.0201  0.0008  0.0087  2   DC  A "O5'" 
24  C "C5'" . DC  A 2  ? 0.2109 0.2655 0.1320 -0.0167 -0.0029 0.0222  2   DC  A "C5'" 
25  C "C4'" . DC  A 2  ? 0.1881 0.1686 0.1853 0.0047  0.0353  0.0132  2   DC  A "C4'" 
26  O "O4'" . DC  A 2  ? 0.1727 0.1539 0.2056 0.0054  0.0432  0.0191  2   DC  A "O4'" 
27  C "C3'" . DC  A 2  ? 0.2328 0.1675 0.2503 0.0379  0.0120  0.0143  2   DC  A "C3'" 
28  O "O3'" . DC  A 2  ? 0.2377 0.1899 0.2661 -0.0043 -0.0058 0.0116  2   DC  A "O3'" 
29  C "C2'" . DC  A 2  ? 0.1885 0.1305 0.2295 0.0384  0.0356  -0.0020 2   DC  A "C2'" 
30  C "C1'" . DC  A 2  ? 0.1590 0.1680 0.1450 -0.0258 0.0107  -0.0066 2   DC  A "C1'" 
31  N N1    . DC  A 2  ? 0.1423 0.1218 0.1607 0.0013  -0.0031 0.0209  2   DC  A N1    
32  C C2    . DC  A 2  ? 0.1349 0.1359 0.1904 -0.0126 0.0187  0.0131  2   DC  A C2    
33  O O2    . DC  A 2  ? 0.1585 0.1909 0.1930 0.0029  0.0188  -0.0034 2   DC  A O2    
34  N N3    . DC  A 2  ? 0.1583 0.1543 0.1619 0.0184  -0.0010 0.0166  2   DC  A N3    
35  C C4    . DC  A 2  ? 0.1643 0.1134 0.1786 0.0212  -0.0054 0.0025  2   DC  A C4    
36  N N4    . DC  A 2  ? 0.1864 0.1377 0.2062 0.0128  -0.0071 -0.0159 2   DC  A N4    
37  C C5    . DC  A 2  ? 0.1319 0.1460 0.2086 0.0339  0.0143  0.0079  2   DC  A C5    
38  C C6    . DC  A 2  ? 0.1463 0.1406 0.1522 0.0338  0.0156  0.0166  2   DC  A C6    
39  P P     . DG  A 3  ? 0.2664 0.2336 0.3120 0.0134  0.0397  0.0042  3   DG  A P     
40  O OP1   . DG  A 3  ? 0.2963 0.3295 0.3335 -0.0456 0.0404  -0.0084 3   DG  A OP1   
41  O OP2   . DG  A 3  ? 0.3031 0.2255 0.3367 0.0759  0.0296  0.0422  3   DG  A OP2   
42  O "O5'" . DG  A 3  ? 0.2760 0.2134 0.2574 0.0150  0.0230  -0.0272 3   DG  A "O5'" 
43  C "C5'" . DG  A 3  ? 0.2427 0.2344 0.1828 -0.0171 0.0090  0.0022  3   DG  A "C5'" 
44  C "C4'" . DG  A 3  ? 0.1269 0.1996 0.2186 -0.0039 0.0175  -0.0375 3   DG  A "C4'" 
45  O "O4'" . DG  A 3  ? 0.1458 0.2270 0.2293 -0.0139 0.0082  -0.0332 3   DG  A "O4'" 
46  C "C3'" . DG  A 3  ? 0.1331 0.2114 0.1841 -0.0058 0.0335  -0.0199 3   DG  A "C3'" 
47  O "O3'" . DG  A 3  ? 0.1853 0.2242 0.2274 0.0153  -0.0080 -0.0519 3   DG  A "O3'" 
48  C "C2'" . DG  A 3  ? 0.1607 0.2052 0.1916 0.0130  0.0202  -0.0333 3   DG  A "C2'" 
49  C "C1'" . DG  A 3  ? 0.1252 0.2013 0.1670 -0.0053 0.0047  -0.0100 3   DG  A "C1'" 
50  N N9    . DG  A 3  ? 0.1417 0.1831 0.1800 -0.0024 0.0022  -0.0157 3   DG  A N9    
51  C C8    . DG  A 3  ? 0.1596 0.1371 0.1727 0.0335  0.0111  -0.0144 3   DG  A C8    
52  N N7    . DG  A 3  ? 0.1285 0.1392 0.1789 0.0288  0.0159  0.0091  3   DG  A N7    
53  C C5    . DG  A 3  ? 0.1229 0.1401 0.1519 0.0259  0.0238  -0.0115 3   DG  A C5    
54  C C6    . DG  A 3  ? 0.1473 0.1110 0.1555 0.0242  0.0012  0.0169  3   DG  A C6    
55  O O6    . DG  A 3  ? 0.1675 0.1874 0.1496 0.0022  -0.0060 -0.0024 3   DG  A O6    
56  N N1    . DG  A 3  ? 0.1503 0.1185 0.1427 0.0279  0.0265  0.0071  3   DG  A N1    
57  C C2    . DG  A 3  ? 0.1336 0.1122 0.1425 0.0104  -0.0053 0.0071  3   DG  A C2    
58  N N2    . DG  A 3  ? 0.1608 0.1080 0.1964 0.0225  0.0097  0.0021  3   DG  A N2    
59  N N3    . DG  A 3  ? 0.1520 0.1648 0.1584 0.0160  -0.0014 0.0121  3   DG  A N3    
60  C C4    . DG  A 3  ? 0.1435 0.1363 0.1759 0.0154  0.0120  -0.0142 3   DG  A C4    
61  P P     . DT  A 4  ? 0.1794 0.2069 0.2321 0.0056  -0.0022 -0.0463 4   DT  A P     
62  O OP1   . DT  A 4  ? 0.2087 0.2743 0.2601 0.0280  0.0149  -0.0552 4   DT  A OP1   
63  O OP2   . DT  A 4  ? 0.2041 0.1934 0.2804 -0.0078 0.0071  -0.0446 4   DT  A OP2   
64  O "O5'" . DT  A 4  ? 0.1447 0.1892 0.2066 0.0028  0.0110  -0.0112 4   DT  A "O5'" 
65  C "C5'" . DT  A 4  ? 0.1772 0.1971 0.2126 -0.0245 0.0148  -0.0085 4   DT  A "C5'" 
66  C "C4'" . DT  A 4  ? 0.1726 0.1523 0.2071 0.0335  -0.0053 -0.0192 4   DT  A "C4'" 
67  O "O4'" . DT  A 4  ? 0.1539 0.1886 0.1727 0.0253  -0.0185 -0.0248 4   DT  A "O4'" 
68  C "C3'" . DT  A 4  ? 0.1570 0.1840 0.1807 0.0238  -0.0269 -0.0194 4   DT  A "C3'" 
69  O "O3'" . DT  A 4  ? 0.1698 0.2021 0.1796 0.0003  -0.0258 -0.0331 4   DT  A "O3'" 
70  C "C2'" . DT  A 4  ? 0.1663 0.1534 0.1542 0.0546  -0.0143 -0.0268 4   DT  A "C2'" 
71  C "C1'" . DT  A 4  ? 0.1499 0.1850 0.1272 0.0598  -0.0077 -0.0037 4   DT  A "C1'" 
72  N N1    . DT  A 4  ? 0.1348 0.1668 0.1443 0.0173  -0.0122 0.0021  4   DT  A N1    
73  C C2    . DT  A 4  ? 0.1416 0.1349 0.1726 0.0153  -0.0026 -0.0207 4   DT  A C2    
74  O O2    . DT  A 4  ? 0.1635 0.1656 0.1671 -0.0065 -0.0053 0.0213  4   DT  A O2    
75  N N3    . DT  A 4  ? 0.1370 0.1430 0.1639 0.0033  0.0193  -0.0067 4   DT  A N3    
76  C C4    . DT  A 4  ? 0.1567 0.1203 0.1881 0.0139  -0.0036 0.0071  4   DT  A C4    
77  O O4    . DT  A 4  ? 0.1831 0.1434 0.1791 0.0024  -0.0174 -0.0072 4   DT  A O4    
78  C C5    . DT  A 4  ? 0.1490 0.1528 0.1841 0.0242  -0.0102 0.0396  4   DT  A C5    
79  C C7    . DT  A 4  ? 0.1734 0.1647 0.2048 -0.0326 0.0048  -0.0005 4   DT  A C7    
80  C C6    . DT  A 4  ? 0.1520 0.1422 0.1804 0.0302  0.0001  0.0181  4   DT  A C6    
81  P P     . DA  A 5  ? 0.1720 0.2034 0.2011 0.0070  -0.0038 -0.0243 5   DA  A P     
82  O OP1   . DA  A 5  ? 0.2254 0.2435 0.2227 -0.0162 -0.0178 -0.0478 5   DA  A OP1   
83  O OP2   . DA  A 5  ? 0.1752 0.1962 0.3051 -0.0234 0.0219  -0.0313 5   DA  A OP2   
84  O "O5'" . DA  A 5  ? 0.1586 0.2028 0.1945 0.0237  0.0063  -0.0336 5   DA  A "O5'" 
85  C "C5'" . DA  A 5  ? 0.1705 0.1617 0.1971 0.0179  -0.0039 -0.0210 5   DA  A "C5'" 
86  C "C4'" . DA  A 5  ? 0.1789 0.1460 0.1651 0.0320  -0.0052 0.0103  5   DA  A "C4'" 
87  O "O4'" . DA  A 5  ? 0.1592 0.1618 0.1531 0.0115  0.0055  0.0068  5   DA  A "O4'" 
88  C "C3'" . DA  A 5  ? 0.1735 0.2164 0.1645 0.0377  0.0239  -0.0062 5   DA  A "C3'" 
89  O "O3'" . DA  A 5  ? 0.2323 0.2104 0.1849 0.0489  0.0221  0.0246  5   DA  A "O3'" 
90  C "C2'" . DA  A 5  ? 0.1844 0.1864 0.1665 0.0235  0.0113  0.0036  5   DA  A "C2'" 
91  C "C1'" . DA  A 5  ? 0.1504 0.1608 0.1475 0.0179  0.0172  0.0073  5   DA  A "C1'" 
92  N N9    . DA  A 5  ? 0.1674 0.1641 0.1739 0.0062  0.0060  -0.0089 5   DA  A N9    
93  C C8    . DA  A 5  ? 0.1911 0.1796 0.1603 0.0247  0.0370  -0.0049 5   DA  A C8    
94  N N7    . DA  A 5  ? 0.1834 0.1443 0.1647 0.0257  0.0121  -0.0209 5   DA  A N7    
95  C C5    . DA  A 5  ? 0.1666 0.1240 0.1776 -0.0047 0.0109  0.0118  5   DA  A C5    
96  C C6    . DA  A 5  ? 0.1801 0.1455 0.1656 -0.0238 0.0093  0.0130  5   DA  A C6    
97  N N6    . DA  A 5  ? 0.2203 0.1537 0.1556 -0.0051 0.0429  0.0123  5   DA  A N6    
98  N N1    . DA  A 5  ? 0.1627 0.1576 0.1704 -0.0108 0.0178  0.0099  5   DA  A N1    
99  C C2    . DA  A 5  ? 0.1954 0.1320 0.1377 0.0409  0.0142  0.0220  5   DA  A C2    
100 N N3    . DA  A 5  ? 0.1734 0.1479 0.1715 0.0108  -0.0001 0.0017  5   DA  A N3    
101 C C4    . DA  A 5  ? 0.1659 0.1497 0.1871 0.0314  0.0000  0.0116  5   DA  A C4    
102 P P     . RCE A 6  ? 0.2408 0.2196 0.2060 0.0433  0.0026  -0.0143 6   RCE A P     
103 N N1    . RCE A 6  ? 0.2255 0.2137 0.1684 0.0127  0.0265  0.0277  6   RCE A N1    
104 C C2    . RCE A 6  ? 0.2542 0.2014 0.1987 0.0198  0.0085  -0.0040 6   RCE A C2    
105 O O2    . RCE A 6  ? 0.2687 0.2016 0.1876 0.0219  0.0299  -0.0017 6   RCE A O2    
106 N N3    . RCE A 6  ? 0.1952 0.1719 0.1624 0.0225  0.0062  0.0097  6   RCE A N3    
107 C C4    . RCE A 6  ? 0.2014 0.1618 0.1653 0.0344  0.0235  0.0225  6   RCE A C4    
108 O O4    . RCE A 6  ? 0.1948 0.2170 0.1654 0.0327  -0.0108 0.0287  6   RCE A O4    
109 C C5    . RCE A 6  ? 0.2227 0.1462 0.1366 0.0184  0.0056  0.0189  6   RCE A C5    
110 C C6    . RCE A 6  ? 0.1912 0.1662 0.1782 0.0220  0.0111  0.0140  6   RCE A C6    
111 C "C1'" . RCE A 6  ? 0.2227 0.2062 0.1570 0.0003  0.0127  0.0177  6   RCE A "C1'" 
112 O O1P   . RCE A 6  ? 0.2924 0.2844 0.2346 0.0878  0.0121  0.0094  6   RCE A O1P   
113 C "C2'" . RCE A 6  ? 0.2365 0.2083 0.2152 0.0249  0.0309  0.0083  6   RCE A "C2'" 
114 O O2A   . RCE A 6  ? 0.2543 0.2636 0.1918 0.0285  -0.0033 0.0521  6   RCE A O2A   
115 O O2P   . RCE A 6  ? 0.2869 0.1749 0.2938 0.0555  0.0332  0.0059  6   RCE A O2P   
116 C "C3'" . RCE A 6  ? 0.2521 0.1796 0.1634 0.0438  0.0215  0.0251  6   RCE A "C3'" 
117 O "O3'" . RCE A 6  ? 0.2386 0.2560 0.1807 0.0285  0.0533  0.0257  6   RCE A "O3'" 
118 C "C4'" . RCE A 6  ? 0.2834 0.2290 0.2068 0.0232  0.0012  0.0334  6   RCE A "C4'" 
119 O "O4'" . RCE A 6  ? 0.2691 0.2536 0.1886 0.0335  0.0352  0.0449  6   RCE A "O4'" 
120 C "C5'" . RCE A 6  ? 0.2001 0.3013 0.1621 0.0272  -0.0267 0.0250  6   RCE A "C5'" 
121 O "O5'" . RCE A 6  ? 0.2175 0.2310 0.1657 0.0380  -0.0152 0.0368  6   RCE A "O5'" 
122 C "C6'" . RCE A 6  ? 0.2751 0.2933 0.1831 0.0042  -0.0062 0.0669  6   RCE A "C6'" 
123 C "C7'" . RCE A 6  ? 0.2648 0.2714 0.2682 0.0206  0.0089  0.0617  6   RCE A "C7'" 
124 P P     . DA  A 7  ? 0.2069 0.2301 0.1896 0.0242  0.0029  -0.0173 7   DA  A P     
125 O OP1   . DA  A 7  ? 0.2675 0.2392 0.1896 0.0561  0.0068  -0.0208 7   DA  A OP1   
126 O OP2   . DA  A 7  ? 0.2387 0.2675 0.2516 -0.0183 0.0014  -0.0361 7   DA  A OP2   
127 O "O5'" . DA  A 7  ? 0.1890 0.2618 0.1468 0.0197  -0.0169 -0.0091 7   DA  A "O5'" 
128 C "C5'" . DA  A 7  ? 0.1488 0.2611 0.1323 0.0382  -0.0026 0.0164  7   DA  A "C5'" 
129 C "C4'" . DA  A 7  ? 0.1781 0.1961 0.1568 0.0132  0.0064  0.0151  7   DA  A "C4'" 
130 O "O4'" . DA  A 7  ? 0.1662 0.2063 0.1696 0.0292  0.0092  0.0140  7   DA  A "O4'" 
131 C "C3'" . DA  A 7  ? 0.1839 0.1566 0.2182 0.0136  0.0149  0.0163  7   DA  A "C3'" 
132 O "O3'" . DA  A 7  ? 0.1530 0.2239 0.2270 0.0275  0.0167  -0.0061 7   DA  A "O3'" 
133 C "C2'" . DA  A 7  ? 0.1995 0.1852 0.1745 0.0305  0.0108  0.0259  7   DA  A "C2'" 
134 C "C1'" . DA  A 7  ? 0.1888 0.2087 0.1659 0.0187  0.0170  0.0154  7   DA  A "C1'" 
135 N N9    . DA  A 7  ? 0.1708 0.1531 0.1446 0.0164  -0.0034 0.0312  7   DA  A N9    
136 C C8    . DA  A 7  ? 0.1644 0.1749 0.1582 -0.0173 0.0014  0.0352  7   DA  A C8    
137 N N7    . DA  A 7  ? 0.1823 0.1586 0.1688 0.0462  0.0066  0.0230  7   DA  A N7    
138 C C5    . DA  A 7  ? 0.1442 0.1494 0.1590 0.0090  -0.0066 0.0187  7   DA  A C5    
139 C C6    . DA  A 7  ? 0.1337 0.1118 0.1371 0.0034  -0.0092 0.0101  7   DA  A C6    
140 N N6    . DA  A 7  ? 0.1671 0.1456 0.1557 0.0159  -0.0264 0.0000  7   DA  A N6    
141 N N1    . DA  A 7  ? 0.1438 0.1413 0.1372 0.0150  -0.0050 0.0082  7   DA  A N1    
142 C C2    . DA  A 7  ? 0.1430 0.1331 0.1832 -0.0017 -0.0150 0.0456  7   DA  A C2    
143 N N3    . DA  A 7  ? 0.1309 0.1433 0.1460 -0.0051 -0.0150 0.0140  7   DA  A N3    
144 C C4    . DA  A 7  ? 0.1655 0.1344 0.1590 -0.0099 0.0002  0.0052  7   DA  A C4    
145 P P     . DC  A 8  ? 0.2214 0.2114 0.2225 0.0416  0.0218  -0.0024 8   DC  A P     
146 O OP1   . DC  A 8  ? 0.2475 0.2497 0.2937 0.0638  0.0548  0.0234  8   DC  A OP1   
147 O OP2   . DC  A 8  ? 0.2640 0.2240 0.2245 0.0399  0.0065  -0.0278 8   DC  A OP2   
148 O "O5'" . DC  A 8  ? 0.1557 0.2200 0.2045 0.0198  0.0199  -0.0012 8   DC  A "O5'" 
149 C "C5'" . DC  A 8  ? 0.1535 0.2608 0.1775 0.0013  -0.0210 0.0046  8   DC  A "C5'" 
150 C "C4'" . DC  A 8  ? 0.1813 0.1853 0.1977 -0.0075 -0.0067 0.0293  8   DC  A "C4'" 
151 O "O4'" . DC  A 8  ? 0.1342 0.1561 0.2123 -0.0146 -0.0053 0.0161  8   DC  A "O4'" 
152 C "C3'" . DC  A 8  ? 0.1776 0.1721 0.2153 0.0254  0.0053  0.0117  8   DC  A "C3'" 
153 O "O3'" . DC  A 8  ? 0.1652 0.1700 0.2347 0.0001  0.0205  0.0017  8   DC  A "O3'" 
154 C "C2'" . DC  A 8  ? 0.1588 0.1445 0.2076 -0.0048 -0.0024 0.0128  8   DC  A "C2'" 
155 C "C1'" . DC  A 8  ? 0.1591 0.1673 0.1804 -0.0206 -0.0022 0.0229  8   DC  A "C1'" 
156 N N1    . DC  A 8  ? 0.1359 0.1500 0.1559 -0.0056 -0.0036 -0.0046 8   DC  A N1    
157 C C2    . DC  A 8  ? 0.1654 0.1441 0.1925 -0.0235 0.0128  -0.0040 8   DC  A C2    
158 O O2    . DC  A 8  ? 0.1339 0.1513 0.1681 -0.0166 -0.0070 -0.0068 8   DC  A O2    
159 N N3    . DC  A 8  ? 0.1419 0.1601 0.1788 -0.0122 -0.0043 0.0040  8   DC  A N3    
160 C C4    . DC  A 8  ? 0.1721 0.1629 0.1823 0.0001  -0.0053 0.0053  8   DC  A C4    
161 N N4    . DC  A 8  ? 0.1777 0.1786 0.1965 0.0124  -0.0122 0.0251  8   DC  A N4    
162 C C5    . DC  A 8  ? 0.1602 0.1801 0.2024 0.0013  0.0049  -0.0357 8   DC  A C5    
163 C C6    . DC  A 8  ? 0.1884 0.1544 0.1676 0.0139  -0.0008 -0.0029 8   DC  A C6    
164 P P     . DG  A 9  ? 0.1733 0.1738 0.2443 -0.0031 0.0075  0.0111  9   DG  A P     
165 O OP1   . DG  A 9  ? 0.1899 0.2144 0.3346 -0.0137 -0.0088 0.0326  9   DG  A OP1   
166 O OP2   . DG  A 9  ? 0.2144 0.2321 0.2700 -0.0244 0.0095  -0.0122 9   DG  A OP2   
167 O "O5'" . DG  A 9  ? 0.1637 0.1328 0.2205 -0.0230 0.0116  -0.0081 9   DG  A "O5'" 
168 C "C5'" . DG  A 9  ? 0.1291 0.1776 0.1932 -0.0024 0.0119  0.0106  9   DG  A "C5'" 
169 C "C4'" . DG  A 9  ? 0.1706 0.1446 0.2130 -0.0307 -0.0074 0.0283  9   DG  A "C4'" 
170 O "O4'" . DG  A 9  ? 0.1594 0.1487 0.2069 0.0006  -0.0059 0.0134  9   DG  A "O4'" 
171 C "C3'" . DG  A 9  ? 0.1390 0.1493 0.2137 -0.0082 -0.0106 0.0201  9   DG  A "C3'" 
172 O "O3'" . DG  A 9  ? 0.1567 0.1351 0.2026 -0.0281 -0.0213 0.0153  9   DG  A "O3'" 
173 C "C2'" . DG  A 9  ? 0.1848 0.1076 0.1868 0.0180  0.0219  0.0210  9   DG  A "C2'" 
174 C "C1'" . DG  A 9  ? 0.1464 0.1845 0.1816 0.0038  0.0126  -0.0110 9   DG  A "C1'" 
175 N N9    . DG  A 9  ? 0.1622 0.1382 0.1500 -0.0027 -0.0066 -0.0049 9   DG  A N9    
176 C C8    . DG  A 9  ? 0.1371 0.1572 0.1584 -0.0271 -0.0118 -0.0313 9   DG  A C8    
177 N N7    . DG  A 9  ? 0.1390 0.1457 0.1760 -0.0055 -0.0036 0.0071  9   DG  A N7    
178 C C5    . DG  A 9  ? 0.1546 0.1392 0.1377 -0.0167 -0.0032 0.0025  9   DG  A C5    
179 C C6    . DG  A 9  ? 0.1477 0.1408 0.1616 -0.0166 -0.0030 0.0060  9   DG  A C6    
180 O O6    . DG  A 9  ? 0.1817 0.1783 0.1548 -0.0191 -0.0125 0.0022  9   DG  A O6    
181 N N1    . DG  A 9  ? 0.1620 0.1310 0.1743 0.0019  0.0193  0.0089  9   DG  A N1    
182 C C2    . DG  A 9  ? 0.1678 0.1119 0.2010 -0.0080 -0.0069 0.0002  9   DG  A C2    
183 N N2    . DG  A 9  ? 0.1285 0.1365 0.1814 -0.0111 0.0138  0.0010  9   DG  A N2    
184 N N3    . DG  A 9  ? 0.1683 0.1537 0.1906 -0.0143 0.0102  0.0198  9   DG  A N3    
185 C C4    . DG  A 9  ? 0.1585 0.1317 0.1612 0.0034  -0.0048 -0.0065 9   DG  A C4    
186 P P     . DC  A 10 ? 0.1739 0.1664 0.1931 0.0057  -0.0073 0.0028  10  DC  A P     
187 O OP1   . DC  A 10 ? 0.1827 0.2272 0.1949 -0.0242 -0.0194 0.0052  10  DC  A OP1   
188 O OP2   . DC  A 10 ? 0.2169 0.1812 0.1808 0.0031  -0.0066 0.0107  10  DC  A OP2   
189 O "O5'" . DC  A 10 ? 0.1639 0.2007 0.1614 -0.0118 0.0087  0.0151  10  DC  A "O5'" 
190 C "C5'" . DC  A 10 ? 0.1715 0.2047 0.1662 -0.0088 0.0076  -0.0198 10  DC  A "C5'" 
191 C "C4'" . DC  A 10 ? 0.1574 0.1551 0.1982 -0.0128 0.0170  0.0189  10  DC  A "C4'" 
192 O "O4'" . DC  A 10 ? 0.1634 0.1311 0.1649 -0.0003 -0.0049 0.0089  10  DC  A "O4'" 
193 C "C3'" . DC  A 10 ? 0.1707 0.1315 0.1805 0.0074  -0.0078 0.0372  10  DC  A "C3'" 
194 O "O3'" . DC  A 10 ? 0.1816 0.1570 0.1438 -0.0251 0.0058  0.0033  10  DC  A "O3'" 
195 C "C2'" . DC  A 10 ? 0.1778 0.1441 0.1865 0.0074  -0.0158 0.0594  10  DC  A "C2'" 
196 C "C1'" . DC  A 10 ? 0.1432 0.1339 0.1372 -0.0072 0.0014  0.0223  10  DC  A "C1'" 
197 N N1    . DC  A 10 ? 0.1572 0.1599 0.1454 -0.0049 0.0010  0.0065  10  DC  A N1    
198 C C2    . DC  A 10 ? 0.1216 0.1435 0.1385 0.0045  0.0039  0.0025  10  DC  A C2    
199 O O2    . DC  A 10 ? 0.1391 0.1569 0.1804 0.0099  0.0005  0.0224  10  DC  A O2    
200 N N3    . DC  A 10 ? 0.1328 0.1323 0.1546 0.0103  0.0328  -0.0127 10  DC  A N3    
201 C C4    . DC  A 10 ? 0.1201 0.1443 0.1536 0.0023  -0.0040 -0.0277 10  DC  A C4    
202 N N4    . DC  A 10 ? 0.1982 0.1544 0.1657 -0.0208 0.0090  0.0043  10  DC  A N4    
203 C C5    . DC  A 10 ? 0.1546 0.1501 0.1318 -0.0059 -0.0128 -0.0072 10  DC  A C5    
204 C C6    . DC  A 10 ? 0.1829 0.1303 0.1698 0.0061  0.0053  -0.0090 10  DC  A C6    
205 O "O5'" . DG  B 1  ? 0.3327 0.3956 0.2470 0.0446  0.0114  0.0467  1   DG  B "O5'" 
206 C "C5'" . DG  B 1  ? 0.2970 0.3280 0.2736 0.0407  -0.0327 0.0753  1   DG  B "C5'" 
207 C "C4'" . DG  B 1  ? 0.2994 0.3001 0.2211 0.0044  -0.0457 0.0351  1   DG  B "C4'" 
208 O "O4'" . DG  B 1  ? 0.2402 0.2745 0.2279 -0.0024 -0.0388 -0.0371 1   DG  B "O4'" 
209 C "C3'" . DG  B 1  ? 0.2385 0.2257 0.1893 -0.0112 0.0068  0.0343  1   DG  B "C3'" 
210 O "O3'" . DG  B 1  ? 0.2310 0.2336 0.2251 0.0052  -0.0268 0.0311  1   DG  B "O3'" 
211 C "C2'" . DG  B 1  ? 0.2103 0.2200 0.2006 -0.0003 -0.0047 0.0011  1   DG  B "C2'" 
212 C "C1'" . DG  B 1  ? 0.1969 0.2255 0.2114 0.0103  -0.0254 0.0050  1   DG  B "C1'" 
213 N N9    . DG  B 1  ? 0.2264 0.2203 0.1661 0.0216  -0.0069 0.0138  1   DG  B N9    
214 C C8    . DG  B 1  ? 0.2240 0.2766 0.1982 0.0264  0.0050  -0.0203 1   DG  B C8    
215 N N7    . DG  B 1  ? 0.2257 0.2596 0.1822 0.0317  0.0011  0.0230  1   DG  B N7    
216 C C5    . DG  B 1  ? 0.1846 0.2039 0.1574 -0.0207 0.0184  0.0082  1   DG  B C5    
217 C C6    . DG  B 1  ? 0.1774 0.1493 0.1673 0.0186  0.0182  0.0172  1   DG  B C6    
218 O O6    . DG  B 1  ? 0.1751 0.1903 0.1879 0.0271  0.0095  0.0246  1   DG  B O6    
219 N N1    . DG  B 1  ? 0.1626 0.1571 0.1646 0.0159  0.0164  0.0108  1   DG  B N1    
220 C C2    . DG  B 1  ? 0.1842 0.1561 0.1926 0.0032  -0.0019 -0.0029 1   DG  B C2    
221 N N2    . DG  B 1  ? 0.1939 0.1722 0.1624 -0.0002 -0.0086 0.0202  1   DG  B N2    
222 N N3    . DG  B 1  ? 0.1990 0.1890 0.1941 -0.0034 -0.0126 0.0039  1   DG  B N3    
223 C C4    . DG  B 1  ? 0.1946 0.1836 0.2156 0.0125  -0.0116 0.0074  1   DG  B C4    
224 P P     . DC  B 2  ? 0.2322 0.2501 0.2315 0.0280  -0.0124 0.0496  2   DC  B P     
225 O OP1   . DC  B 2  ? 0.3023 0.2403 0.2873 0.0553  0.0339  0.0514  2   DC  B OP1   
226 O OP2   . DC  B 2  ? 0.2852 0.2824 0.2793 0.0152  -0.0220 0.0722  2   DC  B OP2   
227 O "O5'" . DC  B 2  ? 0.2357 0.2120 0.2101 0.0239  -0.0082 0.0561  2   DC  B "O5'" 
228 C "C5'" . DC  B 2  ? 0.1950 0.2819 0.1823 -0.0108 0.0015  0.0150  2   DC  B "C5'" 
229 C "C4'" . DC  B 2  ? 0.2347 0.1833 0.2252 0.0244  -0.0382 0.0340  2   DC  B "C4'" 
230 O "O4'" . DC  B 2  ? 0.1619 0.1734 0.2243 -0.0054 -0.0067 0.0171  2   DC  B "O4'" 
231 C "C3'" . DC  B 2  ? 0.2322 0.1957 0.2149 0.0139  -0.0036 0.0465  2   DC  B "C3'" 
232 O "O3'" . DC  B 2  ? 0.2154 0.2659 0.2293 0.0088  0.0413  0.0093  2   DC  B "O3'" 
233 C "C2'" . DC  B 2  ? 0.1699 0.1397 0.1880 -0.0091 0.0122  0.0323  2   DC  B "C2'" 
234 C "C1'" . DC  B 2  ? 0.1734 0.1653 0.1901 -0.0024 -0.0277 -0.0090 2   DC  B "C1'" 
235 N N1    . DC  B 2  ? 0.1356 0.1387 0.1767 -0.0054 -0.0022 -0.0019 2   DC  B N1    
236 C C2    . DC  B 2  ? 0.1628 0.1554 0.1632 0.0050  0.0017  0.0088  2   DC  B C2    
237 O O2    . DC  B 2  ? 0.1478 0.1660 0.1683 0.0079  0.0069  0.0218  2   DC  B O2    
238 N N3    . DC  B 2  ? 0.1570 0.1737 0.1696 0.0024  0.0103  -0.0030 2   DC  B N3    
239 C C4    . DC  B 2  ? 0.1603 0.1710 0.1791 -0.0041 0.0034  0.0302  2   DC  B C4    
240 N N4    . DC  B 2  ? 0.1582 0.2104 0.2040 0.0178  0.0199  0.0078  2   DC  B N4    
241 C C5    . DC  B 2  ? 0.1631 0.1763 0.1614 -0.0299 0.0253  0.0105  2   DC  B C5    
242 C C6    . DC  B 2  ? 0.1684 0.1439 0.2026 -0.0021 0.0342  0.0057  2   DC  B C6    
243 P P     . DG  B 3  ? 0.2733 0.2260 0.2855 0.0412  -0.0057 0.0201  3   DG  B P     
244 O OP1   . DG  B 3  ? 0.3913 0.3093 0.2835 0.1219  0.0146  0.0748  3   DG  B OP1   
245 O OP2   . DG  B 3  ? 0.2729 0.2249 0.2930 -0.0310 -0.0563 0.0404  3   DG  B OP2   
246 O "O5'" . DG  B 3  ? 0.2495 0.2291 0.2273 0.0159  0.0191  0.0228  3   DG  B "O5'" 
247 C "C5'" . DG  B 3  ? 0.2674 0.2441 0.2606 0.0249  0.0221  0.0135  3   DG  B "C5'" 
248 C "C4'" . DG  B 3  ? 0.1459 0.1530 0.2651 -0.0037 0.0531  -0.0502 3   DG  B "C4'" 
249 O "O4'" . DG  B 3  ? 0.1221 0.2031 0.2684 -0.0109 0.0368  -0.0465 3   DG  B "O4'" 
250 C "C3'" . DG  B 3  ? 0.1605 0.1673 0.2533 -0.0055 0.0227  -0.0319 3   DG  B "C3'" 
251 O "O3'" . DG  B 3  ? 0.1838 0.1837 0.2277 -0.0128 0.0168  -0.0132 3   DG  B "O3'" 
252 C "C2'" . DG  B 3  ? 0.2028 0.1493 0.2770 0.0212  -0.0154 -0.0013 3   DG  B "C2'" 
253 C "C1'" . DG  B 3  ? 0.1376 0.1932 0.2165 0.0032  0.0055  0.0014  3   DG  B "C1'" 
254 N N9    . DG  B 3  ? 0.1578 0.1537 0.1701 -0.0032 -0.0082 -0.0127 3   DG  B N9    
255 C C8    . DG  B 3  ? 0.1895 0.1403 0.1611 -0.0057 0.0127  -0.0031 3   DG  B C8    
256 N N7    . DG  B 3  ? 0.1414 0.1510 0.1827 -0.0075 -0.0267 0.0082  3   DG  B N7    
257 C C5    . DG  B 3  ? 0.1366 0.1159 0.1690 -0.0001 -0.0053 -0.0171 3   DG  B C5    
258 C C6    . DG  B 3  ? 0.1393 0.1402 0.1701 0.0039  0.0091  0.0042  3   DG  B C6    
259 O O6    . DG  B 3  ? 0.1809 0.1558 0.1996 0.0117  -0.0086 0.0015  3   DG  B O6    
260 N N1    . DG  B 3  ? 0.1591 0.1505 0.1321 -0.0063 -0.0147 -0.0068 3   DG  B N1    
261 C C2    . DG  B 3  ? 0.1554 0.1146 0.1323 0.0021  -0.0076 -0.0065 3   DG  B C2    
262 N N2    . DG  B 3  ? 0.1518 0.1288 0.1815 -0.0147 -0.0189 0.0263  3   DG  B N2    
263 N N3    . DG  B 3  ? 0.1550 0.1602 0.1845 -0.0020 0.0143  -0.0048 3   DG  B N3    
264 C C4    . DG  B 3  ? 0.1542 0.1453 0.1611 0.0160  0.0153  -0.0169 3   DG  B C4    
265 P P     . DT  B 4  ? 0.1711 0.1877 0.2306 0.0024  0.0147  -0.0142 4   DT  B P     
266 O OP1   . DT  B 4  ? 0.2246 0.2253 0.2456 -0.0053 0.0544  -0.0413 4   DT  B OP1   
267 O OP2   . DT  B 4  ? 0.1933 0.1567 0.2310 0.0121  0.0063  -0.0321 4   DT  B OP2   
268 O "O5'" . DT  B 4  ? 0.1652 0.1548 0.2359 -0.0029 0.0072  -0.0140 4   DT  B "O5'" 
269 C "C5'" . DT  B 4  ? 0.1750 0.2047 0.1843 0.0011  0.0231  -0.0015 4   DT  B "C5'" 
270 C "C4'" . DT  B 4  ? 0.1934 0.1514 0.1827 -0.0117 0.0282  -0.0124 4   DT  B "C4'" 
271 O "O4'" . DT  B 4  ? 0.1482 0.1677 0.1664 -0.0249 0.0494  -0.0133 4   DT  B "O4'" 
272 C "C3'" . DT  B 4  ? 0.1614 0.1827 0.1649 -0.0080 0.0343  -0.0157 4   DT  B "C3'" 
273 O "O3'" . DT  B 4  ? 0.1926 0.1776 0.1957 -0.0048 0.0261  -0.0181 4   DT  B "O3'" 
274 C "C2'" . DT  B 4  ? 0.1717 0.1469 0.1826 -0.0086 0.0151  -0.0099 4   DT  B "C2'" 
275 C "C1'" . DT  B 4  ? 0.1615 0.1738 0.1706 -0.0248 0.0483  -0.0171 4   DT  B "C1'" 
276 N N1    . DT  B 4  ? 0.1507 0.1247 0.1643 -0.0062 0.0038  -0.0088 4   DT  B N1    
277 C C2    . DT  B 4  ? 0.1725 0.1416 0.1920 0.0365  0.0017  0.0245  4   DT  B C2    
278 O O2    . DT  B 4  ? 0.1366 0.1922 0.1737 -0.0043 0.0188  -0.0022 4   DT  B O2    
279 N N3    . DT  B 4  ? 0.1713 0.1521 0.1812 0.0128  0.0021  0.0106  4   DT  B N3    
280 C C4    . DT  B 4  ? 0.1343 0.1257 0.1896 -0.0167 0.0118  0.0064  4   DT  B C4    
281 O O4    . DT  B 4  ? 0.1511 0.1574 0.1931 -0.0096 0.0053  0.0065  4   DT  B O4    
282 C C5    . DT  B 4  ? 0.1184 0.1750 0.1479 -0.0062 0.0074  0.0021  4   DT  B C5    
283 C C7    . DT  B 4  ? 0.1401 0.1543 0.1936 0.0189  -0.0086 0.0162  4   DT  B C7    
284 C C6    . DT  B 4  ? 0.1594 0.1154 0.1776 -0.0155 0.0049  0.0060  4   DT  B C6    
285 P P     . DA  B 5  ? 0.1853 0.1868 0.2112 -0.0013 0.0235  -0.0238 5   DA  B P     
286 O OP1   . DA  B 5  ? 0.1925 0.2305 0.2484 -0.0122 0.0359  -0.0518 5   DA  B OP1   
287 O OP2   . DA  B 5  ? 0.2100 0.1513 0.2672 0.0176  0.0232  -0.0291 5   DA  B OP2   
288 O "O5'" . DA  B 5  ? 0.1772 0.1724 0.1680 -0.0261 0.0161  -0.0207 5   DA  B "O5'" 
289 C "C5'" . DA  B 5  ? 0.1463 0.1690 0.1397 -0.0079 -0.0169 -0.0026 5   DA  B "C5'" 
290 C "C4'" . DA  B 5  ? 0.1740 0.1277 0.1441 -0.0093 -0.0004 0.0070  5   DA  B "C4'" 
291 O "O4'" . DA  B 5  ? 0.1666 0.1472 0.1678 -0.0089 0.0081  0.0051  5   DA  B "O4'" 
292 C "C3'" . DA  B 5  ? 0.1799 0.1455 0.1463 -0.0010 0.0049  0.0129  5   DA  B "C3'" 
293 O "O3'" . DA  B 5  ? 0.2344 0.2010 0.1447 0.0171  -0.0165 0.0098  5   DA  B "O3'" 
294 C "C2'" . DA  B 5  ? 0.2161 0.1194 0.1882 -0.0230 -0.0051 -0.0187 5   DA  B "C2'" 
295 C "C1'" . DA  B 5  ? 0.1588 0.1452 0.1651 0.0108  -0.0019 0.0192  5   DA  B "C1'" 
296 N N9    . DA  B 5  ? 0.1522 0.1366 0.1440 -0.0160 -0.0002 -0.0027 5   DA  B N9    
297 C C8    . DA  B 5  ? 0.1504 0.1363 0.1757 -0.0144 -0.0022 0.0069  5   DA  B C8    
298 N N7    . DA  B 5  ? 0.1656 0.1215 0.1640 0.0143  0.0151  0.0078  5   DA  B N7    
299 C C5    . DA  B 5  ? 0.1626 0.1244 0.1769 -0.0131 0.0177  0.0140  5   DA  B C5    
300 C C6    . DA  B 5  ? 0.1714 0.1805 0.1433 -0.0061 -0.0131 0.0269  5   DA  B C6    
301 N N6    . DA  B 5  ? 0.2200 0.1913 0.1703 0.0172  -0.0105 0.0002  5   DA  B N6    
302 N N1    . DA  B 5  ? 0.1677 0.1672 0.1352 0.0298  0.0348  0.0080  5   DA  B N1    
303 C C2    . DA  B 5  ? 0.1807 0.1375 0.1738 0.0219  -0.0032 0.0219  5   DA  B C2    
304 N N3    . DA  B 5  ? 0.1858 0.1464 0.1648 -0.0066 0.0029  0.0085  5   DA  B N3    
305 C C4    . DA  B 5  ? 0.1719 0.1160 0.1590 -0.0190 0.0047  0.0036  5   DA  B C4    
306 P P     . RCE B 6  ? 0.2523 0.1855 0.1702 -0.0243 -0.0021 -0.0184 6   RCE B P     
307 N N1    . RCE B 6  ? 0.1922 0.1853 0.1387 0.0159  -0.0152 0.0125  6   RCE B N1    
308 C C2    . RCE B 6  ? 0.2159 0.1898 0.1450 0.0365  -0.0125 0.0002  6   RCE B C2    
309 O O2    . RCE B 6  ? 0.2239 0.1913 0.1891 0.0229  0.0216  0.0139  6   RCE B O2    
310 N N3    . RCE B 6  ? 0.1908 0.1445 0.1784 0.0142  0.0148  0.0137  6   RCE B N3    
311 C C4    . RCE B 6  ? 0.1504 0.1464 0.1697 0.0138  0.0150  0.0018  6   RCE B C4    
312 O O4    . RCE B 6  ? 0.1989 0.1463 0.2038 -0.0115 0.0096  -0.0028 6   RCE B O4    
313 C C5    . RCE B 6  ? 0.1735 0.1451 0.1654 -0.0066 0.0209  -0.0123 6   RCE B C5    
314 C C6    . RCE B 6  ? 0.1525 0.1654 0.1891 0.0276  0.0046  0.0087  6   RCE B C6    
315 C "C1'" . RCE B 6  ? 0.1999 0.1958 0.1685 -0.0069 -0.0215 0.0274  6   RCE B "C1'" 
316 O O1P   . RCE B 6  ? 0.3445 0.2715 0.2025 -0.0497 0.0334  -0.0238 6   RCE B O1P   
317 C "C2'" . RCE B 6  ? 0.1713 0.1951 0.2236 -0.0104 0.0095  -0.0082 6   RCE B "C2'" 
318 O O2A   . RCE B 6  ? 0.2304 0.2244 0.1700 -0.0428 -0.0052 0.0458  6   RCE B O2A   
319 O O2P   . RCE B 6  ? 0.2810 0.2049 0.2367 0.0000  0.0316  -0.0265 6   RCE B O2P   
320 C "C3'" . RCE B 6  ? 0.2273 0.1526 0.1938 -0.0177 -0.0300 -0.0026 6   RCE B "C3'" 
321 O "O3'" . RCE B 6  ? 0.1913 0.1892 0.1711 -0.0126 -0.0188 -0.0081 6   RCE B "O3'" 
322 C "C4'" . RCE B 6  ? 0.1588 0.1834 0.1952 0.0033  0.0085  0.0253  6   RCE B "C4'" 
323 O "O4'" . RCE B 6  ? 0.1923 0.1901 0.1450 -0.0142 -0.0091 0.0181  6   RCE B "O4'" 
324 C "C5'" . RCE B 6  ? 0.1908 0.2328 0.1804 -0.0262 0.0024  -0.0001 6   RCE B "C5'" 
325 O "O5'" . RCE B 6  ? 0.2078 0.1906 0.1749 -0.0100 -0.0099 0.0290  6   RCE B "O5'" 
326 C "C6'" . RCE B 6  ? 0.1905 0.2452 0.1996 -0.0273 0.0177  0.0301  6   RCE B "C6'" 
327 C "C7'" . RCE B 6  ? 0.1673 0.2761 0.2529 0.0052  0.0464  0.0441  6   RCE B "C7'" 
328 P P     . DA  B 7  ? 0.2270 0.1999 0.1898 -0.0111 -0.0170 -0.0059 7   DA  B P     
329 O OP1   . DA  B 7  ? 0.3108 0.2166 0.2420 -0.0462 -0.0522 0.0042  7   DA  B OP1   
330 O OP2   . DA  B 7  ? 0.2068 0.2396 0.2084 0.0005  -0.0145 0.0215  7   DA  B OP2   
331 O "O5'" . DA  B 7  ? 0.2192 0.1815 0.1779 -0.0127 -0.0009 0.0054  7   DA  B "O5'" 
332 C "C5'" . DA  B 7  ? 0.1890 0.2035 0.1933 -0.0455 0.0033  0.0296  7   DA  B "C5'" 
333 C "C4'" . DA  B 7  ? 0.1854 0.1611 0.2267 -0.0459 -0.0102 0.0243  7   DA  B "C4'" 
334 O "O4'" . DA  B 7  ? 0.1813 0.1694 0.2029 -0.0286 -0.0236 -0.0062 7   DA  B "O4'" 
335 C "C3'" . DA  B 7  ? 0.1975 0.1933 0.1832 -0.0228 -0.0120 0.0168  7   DA  B "C3'" 
336 O "O3'" . DA  B 7  ? 0.2239 0.2279 0.2045 -0.0242 -0.0596 0.0129  7   DA  B "O3'" 
337 C "C2'" . DA  B 7  ? 0.2393 0.1394 0.1755 0.0015  0.0174  0.0347  7   DA  B "C2'" 
338 C "C1'" . DA  B 7  ? 0.1788 0.1615 0.1632 -0.0078 -0.0150 0.0068  7   DA  B "C1'" 
339 N N9    . DA  B 7  ? 0.1468 0.1634 0.1545 0.0010  -0.0100 0.0107  7   DA  B N9    
340 C C8    . DA  B 7  ? 0.1723 0.1404 0.1784 -0.0134 -0.0235 0.0052  7   DA  B C8    
341 N N7    . DA  B 7  ? 0.1748 0.1596 0.1642 0.0044  -0.0083 0.0065  7   DA  B N7    
342 C C5    . DA  B 7  ? 0.1699 0.1369 0.1775 0.0046  -0.0232 0.0047  7   DA  B C5    
343 C C6    . DA  B 7  ? 0.1466 0.1327 0.1451 -0.0034 -0.0067 -0.0058 7   DA  B C6    
344 N N6    . DA  B 7  ? 0.1590 0.1408 0.2107 -0.0237 -0.0147 0.0082  7   DA  B N6    
345 N N1    . DA  B 7  ? 0.1448 0.1327 0.1506 0.0024  0.0067  0.0021  7   DA  B N1    
346 C C2    . DA  B 7  ? 0.1646 0.1113 0.1749 0.0103  -0.0154 0.0080  7   DA  B C2    
347 N N3    . DA  B 7  ? 0.1321 0.1595 0.1352 -0.0160 0.0125  -0.0014 7   DA  B N3    
348 C C4    . DA  B 7  ? 0.1607 0.1315 0.1551 0.0344  0.0140  0.0087  7   DA  B C4    
349 P P     . DC  B 8  ? 0.3236 0.1960 0.2509 -0.0295 -0.0517 -0.0012 8   DC  B P     
350 O OP1   . DC  B 8  ? 0.4196 0.2615 0.2850 -0.0496 -0.1176 -0.0081 8   DC  B OP1   
351 O OP2   . DC  B 8  ? 0.3654 0.2248 0.2895 0.0060  -0.0179 -0.0174 8   DC  B OP2   
352 O "O5'" . DC  B 8  ? 0.2217 0.1739 0.2241 -0.0317 -0.0319 -0.0066 8   DC  B "O5'" 
353 C "C5'" . DC  B 8  ? 0.2169 0.1614 0.2087 -0.0607 -0.0228 0.0166  8   DC  B "C5'" 
354 C "C4'" . DC  B 8  ? 0.1736 0.1389 0.1992 -0.0356 -0.0494 0.0229  8   DC  B "C4'" 
355 O "O4'" . DC  B 8  ? 0.1564 0.1588 0.1892 -0.0247 -0.0115 0.0264  8   DC  B "O4'" 
356 C "C3'" . DC  B 8  ? 0.2204 0.1606 0.2073 -0.0151 -0.0553 0.0114  8   DC  B "C3'" 
357 O "O3'" . DC  B 8  ? 0.2668 0.2100 0.3058 -0.0258 -0.0745 0.0114  8   DC  B "O3'" 
358 C "C2'" . DC  B 8  ? 0.1745 0.1449 0.1884 0.0223  -0.0267 0.0140  8   DC  B "C2'" 
359 C "C1'" . DC  B 8  ? 0.1721 0.1622 0.1763 0.0107  -0.0091 0.0224  8   DC  B "C1'" 
360 N N1    . DC  B 8  ? 0.1376 0.1340 0.1713 0.0130  -0.0104 0.0097  8   DC  B N1    
361 C C2    . DC  B 8  ? 0.1611 0.1406 0.1547 0.0141  -0.0010 -0.0080 8   DC  B C2    
362 O O2    . DC  B 8  ? 0.1735 0.1557 0.1860 0.0111  0.0087  -0.0173 8   DC  B O2    
363 N N3    . DC  B 8  ? 0.1483 0.1184 0.1471 0.0346  0.0227  -0.0010 8   DC  B N3    
364 C C4    . DC  B 8  ? 0.1404 0.1581 0.1828 0.0013  -0.0019 -0.0142 8   DC  B C4    
365 N N4    . DC  B 8  ? 0.1647 0.1396 0.1664 0.0132  0.0075  -0.0054 8   DC  B N4    
366 C C5    . DC  B 8  ? 0.1516 0.1802 0.1553 -0.0025 0.0267  -0.0106 8   DC  B C5    
367 C C6    . DC  B 8  ? 0.1354 0.1477 0.1401 -0.0104 0.0161  0.0125  8   DC  B C6    
368 P P     . DG  B 9  ? 0.2998 0.2449 0.3298 -0.0233 -0.0865 0.0336  9   DG  B P     
369 O OP1   . DG  B 9  ? 0.4384 0.2544 0.4631 -0.0589 -0.2216 0.0266  9   DG  B OP1   
370 O OP2   . DG  B 9  ? 0.1998 0.2153 0.3064 0.0331  -0.0464 0.0123  9   DG  B OP2   
371 O "O5'" . DG  B 9  ? 0.2918 0.1732 0.2871 -0.0311 -0.0654 0.0194  9   DG  B "O5'" 
372 C "C5'" . DG  B 9  ? 0.2293 0.1746 0.3388 -0.0767 -0.0078 0.0187  9   DG  B "C5'" 
373 C "C4'" . DG  B 9  ? 0.1879 0.1117 0.1668 0.0028  -0.0088 0.0379  9   DG  B "C4'" 
374 O "O4'" . DG  B 9  ? 0.1603 0.1503 0.1662 -0.0084 0.0026  0.0296  9   DG  B "O4'" 
375 C "C3'" . DG  B 9  ? 0.1782 0.1729 0.1211 0.0201  0.0181  0.0216  9   DG  B "C3'" 
376 O "O3'" . DG  B 9  ? 0.1667 0.1964 0.1903 0.0011  -0.0036 0.0185  9   DG  B "O3'" 
377 C "C2'" . DG  B 9  ? 0.1788 0.1728 0.1439 0.0176  -0.0174 0.0103  9   DG  B "C2'" 
378 C "C1'" . DG  B 9  ? 0.1682 0.1628 0.1396 0.0079  -0.0020 -0.0027 9   DG  B "C1'" 
379 N N9    . DG  B 9  ? 0.1258 0.1219 0.1394 -0.0013 -0.0023 0.0103  9   DG  B N9    
380 C C8    . DG  B 9  ? 0.1866 0.1525 0.1425 -0.0011 0.0067  0.0220  9   DG  B C8    
381 N N7    . DG  B 9  ? 0.1328 0.1534 0.1456 0.0319  -0.0011 -0.0073 9   DG  B N7    
382 C C5    . DG  B 9  ? 0.1440 0.1218 0.1470 0.0105  0.0004  0.0040  9   DG  B C5    
383 C C6    . DG  B 9  ? 0.1429 0.1304 0.1251 0.0107  -0.0030 0.0000  9   DG  B C6    
384 O O6    . DG  B 9  ? 0.2043 0.1628 0.1379 0.0479  0.0344  0.0078  9   DG  B O6    
385 N N1    . DG  B 9  ? 0.1517 0.1391 0.1358 0.0155  0.0059  -0.0012 9   DG  B N1    
386 C C2    . DG  B 9  ? 0.1480 0.1604 0.1291 0.0146  0.0195  -0.0072 9   DG  B C2    
387 N N2    . DG  B 9  ? 0.1459 0.1239 0.1793 0.0160  0.0110  0.0189  9   DG  B N2    
388 N N3    . DG  B 9  ? 0.1470 0.1282 0.1310 0.0154  -0.0052 0.0185  9   DG  B N3    
389 C C4    . DG  B 9  ? 0.1299 0.1259 0.1384 0.0085  0.0147  0.0067  9   DG  B C4    
390 P P     . DC  B 10 ? 0.1883 0.1569 0.1937 0.0045  -0.0016 0.0112  10  DC  B P     
391 O OP1   . DC  B 10 ? 0.2403 0.2014 0.1911 -0.0012 -0.0075 0.0086  10  DC  B OP1   
392 O OP2   . DC  B 10 ? 0.2004 0.2103 0.2086 0.0159  -0.0352 -0.0361 10  DC  B OP2   
393 O "O5'" . DC  B 10 ? 0.1252 0.1844 0.2118 0.0075  0.0067  -0.0034 10  DC  B "O5'" 
394 C "C5'" . DC  B 10 ? 0.1697 0.1989 0.1770 -0.0296 0.0390  -0.0134 10  DC  B "C5'" 
395 C "C4'" . DC  B 10 ? 0.1591 0.2013 0.1757 0.0134  0.0257  0.0047  10  DC  B "C4'" 
396 O "O4'" . DC  B 10 ? 0.1723 0.1729 0.1495 0.0087  0.0060  0.0007  10  DC  B "O4'" 
397 C "C3'" . DC  B 10 ? 0.1730 0.1739 0.1964 0.0387  0.0125  0.0122  10  DC  B "C3'" 
398 O "O3'" . DC  B 10 ? 0.1882 0.2417 0.1816 0.0594  0.0046  0.0010  10  DC  B "O3'" 
399 C "C2'" . DC  B 10 ? 0.1673 0.1721 0.1743 0.0582  -0.0033 0.0050  10  DC  B "C2'" 
400 C "C1'" . DC  B 10 ? 0.1682 0.1847 0.1250 0.0247  0.0105  0.0182  10  DC  B "C1'" 
401 N N1    . DC  B 10 ? 0.1640 0.1949 0.1426 -0.0057 -0.0111 -0.0004 10  DC  B N1    
402 C C2    . DC  B 10 ? 0.1470 0.1732 0.1540 -0.0117 -0.0023 -0.0156 10  DC  B C2    
403 O O2    . DC  B 10 ? 0.1581 0.1939 0.1847 0.0053  0.0117  0.0149  10  DC  B O2    
404 N N3    . DC  B 10 ? 0.1400 0.1423 0.1507 0.0126  0.0047  0.0104  10  DC  B N3    
405 C C4    . DC  B 10 ? 0.1102 0.1611 0.1545 0.0317  -0.0018 0.0033  10  DC  B C4    
406 N N4    . DC  B 10 ? 0.1613 0.1490 0.1586 0.0363  0.0128  -0.0157 10  DC  B N4    
407 C C5    . DC  B 10 ? 0.1396 0.1472 0.1477 0.0142  -0.0089 0.0029  10  DC  B C5    
408 C C6    . DC  B 10 ? 0.1156 0.1699 0.1703 0.0200  -0.0088 -0.0164 10  DC  B C6    
409 O O     . HOH C .  ? 0.2344 0.2238 0.2856 -0.0195 0.0005  -0.0088 101 HOH A O     
410 O O     . HOH C .  ? 0.3831 0.2144 0.3854 -0.0777 -0.0433 -0.0165 102 HOH A O     
411 O O     . HOH C .  ? 0.5267 0.3166 0.2548 -0.0890 -0.0403 -0.0175 103 HOH A O     
412 O O     . HOH C .  ? 0.2110 0.3103 0.4630 0.0205  0.0705  -0.0850 104 HOH A O     
413 O O     . HOH C .  ? 0.3443 0.3392 0.2098 0.0740  0.0155  0.0261  105 HOH A O     
414 O O     . HOH C .  ? 0.3598 0.3353 0.3738 0.0477  0.0136  -0.0229 106 HOH A O     
415 O O     . HOH C .  ? 0.3368 0.2960 0.3196 -0.0135 0.0605  0.1356  107 HOH A O     
416 O O     . HOH C .  ? 0.2590 0.3310 0.3436 -0.0283 0.0816  -0.0925 108 HOH A O     
417 O O     . HOH C .  ? 0.4303 0.2775 0.3293 0.0281  -0.0222 0.1242  109 HOH A O     
418 O O     . HOH C .  ? 0.5756 0.3528 0.3654 0.1773  0.1396  0.1450  110 HOH A O     
419 O O     . HOH C .  ? 0.1953 0.2072 0.1996 0.0157  -0.0198 -0.0100 111 HOH A O     
420 O O     . HOH C .  ? 0.3154 0.3562 0.2321 0.0002  -0.0328 0.0178  112 HOH A O     
421 O O     . HOH C .  ? 0.2300 0.4855 0.6229 -0.0014 -0.0193 0.0145  113 HOH A O     
422 O O     . HOH C .  ? 0.4627 0.2637 0.2720 0.0541  0.0154  0.0152  114 HOH A O     
423 O O     . HOH C .  ? 0.3205 0.3782 0.2520 -0.0545 0.0911  -0.0241 115 HOH A O     
424 O O     . HOH C .  ? 0.3154 0.2580 0.2545 0.0074  -0.0601 0.0006  116 HOH A O     
425 O O     . HOH C .  ? 0.4154 0.5496 0.3638 0.0063  0.1647  0.0035  117 HOH A O     
426 O O     . HOH C .  ? 0.2504 0.2809 0.2390 0.0010  -0.0663 0.0226  118 HOH A O     
427 O O     . HOH C .  ? 0.2764 0.3509 0.2752 -0.0552 0.0310  0.0159  119 HOH A O     
428 O O     . HOH C .  ? 0.2648 0.2708 0.3418 -0.0266 -0.0032 -0.0274 120 HOH A O     
429 O O     . HOH C .  ? 0.1982 0.2474 0.2763 -0.0090 -0.0344 -0.0047 121 HOH A O     
430 O O     . HOH C .  ? 0.2671 0.3048 0.3391 0.0369  0.0076  0.1012  122 HOH A O     
431 O O     . HOH C .  ? 0.3468 0.4055 0.3813 0.0726  0.0245  0.0599  123 HOH A O     
432 O O     . HOH C .  ? 0.5515 0.3441 0.3724 0.0447  0.0486  0.0622  124 HOH A O     
433 O O     . HOH C .  ? 0.2922 0.3546 0.3679 -0.0713 0.0967  -0.0420 125 HOH A O     
434 O O     . HOH C .  ? 0.2980 0.5213 0.4815 0.0723  0.0680  0.1036  126 HOH A O     
435 O O     . HOH C .  ? 0.3996 0.2728 0.5245 -0.0343 -0.1348 0.1053  127 HOH A O     
436 O O     . HOH C .  ? 0.5232 0.3250 0.2999 -0.0427 -0.1682 -0.0233 128 HOH A O     
437 O O     . HOH C .  ? 0.3156 0.4473 0.3624 0.0761  0.0983  0.0890  129 HOH A O     
438 O O     . HOH C .  ? 0.3112 0.3799 0.2869 -0.0183 0.0388  -0.0513 130 HOH A O     
439 O O     . HOH C .  ? 0.3912 0.3192 0.4119 0.0169  -0.0911 0.0891  131 HOH A O     
440 O O     . HOH C .  ? 0.3417 0.3615 0.5556 0.0159  0.0621  -0.0062 132 HOH A O     
441 O O     . HOH C .  ? 0.4013 0.5004 0.3759 0.0038  0.0567  0.0401  133 HOH A O     
442 O O     . HOH C .  ? 0.3694 0.4213 0.2608 -0.0054 0.0303  -0.0631 134 HOH A O     
443 O O     . HOH C .  ? 0.3962 0.4356 0.2814 0.0970  -0.0979 -0.0591 135 HOH A O     
444 O O     . HOH C .  ? 0.2672 0.2445 0.2113 0.0045  -0.0091 0.0146  136 HOH A O     
445 O O     . HOH C .  ? 0.4738 0.5056 0.2441 0.0754  0.0568  0.0541  137 HOH A O     
446 O O     . HOH C .  ? 0.3499 0.3517 0.2507 0.0205  0.0208  -0.0309 138 HOH A O     
447 O O     . HOH C .  ? 0.4789 0.3078 0.3034 0.0269  -0.0859 -0.0401 139 HOH A O     
448 O O     . HOH C .  ? 0.4156 0.4664 0.3234 -0.1382 0.0896  0.0563  140 HOH A O     
449 O O     . HOH C .  ? 0.3233 0.3494 0.3178 0.1697  0.0229  -0.0358 141 HOH A O     
450 O O     . HOH C .  ? 0.1783 0.2992 0.3729 0.0210  0.0315  0.0846  142 HOH A O     
451 O O     . HOH C .  ? 0.2580 0.3024 0.2627 0.0109  -0.0291 -0.0312 143 HOH A O     
452 O O     . HOH D .  ? 0.1998 0.1804 0.2967 -0.0292 -0.0547 0.0015  101 HOH B O     
453 O O     . HOH D .  ? 0.4575 0.5706 0.2947 0.2306  -0.0087 -0.0931 102 HOH B O     
454 O O     . HOH D .  ? 0.2171 0.2351 0.2076 -0.0183 -0.0053 0.0325  103 HOH B O     
455 O O     . HOH D .  ? 0.2837 0.3247 0.2832 0.0717  0.0068  0.0335  104 HOH B O     
456 O O     . HOH D .  ? 0.2518 0.2172 0.3075 0.0131  0.0023  -0.0116 105 HOH B O     
457 O O     . HOH D .  ? 0.3094 0.3026 0.4141 -0.0158 -0.0245 0.0961  106 HOH B O     
458 O O     . HOH D .  ? 0.3822 0.2630 0.4110 -0.0808 -0.0568 0.0739  107 HOH B O     
459 O O     . HOH D .  ? 0.3190 0.3400 0.3582 -0.0264 -0.0151 0.0245  108 HOH B O     
460 O O     . HOH D .  ? 0.3098 0.2909 0.3244 -0.0072 -0.0560 0.0378  109 HOH B O     
461 O O     . HOH D .  ? 0.3890 0.3795 0.1807 -0.0963 0.0719  -0.0878 110 HOH B O     
462 O O     . HOH D .  ? 0.3172 0.3693 0.2022 -0.0272 0.0179  0.0183  111 HOH B O     
463 O O     . HOH D .  ? 0.6076 0.2767 0.4276 -0.0573 0.0328  0.0316  112 HOH B O     
464 O O     . HOH D .  ? 0.2463 0.2227 0.1934 0.0065  -0.0120 0.0272  113 HOH B O     
465 O O     . HOH D .  ? 0.2295 0.3309 0.2536 0.0141  -0.0199 -0.0064 114 HOH B O     
466 O O     . HOH D .  ? 0.2634 0.2902 0.2893 0.0153  0.0824  0.0313  115 HOH B O     
467 O O     . HOH D .  ? 0.2937 0.5409 0.4129 0.0037  0.0427  0.1963  116 HOH B O     
468 O O     . HOH D .  ? 0.1485 0.2269 0.2004 0.0019  0.0375  0.0110  117 HOH B O     
469 O O     . HOH D .  ? 0.1806 0.2815 0.2493 0.0005  -0.0329 0.0023  118 HOH B O     
470 O O     . HOH D .  ? 0.2218 0.3671 0.2044 0.0249  0.0132  -0.0845 119 HOH B O     
471 O O     . HOH D .  ? 0.3770 0.2844 0.3237 -0.0920 -0.0389 0.0371  120 HOH B O     
472 O O     . HOH D .  ? 0.4874 0.8330 0.2821 0.1785  0.2058  0.2699  121 HOH B O     
473 O O     . HOH D .  ? 0.2238 0.7025 0.2346 -0.1029 0.0551  -0.2393 122 HOH B O     
474 O O     . HOH D .  ? 0.2083 0.2870 0.2583 0.0065  -0.0082 0.0376  123 HOH B O     
475 O O     . HOH D .  ? 0.1913 0.2421 0.2277 -0.0220 0.0057  -0.0596 124 HOH B O     
476 O O     . HOH D .  ? 0.3968 0.2345 0.4525 0.0472  -0.1456 -0.0024 125 HOH B O     
477 O O     . HOH D .  ? 0.2613 0.2131 0.2391 0.0232  -0.0392 0.0362  126 HOH B O     
478 O O     . HOH D .  ? 0.3462 0.3095 0.3374 0.0149  -0.0246 0.0202  127 HOH B O     
479 O O     . HOH D .  ? 0.4506 0.1852 0.4535 0.0305  -0.0138 -0.0526 128 HOH B O     
480 O O     . HOH D .  ? 0.1994 0.2008 0.2885 -0.0078 0.0625  0.0007  129 HOH B O     
481 O O     . HOH D .  ? 0.2323 0.2421 0.1872 0.0039  -0.0266 -0.0211 130 HOH B O     
482 O O     . HOH D .  ? 0.2416 0.2750 0.1986 0.0565  -0.0011 -0.0236 131 HOH B O     
483 O O     . HOH D .  ? 0.2560 0.6605 0.2260 0.0883  -0.0204 0.0257  132 HOH B O     
484 O O     . HOH D .  ? 0.2389 0.2407 0.4342 -0.0023 -0.0219 0.0802  133 HOH B O     
485 O O     . HOH D .  ? 0.2946 0.2613 0.5159 -0.0791 0.0729  0.0600  134 HOH B O     
486 O O     . HOH D .  ? 0.4126 0.3342 0.3958 -0.0629 0.0691  0.0878  135 HOH B O     
487 O O     . HOH D .  ? 0.3853 0.5087 0.3362 0.0774  -0.0333 -0.0281 136 HOH B O     
488 O O     . HOH D .  ? 0.3857 0.4777 0.2532 0.0688  0.0013  0.0598  137 HOH B O     
489 O O     . HOH D .  ? 0.3805 0.4211 0.2956 -0.0845 -0.0386 0.0175  138 HOH B O     
490 O O     . HOH D .  ? 0.1408 0.3852 0.4140 -0.0118 -0.0055 0.0552  139 HOH B O     
491 O O     . HOH D .  ? 0.3541 0.2610 0.3298 0.0207  -0.1032 -0.1345 140 HOH B O     
492 O O     . HOH D .  ? 0.2177 0.2405 0.3229 0.0203  0.0410  -0.0038 141 HOH B O     
# 
loop_
_pdbx_poly_seq_scheme.asym_id 
_pdbx_poly_seq_scheme.entity_id 
_pdbx_poly_seq_scheme.seq_id 
_pdbx_poly_seq_scheme.mon_id 
_pdbx_poly_seq_scheme.ndb_seq_num 
_pdbx_poly_seq_scheme.pdb_seq_num 
_pdbx_poly_seq_scheme.auth_seq_num 
_pdbx_poly_seq_scheme.pdb_mon_id 
_pdbx_poly_seq_scheme.auth_mon_id 
_pdbx_poly_seq_scheme.pdb_strand_id 
_pdbx_poly_seq_scheme.pdb_ins_code 
_pdbx_poly_seq_scheme.hetero 
A 1 1  DG  1  1  1  DG  G   A . n 
A 1 2  DC  2  2  2  DC  C   A . n 
A 1 3  DG  3  3  3  DG  G   A . n 
A 1 4  DT  4  4  4  DT  T   A . n 
A 1 5  DA  5  5  5  DA  A   A . n 
A 1 6  RCE 6  6  6  RCE RCE A . n 
A 1 7  DA  7  7  7  DA  A   A . n 
A 1 8  DC  8  8  8  DC  C   A . n 
A 1 9  DG  9  9  9  DG  G   A . n 
A 1 10 DC  10 10 10 DC  C   A . n 
B 1 1  DG  1  1  1  DG  G   B . n 
B 1 2  DC  2  2  2  DC  C   B . n 
B 1 3  DG  3  3  3  DG  G   B . n 
B 1 4  DT  4  4  4  DT  T   B . n 
B 1 5  DA  5  5  5  DA  A   B . n 
B 1 6  RCE 6  6  6  RCE RCE B . n 
B 1 7  DA  7  7  7  DA  A   B . n 
B 1 8  DC  8  8  8  DC  C   B . n 
B 1 9  DG  9  9  9  DG  G   B . n 
B 1 10 DC  10 10 10 DC  C   B . n 
# 
loop_
_pdbx_nonpoly_scheme.asym_id 
_pdbx_nonpoly_scheme.entity_id 
_pdbx_nonpoly_scheme.mon_id 
_pdbx_nonpoly_scheme.ndb_seq_num 
_pdbx_nonpoly_scheme.pdb_seq_num 
_pdbx_nonpoly_scheme.auth_seq_num 
_pdbx_nonpoly_scheme.pdb_mon_id 
_pdbx_nonpoly_scheme.auth_mon_id 
_pdbx_nonpoly_scheme.pdb_strand_id 
_pdbx_nonpoly_scheme.pdb_ins_code 
C 2 HOH 1  101 2  HOH HOH A . 
C 2 HOH 2  102 4  HOH HOH A . 
C 2 HOH 3  103 6  HOH HOH A . 
C 2 HOH 4  104 7  HOH HOH A . 
C 2 HOH 5  105 12 HOH HOH A . 
C 2 HOH 6  106 13 HOH HOH A . 
C 2 HOH 7  107 15 HOH HOH A . 
C 2 HOH 8  108 19 HOH HOH A . 
C 2 HOH 9  109 20 HOH HOH A . 
C 2 HOH 10 110 23 HOH HOH A . 
C 2 HOH 11 111 25 HOH HOH A . 
C 2 HOH 12 112 26 HOH HOH A . 
C 2 HOH 13 113 30 HOH HOH A . 
C 2 HOH 14 114 34 HOH HOH A . 
C 2 HOH 15 115 35 HOH HOH A . 
C 2 HOH 16 116 36 HOH HOH A . 
C 2 HOH 17 117 38 HOH HOH A . 
C 2 HOH 18 118 41 HOH HOH A . 
C 2 HOH 19 119 43 HOH HOH A . 
C 2 HOH 20 120 46 HOH HOH A . 
C 2 HOH 21 121 47 HOH HOH A . 
C 2 HOH 22 122 48 HOH HOH A . 
C 2 HOH 23 123 51 HOH HOH A . 
C 2 HOH 24 124 56 HOH HOH A . 
C 2 HOH 25 125 57 HOH HOH A . 
C 2 HOH 26 126 58 HOH HOH A . 
C 2 HOH 27 127 59 HOH HOH A . 
C 2 HOH 28 128 61 HOH HOH A . 
C 2 HOH 29 129 62 HOH HOH A . 
C 2 HOH 30 130 63 HOH HOH A . 
C 2 HOH 31 131 64 HOH HOH A . 
C 2 HOH 32 132 65 HOH HOH A . 
C 2 HOH 33 133 66 HOH HOH A . 
C 2 HOH 34 134 67 HOH HOH A . 
C 2 HOH 35 135 72 HOH HOH A . 
C 2 HOH 36 136 74 HOH HOH A . 
C 2 HOH 37 137 75 HOH HOH A . 
C 2 HOH 38 138 76 HOH HOH A . 
C 2 HOH 39 139 78 HOH HOH A . 
C 2 HOH 40 140 79 HOH HOH A . 
C 2 HOH 41 141 80 HOH HOH A . 
C 2 HOH 42 142 81 HOH HOH A . 
C 2 HOH 43 143 82 HOH HOH A . 
D 2 HOH 1  101 1  HOH HOH B . 
D 2 HOH 2  102 3  HOH HOH B . 
D 2 HOH 3  103 5  HOH HOH B . 
D 2 HOH 4  104 8  HOH HOH B . 
D 2 HOH 5  105 10 HOH HOH B . 
D 2 HOH 6  106 11 HOH HOH B . 
D 2 HOH 7  107 14 HOH HOH B . 
D 2 HOH 8  108 16 HOH HOH B . 
D 2 HOH 9  109 17 HOH HOH B . 
D 2 HOH 10 110 18 HOH HOH B . 
D 2 HOH 11 111 21 HOH HOH B . 
D 2 HOH 12 112 22 HOH HOH B . 
D 2 HOH 13 113 24 HOH HOH B . 
D 2 HOH 14 114 27 HOH HOH B . 
D 2 HOH 15 115 28 HOH HOH B . 
D 2 HOH 16 116 29 HOH HOH B . 
D 2 HOH 17 117 31 HOH HOH B . 
D 2 HOH 18 118 32 HOH HOH B . 
D 2 HOH 19 119 33 HOH HOH B . 
D 2 HOH 20 120 37 HOH HOH B . 
D 2 HOH 21 121 39 HOH HOH B . 
D 2 HOH 22 122 40 HOH HOH B . 
D 2 HOH 23 123 42 HOH HOH B . 
D 2 HOH 24 124 44 HOH HOH B . 
D 2 HOH 25 125 45 HOH HOH B . 
D 2 HOH 26 126 49 HOH HOH B . 
D 2 HOH 27 127 50 HOH HOH B . 
D 2 HOH 28 128 52 HOH HOH B . 
D 2 HOH 29 129 53 HOH HOH B . 
D 2 HOH 30 130 54 HOH HOH B . 
D 2 HOH 31 131 55 HOH HOH B . 
D 2 HOH 32 132 60 HOH HOH B . 
D 2 HOH 33 133 68 HOH HOH B . 
D 2 HOH 34 134 69 HOH HOH B . 
D 2 HOH 35 135 70 HOH HOH B . 
D 2 HOH 36 136 71 HOH HOH B . 
D 2 HOH 37 137 73 HOH HOH B . 
D 2 HOH 38 138 77 HOH HOH B . 
D 2 HOH 39 139 83 HOH HOH B . 
D 2 HOH 40 140 84 HOH HOH B . 
D 2 HOH 41 141 85 HOH HOH B . 
# 
_pdbx_struct_assembly.id                   1 
_pdbx_struct_assembly.details              author_and_software_defined_assembly 
_pdbx_struct_assembly.method_details       PISA 
_pdbx_struct_assembly.oligomeric_details   dimeric 
_pdbx_struct_assembly.oligomeric_count     2 
# 
_pdbx_struct_assembly_gen.assembly_id       1 
_pdbx_struct_assembly_gen.oper_expression   1 
_pdbx_struct_assembly_gen.asym_id_list      A,B,C,D 
# 
loop_
_pdbx_struct_assembly_prop.biol_id 
_pdbx_struct_assembly_prop.type 
_pdbx_struct_assembly_prop.value 
_pdbx_struct_assembly_prop.details 
1 'ABSA (A^2)' 980  ? 
1 MORE         -1   ? 
1 'SSA (A^2)'  3810 ? 
# 
_pdbx_struct_oper_list.id                   1 
_pdbx_struct_oper_list.type                 'identity operation' 
_pdbx_struct_oper_list.name                 1_555 
_pdbx_struct_oper_list.symmetry_operation   x,y,z 
_pdbx_struct_oper_list.matrix[1][1]         1.0000000000 
_pdbx_struct_oper_list.matrix[1][2]         0.0000000000 
_pdbx_struct_oper_list.matrix[1][3]         0.0000000000 
_pdbx_struct_oper_list.vector[1]            0.0000000000 
_pdbx_struct_oper_list.matrix[2][1]         0.0000000000 
_pdbx_struct_oper_list.matrix[2][2]         1.0000000000 
_pdbx_struct_oper_list.matrix[2][3]         0.0000000000 
_pdbx_struct_oper_list.vector[2]            0.0000000000 
_pdbx_struct_oper_list.matrix[3][1]         0.0000000000 
_pdbx_struct_oper_list.matrix[3][2]         0.0000000000 
_pdbx_struct_oper_list.matrix[3][3]         1.0000000000 
_pdbx_struct_oper_list.vector[3]            0.0000000000 
# 
loop_
_pdbx_audit_revision_history.ordinal 
_pdbx_audit_revision_history.data_content_type 
_pdbx_audit_revision_history.major_revision 
_pdbx_audit_revision_history.minor_revision 
_pdbx_audit_revision_history.revision_date 
1 'Structure model' 1 0 2012-06-20 
2 'Structure model' 1 1 2012-08-08 
3 'Structure model' 1 2 2023-09-13 
# 
_pdbx_audit_revision_details.ordinal             1 
_pdbx_audit_revision_details.revision_ordinal    1 
_pdbx_audit_revision_details.data_content_type   'Structure model' 
_pdbx_audit_revision_details.provider            repository 
_pdbx_audit_revision_details.type                'Initial release' 
_pdbx_audit_revision_details.description         ? 
_pdbx_audit_revision_details.details             ? 
# 
loop_
_pdbx_audit_revision_group.ordinal 
_pdbx_audit_revision_group.revision_ordinal 
_pdbx_audit_revision_group.data_content_type 
_pdbx_audit_revision_group.group 
1 2 'Structure model' 'Database references'    
2 3 'Structure model' 'Data collection'        
3 3 'Structure model' 'Database references'    
4 3 'Structure model' 'Derived calculations'   
5 3 'Structure model' 'Refinement description' 
# 
loop_
_pdbx_audit_revision_category.ordinal 
_pdbx_audit_revision_category.revision_ordinal 
_pdbx_audit_revision_category.data_content_type 
_pdbx_audit_revision_category.category 
1 3 'Structure model' chem_comp_atom                
2 3 'Structure model' chem_comp_bond                
3 3 'Structure model' database_2                    
4 3 'Structure model' pdbx_initial_refinement_model 
5 3 'Structure model' struct_conn                   
# 
loop_
_pdbx_audit_revision_item.ordinal 
_pdbx_audit_revision_item.revision_ordinal 
_pdbx_audit_revision_item.data_content_type 
_pdbx_audit_revision_item.item 
1 3 'Structure model' '_database_2.pdbx_DOI'                
2 3 'Structure model' '_database_2.pdbx_database_accession' 
3 3 'Structure model' '_struct_conn.pdbx_leaving_atom_flag' 
# 
loop_
_software.name 
_software.classification 
_software.version 
_software.citation_id 
_software.pdbx_ordinal 
MD2      'data collection' 'diffractometer software (with LS-CAT developed extensions)' ? 1 
CCP4     'model building'  .                                                            ? 2 
MOLREP   phasing           .                                                            ? 3 
REFMAC   refinement        5.5.0109                                                     ? 4 
HKL-2000 'data reduction'  .                                                            ? 5 
HKL-2000 'data scaling'    .                                                            ? 6 
CCP4     phasing           .                                                            ? 7 
# 
loop_
_pdbx_validate_rmsd_bond.id 
_pdbx_validate_rmsd_bond.PDB_model_num 
_pdbx_validate_rmsd_bond.auth_atom_id_1 
_pdbx_validate_rmsd_bond.auth_asym_id_1 
_pdbx_validate_rmsd_bond.auth_comp_id_1 
_pdbx_validate_rmsd_bond.auth_seq_id_1 
_pdbx_validate_rmsd_bond.PDB_ins_code_1 
_pdbx_validate_rmsd_bond.label_alt_id_1 
_pdbx_validate_rmsd_bond.auth_atom_id_2 
_pdbx_validate_rmsd_bond.auth_asym_id_2 
_pdbx_validate_rmsd_bond.auth_comp_id_2 
_pdbx_validate_rmsd_bond.auth_seq_id_2 
_pdbx_validate_rmsd_bond.PDB_ins_code_2 
_pdbx_validate_rmsd_bond.label_alt_id_2 
_pdbx_validate_rmsd_bond.bond_value 
_pdbx_validate_rmsd_bond.bond_target_value 
_pdbx_validate_rmsd_bond.bond_deviation 
_pdbx_validate_rmsd_bond.bond_standard_deviation 
_pdbx_validate_rmsd_bond.linker_flag 
1 1 C8 A DG 1 ? ? N9 A DG 1 ? ? 1.332 1.374 -0.042 0.007 N 
2 1 C5 A DA 7 ? ? N7 A DA 7 ? ? 1.425 1.388 0.037  0.006 N 
3 1 C6 B DT 4 ? ? N1 B DT 4 ? ? 1.421 1.378 0.043  0.007 N 
# 
loop_
_pdbx_validate_rmsd_angle.id 
_pdbx_validate_rmsd_angle.PDB_model_num 
_pdbx_validate_rmsd_angle.auth_atom_id_1 
_pdbx_validate_rmsd_angle.auth_asym_id_1 
_pdbx_validate_rmsd_angle.auth_comp_id_1 
_pdbx_validate_rmsd_angle.auth_seq_id_1 
_pdbx_validate_rmsd_angle.PDB_ins_code_1 
_pdbx_validate_rmsd_angle.label_alt_id_1 
_pdbx_validate_rmsd_angle.auth_atom_id_2 
_pdbx_validate_rmsd_angle.auth_asym_id_2 
_pdbx_validate_rmsd_angle.auth_comp_id_2 
_pdbx_validate_rmsd_angle.auth_seq_id_2 
_pdbx_validate_rmsd_angle.PDB_ins_code_2 
_pdbx_validate_rmsd_angle.label_alt_id_2 
_pdbx_validate_rmsd_angle.auth_atom_id_3 
_pdbx_validate_rmsd_angle.auth_asym_id_3 
_pdbx_validate_rmsd_angle.auth_comp_id_3 
_pdbx_validate_rmsd_angle.auth_seq_id_3 
_pdbx_validate_rmsd_angle.PDB_ins_code_3 
_pdbx_validate_rmsd_angle.label_alt_id_3 
_pdbx_validate_rmsd_angle.angle_value 
_pdbx_validate_rmsd_angle.angle_target_value 
_pdbx_validate_rmsd_angle.angle_deviation 
_pdbx_validate_rmsd_angle.angle_standard_deviation 
_pdbx_validate_rmsd_angle.linker_flag 
1 1 "O4'" A DC 2 ? ? "C4'" A DC 2 ? ? "C3'" A DC 2 ? ? 100.86 104.50 -3.64 0.40 N 
2 1 "O4'" A DT 4 ? ? "C4'" A DT 4 ? ? "C3'" A DT 4 ? ? 102.03 104.50 -2.47 0.40 N 
3 1 "O4'" A DC 8 ? ? "C4'" A DC 8 ? ? "C3'" A DC 8 ? ? 101.71 104.50 -2.79 0.40 N 
4 1 "O4'" A DG 9 ? ? "C4'" A DG 9 ? ? "C3'" A DG 9 ? ? 101.15 104.50 -3.35 0.40 N 
5 1 "O4'" B DC 8 ? ? "C1'" B DC 8 ? ? N1    B DC 8 ? ? 110.59 108.30 2.29  0.30 N 
# 
loop_
_chem_comp_atom.comp_id 
_chem_comp_atom.atom_id 
_chem_comp_atom.type_symbol 
_chem_comp_atom.pdbx_aromatic_flag 
_chem_comp_atom.pdbx_stereo_config 
_chem_comp_atom.pdbx_ordinal 
DA  OP3    O N N 1   
DA  P      P N N 2   
DA  OP1    O N N 3   
DA  OP2    O N N 4   
DA  "O5'"  O N N 5   
DA  "C5'"  C N N 6   
DA  "C4'"  C N R 7   
DA  "O4'"  O N N 8   
DA  "C3'"  C N S 9   
DA  "O3'"  O N N 10  
DA  "C2'"  C N N 11  
DA  "C1'"  C N R 12  
DA  N9     N Y N 13  
DA  C8     C Y N 14  
DA  N7     N Y N 15  
DA  C5     C Y N 16  
DA  C6     C Y N 17  
DA  N6     N N N 18  
DA  N1     N Y N 19  
DA  C2     C Y N 20  
DA  N3     N Y N 21  
DA  C4     C Y N 22  
DA  HOP3   H N N 23  
DA  HOP2   H N N 24  
DA  "H5'"  H N N 25  
DA  "H5''" H N N 26  
DA  "H4'"  H N N 27  
DA  "H3'"  H N N 28  
DA  "HO3'" H N N 29  
DA  "H2'"  H N N 30  
DA  "H2''" H N N 31  
DA  "H1'"  H N N 32  
DA  H8     H N N 33  
DA  H61    H N N 34  
DA  H62    H N N 35  
DA  H2     H N N 36  
DC  OP3    O N N 37  
DC  P      P N N 38  
DC  OP1    O N N 39  
DC  OP2    O N N 40  
DC  "O5'"  O N N 41  
DC  "C5'"  C N N 42  
DC  "C4'"  C N R 43  
DC  "O4'"  O N N 44  
DC  "C3'"  C N S 45  
DC  "O3'"  O N N 46  
DC  "C2'"  C N N 47  
DC  "C1'"  C N R 48  
DC  N1     N N N 49  
DC  C2     C N N 50  
DC  O2     O N N 51  
DC  N3     N N N 52  
DC  C4     C N N 53  
DC  N4     N N N 54  
DC  C5     C N N 55  
DC  C6     C N N 56  
DC  HOP3   H N N 57  
DC  HOP2   H N N 58  
DC  "H5'"  H N N 59  
DC  "H5''" H N N 60  
DC  "H4'"  H N N 61  
DC  "H3'"  H N N 62  
DC  "HO3'" H N N 63  
DC  "H2'"  H N N 64  
DC  "H2''" H N N 65  
DC  "H1'"  H N N 66  
DC  H41    H N N 67  
DC  H42    H N N 68  
DC  H5     H N N 69  
DC  H6     H N N 70  
DG  OP3    O N N 71  
DG  P      P N N 72  
DG  OP1    O N N 73  
DG  OP2    O N N 74  
DG  "O5'"  O N N 75  
DG  "C5'"  C N N 76  
DG  "C4'"  C N R 77  
DG  "O4'"  O N N 78  
DG  "C3'"  C N S 79  
DG  "O3'"  O N N 80  
DG  "C2'"  C N N 81  
DG  "C1'"  C N R 82  
DG  N9     N Y N 83  
DG  C8     C Y N 84  
DG  N7     N Y N 85  
DG  C5     C Y N 86  
DG  C6     C N N 87  
DG  O6     O N N 88  
DG  N1     N N N 89  
DG  C2     C N N 90  
DG  N2     N N N 91  
DG  N3     N N N 92  
DG  C4     C Y N 93  
DG  HOP3   H N N 94  
DG  HOP2   H N N 95  
DG  "H5'"  H N N 96  
DG  "H5''" H N N 97  
DG  "H4'"  H N N 98  
DG  "H3'"  H N N 99  
DG  "HO3'" H N N 100 
DG  "H2'"  H N N 101 
DG  "H2''" H N N 102 
DG  "H1'"  H N N 103 
DG  H8     H N N 104 
DG  H1     H N N 105 
DG  H21    H N N 106 
DG  H22    H N N 107 
DT  OP3    O N N 108 
DT  P      P N N 109 
DT  OP1    O N N 110 
DT  OP2    O N N 111 
DT  "O5'"  O N N 112 
DT  "C5'"  C N N 113 
DT  "C4'"  C N R 114 
DT  "O4'"  O N N 115 
DT  "C3'"  C N S 116 
DT  "O3'"  O N N 117 
DT  "C2'"  C N N 118 
DT  "C1'"  C N R 119 
DT  N1     N N N 120 
DT  C2     C N N 121 
DT  O2     O N N 122 
DT  N3     N N N 123 
DT  C4     C N N 124 
DT  O4     O N N 125 
DT  C5     C N N 126 
DT  C7     C N N 127 
DT  C6     C N N 128 
DT  HOP3   H N N 129 
DT  HOP2   H N N 130 
DT  "H5'"  H N N 131 
DT  "H5''" H N N 132 
DT  "H4'"  H N N 133 
DT  "H3'"  H N N 134 
DT  "HO3'" H N N 135 
DT  "H2'"  H N N 136 
DT  "H2''" H N N 137 
DT  "H1'"  H N N 138 
DT  H3     H N N 139 
DT  H71    H N N 140 
DT  H72    H N N 141 
DT  H73    H N N 142 
DT  H6     H N N 143 
HOH O      O N N 144 
HOH H1     H N N 145 
HOH H2     H N N 146 
RCE P      P N N 147 
RCE N1     N N N 148 
RCE C2     C N N 149 
RCE O2     O N N 150 
RCE N3     N N N 151 
RCE C4     C N N 152 
RCE O4     O N N 153 
RCE C5     C N N 154 
RCE C6     C N N 155 
RCE "C1'"  C N R 156 
RCE O1P    O N N 157 
RCE "C2'"  C N R 158 
RCE O2A    O N N 159 
RCE O2P    O N N 160 
RCE "C3'"  C N S 161 
RCE "O3'"  O N N 162 
RCE O3P    O N N 163 
RCE "C4'"  C N R 164 
RCE "O4'"  O N N 165 
RCE "C5'"  C N N 166 
RCE "O5'"  O N N 167 
RCE "C6'"  C N R 168 
RCE "C7'"  C N N 169 
RCE H5     H N N 170 
RCE H6     H N N 171 
RCE "H1'"  H N N 172 
RCE "H2'"  H N N 173 
RCE HO2P   H N N 174 
RCE "H3'"  H N N 175 
RCE "HO3'" H N N 176 
RCE HO3P   H N N 177 
RCE "H5'"  H N N 178 
RCE "H5'A" H N N 179 
RCE "H6'"  H N N 180 
RCE "H7'"  H N N 181 
RCE "H7'A" H N N 182 
RCE "H7'B" H N N 183 
RCE HN3    H N N 184 
# 
loop_
_chem_comp_bond.comp_id 
_chem_comp_bond.atom_id_1 
_chem_comp_bond.atom_id_2 
_chem_comp_bond.value_order 
_chem_comp_bond.pdbx_aromatic_flag 
_chem_comp_bond.pdbx_stereo_config 
_chem_comp_bond.pdbx_ordinal 
DA  OP3   P      sing N N 1   
DA  OP3   HOP3   sing N N 2   
DA  P     OP1    doub N N 3   
DA  P     OP2    sing N N 4   
DA  P     "O5'"  sing N N 5   
DA  OP2   HOP2   sing N N 6   
DA  "O5'" "C5'"  sing N N 7   
DA  "C5'" "C4'"  sing N N 8   
DA  "C5'" "H5'"  sing N N 9   
DA  "C5'" "H5''" sing N N 10  
DA  "C4'" "O4'"  sing N N 11  
DA  "C4'" "C3'"  sing N N 12  
DA  "C4'" "H4'"  sing N N 13  
DA  "O4'" "C1'"  sing N N 14  
DA  "C3'" "O3'"  sing N N 15  
DA  "C3'" "C2'"  sing N N 16  
DA  "C3'" "H3'"  sing N N 17  
DA  "O3'" "HO3'" sing N N 18  
DA  "C2'" "C1'"  sing N N 19  
DA  "C2'" "H2'"  sing N N 20  
DA  "C2'" "H2''" sing N N 21  
DA  "C1'" N9     sing N N 22  
DA  "C1'" "H1'"  sing N N 23  
DA  N9    C8     sing Y N 24  
DA  N9    C4     sing Y N 25  
DA  C8    N7     doub Y N 26  
DA  C8    H8     sing N N 27  
DA  N7    C5     sing Y N 28  
DA  C5    C6     sing Y N 29  
DA  C5    C4     doub Y N 30  
DA  C6    N6     sing N N 31  
DA  C6    N1     doub Y N 32  
DA  N6    H61    sing N N 33  
DA  N6    H62    sing N N 34  
DA  N1    C2     sing Y N 35  
DA  C2    N3     doub Y N 36  
DA  C2    H2     sing N N 37  
DA  N3    C4     sing Y N 38  
DC  OP3   P      sing N N 39  
DC  OP3   HOP3   sing N N 40  
DC  P     OP1    doub N N 41  
DC  P     OP2    sing N N 42  
DC  P     "O5'"  sing N N 43  
DC  OP2   HOP2   sing N N 44  
DC  "O5'" "C5'"  sing N N 45  
DC  "C5'" "C4'"  sing N N 46  
DC  "C5'" "H5'"  sing N N 47  
DC  "C5'" "H5''" sing N N 48  
DC  "C4'" "O4'"  sing N N 49  
DC  "C4'" "C3'"  sing N N 50  
DC  "C4'" "H4'"  sing N N 51  
DC  "O4'" "C1'"  sing N N 52  
DC  "C3'" "O3'"  sing N N 53  
DC  "C3'" "C2'"  sing N N 54  
DC  "C3'" "H3'"  sing N N 55  
DC  "O3'" "HO3'" sing N N 56  
DC  "C2'" "C1'"  sing N N 57  
DC  "C2'" "H2'"  sing N N 58  
DC  "C2'" "H2''" sing N N 59  
DC  "C1'" N1     sing N N 60  
DC  "C1'" "H1'"  sing N N 61  
DC  N1    C2     sing N N 62  
DC  N1    C6     sing N N 63  
DC  C2    O2     doub N N 64  
DC  C2    N3     sing N N 65  
DC  N3    C4     doub N N 66  
DC  C4    N4     sing N N 67  
DC  C4    C5     sing N N 68  
DC  N4    H41    sing N N 69  
DC  N4    H42    sing N N 70  
DC  C5    C6     doub N N 71  
DC  C5    H5     sing N N 72  
DC  C6    H6     sing N N 73  
DG  OP3   P      sing N N 74  
DG  OP3   HOP3   sing N N 75  
DG  P     OP1    doub N N 76  
DG  P     OP2    sing N N 77  
DG  P     "O5'"  sing N N 78  
DG  OP2   HOP2   sing N N 79  
DG  "O5'" "C5'"  sing N N 80  
DG  "C5'" "C4'"  sing N N 81  
DG  "C5'" "H5'"  sing N N 82  
DG  "C5'" "H5''" sing N N 83  
DG  "C4'" "O4'"  sing N N 84  
DG  "C4'" "C3'"  sing N N 85  
DG  "C4'" "H4'"  sing N N 86  
DG  "O4'" "C1'"  sing N N 87  
DG  "C3'" "O3'"  sing N N 88  
DG  "C3'" "C2'"  sing N N 89  
DG  "C3'" "H3'"  sing N N 90  
DG  "O3'" "HO3'" sing N N 91  
DG  "C2'" "C1'"  sing N N 92  
DG  "C2'" "H2'"  sing N N 93  
DG  "C2'" "H2''" sing N N 94  
DG  "C1'" N9     sing N N 95  
DG  "C1'" "H1'"  sing N N 96  
DG  N9    C8     sing Y N 97  
DG  N9    C4     sing Y N 98  
DG  C8    N7     doub Y N 99  
DG  C8    H8     sing N N 100 
DG  N7    C5     sing Y N 101 
DG  C5    C6     sing N N 102 
DG  C5    C4     doub Y N 103 
DG  C6    O6     doub N N 104 
DG  C6    N1     sing N N 105 
DG  N1    C2     sing N N 106 
DG  N1    H1     sing N N 107 
DG  C2    N2     sing N N 108 
DG  C2    N3     doub N N 109 
DG  N2    H21    sing N N 110 
DG  N2    H22    sing N N 111 
DG  N3    C4     sing N N 112 
DT  OP3   P      sing N N 113 
DT  OP3   HOP3   sing N N 114 
DT  P     OP1    doub N N 115 
DT  P     OP2    sing N N 116 
DT  P     "O5'"  sing N N 117 
DT  OP2   HOP2   sing N N 118 
DT  "O5'" "C5'"  sing N N 119 
DT  "C5'" "C4'"  sing N N 120 
DT  "C5'" "H5'"  sing N N 121 
DT  "C5'" "H5''" sing N N 122 
DT  "C4'" "O4'"  sing N N 123 
DT  "C4'" "C3'"  sing N N 124 
DT  "C4'" "H4'"  sing N N 125 
DT  "O4'" "C1'"  sing N N 126 
DT  "C3'" "O3'"  sing N N 127 
DT  "C3'" "C2'"  sing N N 128 
DT  "C3'" "H3'"  sing N N 129 
DT  "O3'" "HO3'" sing N N 130 
DT  "C2'" "C1'"  sing N N 131 
DT  "C2'" "H2'"  sing N N 132 
DT  "C2'" "H2''" sing N N 133 
DT  "C1'" N1     sing N N 134 
DT  "C1'" "H1'"  sing N N 135 
DT  N1    C2     sing N N 136 
DT  N1    C6     sing N N 137 
DT  C2    O2     doub N N 138 
DT  C2    N3     sing N N 139 
DT  N3    C4     sing N N 140 
DT  N3    H3     sing N N 141 
DT  C4    O4     doub N N 142 
DT  C4    C5     sing N N 143 
DT  C5    C7     sing N N 144 
DT  C5    C6     doub N N 145 
DT  C7    H71    sing N N 146 
DT  C7    H72    sing N N 147 
DT  C7    H73    sing N N 148 
DT  C6    H6     sing N N 149 
HOH O     H1     sing N N 150 
HOH O     H2     sing N N 151 
RCE "O5'" P      sing N N 152 
RCE O1P   P      doub N N 153 
RCE P     O2P    sing N N 154 
RCE P     O3P    sing N N 155 
RCE "C1'" N1     sing N N 156 
RCE C2    N1     sing N N 157 
RCE N1    C6     sing N N 158 
RCE O2    C2     doub N N 159 
RCE C2    N3     sing N N 160 
RCE N3    C4     sing N N 161 
RCE C4    C5     sing N N 162 
RCE C4    O4     doub N N 163 
RCE C6    C5     doub N N 164 
RCE C5    H5     sing N N 165 
RCE C6    H6     sing N N 166 
RCE "C2'" "C1'"  sing N N 167 
RCE "C1'" "O4'"  sing N N 168 
RCE "C1'" "H1'"  sing N N 169 
RCE O2A   "C2'"  sing N N 170 
RCE "C2'" "C3'"  sing N N 171 
RCE "C2'" "H2'"  sing N N 172 
RCE O2A   "C6'"  sing N N 173 
RCE O2P   HO2P   sing N N 174 
RCE "O3'" "C3'"  sing N N 175 
RCE "C3'" "C4'"  sing N N 176 
RCE "C3'" "H3'"  sing N N 177 
RCE "O3'" "HO3'" sing N N 178 
RCE O3P   HO3P   sing N N 179 
RCE "C6'" "C4'"  sing N N 180 
RCE "C4'" "C5'"  sing N N 181 
RCE "C4'" "O4'"  sing N N 182 
RCE "C5'" "O5'"  sing N N 183 
RCE "C5'" "H5'"  sing N N 184 
RCE "C5'" "H5'A" sing N N 185 
RCE "C6'" "C7'"  sing N N 186 
RCE "C6'" "H6'"  sing N N 187 
RCE "C7'" "H7'"  sing N N 188 
RCE "C7'" "H7'A" sing N N 189 
RCE "C7'" "H7'B" sing N N 190 
RCE N3    HN3    sing N N 191 
# 
loop_
_ndb_struct_conf_na.entry_id 
_ndb_struct_conf_na.feature 
3UKB 'a-form double helix' 
3UKB 'internal loop'       
# 
loop_
_ndb_struct_na_base_pair.model_number 
_ndb_struct_na_base_pair.i_label_asym_id 
_ndb_struct_na_base_pair.i_label_comp_id 
_ndb_struct_na_base_pair.i_label_seq_id 
_ndb_struct_na_base_pair.i_symmetry 
_ndb_struct_na_base_pair.j_label_asym_id 
_ndb_struct_na_base_pair.j_label_comp_id 
_ndb_struct_na_base_pair.j_label_seq_id 
_ndb_struct_na_base_pair.j_symmetry 
_ndb_struct_na_base_pair.shear 
_ndb_struct_na_base_pair.stretch 
_ndb_struct_na_base_pair.stagger 
_ndb_struct_na_base_pair.buckle 
_ndb_struct_na_base_pair.propeller 
_ndb_struct_na_base_pair.opening 
_ndb_struct_na_base_pair.pair_number 
_ndb_struct_na_base_pair.pair_name 
_ndb_struct_na_base_pair.i_auth_asym_id 
_ndb_struct_na_base_pair.i_auth_seq_id 
_ndb_struct_na_base_pair.i_PDB_ins_code 
_ndb_struct_na_base_pair.j_auth_asym_id 
_ndb_struct_na_base_pair.j_auth_seq_id 
_ndb_struct_na_base_pair.j_PDB_ins_code 
_ndb_struct_na_base_pair.hbond_type_28 
_ndb_struct_na_base_pair.hbond_type_12 
1 A DG 1  1_555 B DC 10 1_555 -0.278 -0.141 -0.067 1.237  -6.403  0.076  1 A_DG1:DC10_B A 1  ? B 10 ? 19 1 
1 A DC 2  1_555 B DG 9  1_555 0.209  -0.106 -0.017 2.812  -6.973  0.398  2 A_DC2:DG9_B  A 2  ? B 9  ? 19 1 
1 A DG 3  1_555 B DC 8  1_555 -0.298 -0.145 0.093  -6.068 -15.645 1.622  3 A_DG3:DC8_B  A 3  ? B 8  ? 19 1 
1 A DT 4  1_555 B DA 7  1_555 -0.193 -0.136 0.060  -4.326 -19.812 -0.361 4 A_DT4:DA7_B  A 4  ? B 7  ? 20 1 
1 A DA 7  1_555 B DT 4  1_555 0.079  -0.128 0.018  0.673  -17.767 -1.082 5 A_DA7:DT4_B  A 7  ? B 4  ? 20 1 
1 A DC 8  1_555 B DG 3  1_555 0.233  -0.108 0.170  0.081  -15.101 2.708  6 A_DC8:DG3_B  A 8  ? B 3  ? 19 1 
1 A DG 9  1_555 B DC 2  1_555 -0.162 -0.146 0.131  -3.613 -7.417  -0.347 7 A_DG9:DC2_B  A 9  ? B 2  ? 19 1 
1 A DC 10 1_555 B DG 1  1_555 0.129  -0.106 -0.041 1.362  1.567   -1.361 8 A_DC10:DG1_B A 10 ? B 1  ? 19 1 
# 
loop_
_ndb_struct_na_base_pair_step.model_number 
_ndb_struct_na_base_pair_step.i_label_asym_id_1 
_ndb_struct_na_base_pair_step.i_label_comp_id_1 
_ndb_struct_na_base_pair_step.i_label_seq_id_1 
_ndb_struct_na_base_pair_step.i_symmetry_1 
_ndb_struct_na_base_pair_step.j_label_asym_id_1 
_ndb_struct_na_base_pair_step.j_label_comp_id_1 
_ndb_struct_na_base_pair_step.j_label_seq_id_1 
_ndb_struct_na_base_pair_step.j_symmetry_1 
_ndb_struct_na_base_pair_step.i_label_asym_id_2 
_ndb_struct_na_base_pair_step.i_label_comp_id_2 
_ndb_struct_na_base_pair_step.i_label_seq_id_2 
_ndb_struct_na_base_pair_step.i_symmetry_2 
_ndb_struct_na_base_pair_step.j_label_asym_id_2 
_ndb_struct_na_base_pair_step.j_label_comp_id_2 
_ndb_struct_na_base_pair_step.j_label_seq_id_2 
_ndb_struct_na_base_pair_step.j_symmetry_2 
_ndb_struct_na_base_pair_step.shift 
_ndb_struct_na_base_pair_step.slide 
_ndb_struct_na_base_pair_step.rise 
_ndb_struct_na_base_pair_step.tilt 
_ndb_struct_na_base_pair_step.roll 
_ndb_struct_na_base_pair_step.twist 
_ndb_struct_na_base_pair_step.x_displacement 
_ndb_struct_na_base_pair_step.y_displacement 
_ndb_struct_na_base_pair_step.helical_rise 
_ndb_struct_na_base_pair_step.inclination 
_ndb_struct_na_base_pair_step.tip 
_ndb_struct_na_base_pair_step.helical_twist 
_ndb_struct_na_base_pair_step.step_number 
_ndb_struct_na_base_pair_step.step_name 
_ndb_struct_na_base_pair_step.i_auth_asym_id_1 
_ndb_struct_na_base_pair_step.i_auth_seq_id_1 
_ndb_struct_na_base_pair_step.i_PDB_ins_code_1 
_ndb_struct_na_base_pair_step.j_auth_asym_id_1 
_ndb_struct_na_base_pair_step.j_auth_seq_id_1 
_ndb_struct_na_base_pair_step.j_PDB_ins_code_1 
_ndb_struct_na_base_pair_step.i_auth_asym_id_2 
_ndb_struct_na_base_pair_step.i_auth_seq_id_2 
_ndb_struct_na_base_pair_step.i_PDB_ins_code_2 
_ndb_struct_na_base_pair_step.j_auth_asym_id_2 
_ndb_struct_na_base_pair_step.j_auth_seq_id_2 
_ndb_struct_na_base_pair_step.j_PDB_ins_code_2 
1 A DG 1 1_555 B DC 10 1_555 A DC 2  1_555 B DG 9 1_555 0.274  -1.586 3.272 -0.122 1.205  37.386 -2.630 -0.443 3.220 1.879  0.190  
37.405 1 AA_DG1DC2:DG9DC10_BB A 1 ? B 10 ? A 2  ? B 9 ? 
1 A DC 2 1_555 B DG 9  1_555 A DG 3  1_555 B DC 8 1_555 -0.195 -2.100 3.440 -0.711 6.445  27.362 -5.808 0.237  2.883 13.387 1.478  
28.105 2 AA_DC2DG3:DC8DG9_BB  A 2 ? B 9  ? A 3  ? B 8 ? 
1 A DG 3 1_555 B DC 8  1_555 A DT 4  1_555 B DA 7 1_555 -1.104 -1.549 3.176 -2.232 3.796  34.394 -3.157 1.526  3.056 6.387  3.755  
34.667 3 AA_DG3DT4:DA7DC8_BB  A 3 ? B 8  ? A 4  ? B 7 ? 
1 A DA 7 1_555 B DT 4  1_555 A DC 8  1_555 B DG 3 1_555 1.064  -1.913 3.241 1.109  1.633  32.350 -3.710 -1.715 3.177 2.927  -1.988 
32.408 4 AA_DA7DC8:DG3DT4_BB  A 7 ? B 4  ? A 8  ? B 3 ? 
1 A DC 8 1_555 B DG 3  1_555 A DG 9  1_555 B DC 2 1_555 -0.432 -2.077 3.287 0.260  5.521  25.855 -5.922 1.009  2.786 12.162 -0.572 
26.429 5 AA_DC8DG9:DC2DG3_BB  A 8 ? B 3  ? A 9  ? B 2 ? 
1 A DG 9 1_555 B DC 2  1_555 A DC 10 1_555 B DG 1 1_555 -0.061 -1.582 3.320 1.558  -2.410 35.122 -2.245 0.339  3.412 -3.986 -2.577 
35.236 6 AA_DG9DC10:DG1DC2_BB A 9 ? B 2  ? A 10 ? B 1 ? 
# 
_pdbx_entity_nonpoly.entity_id   2 
_pdbx_entity_nonpoly.name        water 
_pdbx_entity_nonpoly.comp_id     HOH 
# 
_pdbx_initial_refinement_model.id               1 
_pdbx_initial_refinement_model.entity_id_list   ? 
_pdbx_initial_refinement_model.type             'experimental model' 
_pdbx_initial_refinement_model.source_name      PDB 
_pdbx_initial_refinement_model.accession_code   3EY2 
_pdbx_initial_refinement_model.details          'PDB entry 3EY2' 
# 
